data_1J2A
# 
_entry.id   1J2A 
# 
_audit_conform.dict_name       mmcif_pdbx.dic 
_audit_conform.dict_version    5.380 
_audit_conform.dict_location   http://mmcif.pdb.org/dictionaries/ascii/mmcif_pdbx.dic 
# 
loop_
_database_2.database_id 
_database_2.database_code 
_database_2.pdbx_database_accession 
_database_2.pdbx_DOI 
PDB   1J2A         pdb_00001j2a 10.2210/pdb1j2a/pdb 
RCSB  RCSB005540   ?            ?                   
WWPDB D_1000005540 ?            ?                   
# 
loop_
_pdbx_database_related.db_name 
_pdbx_database_related.db_id 
_pdbx_database_related.details 
_pdbx_database_related.content_type 
PDB 1J28 'The same protein bounded to succinyl-Ala-Pro-Ala-p-nitroanilide'               unspecified 
PDB 1J29 'The same protein bounded to N-acetyl-Ala-Ala-Pro-Ala-4methyl-coumaryl-7-amide' unspecified 
# 
_pdbx_database_status.status_code                     REL 
_pdbx_database_status.entry_id                        1J2A 
_pdbx_database_status.recvd_initial_deposition_date   2002-12-26 
_pdbx_database_status.deposit_site                    PDBJ 
_pdbx_database_status.process_site                    PDBJ 
_pdbx_database_status.status_code_sf                  REL 
_pdbx_database_status.SG_entry                        . 
_pdbx_database_status.pdb_format_compatible           Y 
_pdbx_database_status.status_code_mr                  ? 
_pdbx_database_status.status_code_cs                  ? 
_pdbx_database_status.status_code_nmr_data            ? 
_pdbx_database_status.methods_development_category    ? 
# 
loop_
_audit_author.name 
_audit_author.pdbx_ordinal 
'Konno, M.'            1 
'Sano, Y.'             2 
'Okudaira, K.'         3 
'Kawaguchi, Y.'        4 
'Yamagishi-Ohmori, Y.' 5 
'Fushinobu, S.'        6 
'Matsuzawa, H.'        7 
# 
_citation.id                        primary 
_citation.title                     'Escherichia coli cyclophilin B binds a highly distorted form of trans-prolyl peptide isomer' 
_citation.journal_abbrev            Eur.J.Biochem. 
_citation.journal_volume            271 
_citation.page_first                3794 
_citation.page_last                 3803 
_citation.year                      2004 
_citation.journal_id_ASTM           EJBCAI 
_citation.country                   IX 
_citation.journal_id_ISSN           0014-2956 
_citation.journal_id_CSD            0262 
_citation.book_publisher            ? 
_citation.pdbx_database_id_PubMed   15355356 
_citation.pdbx_database_id_DOI      10.1111/j.1432-1033.2004.04321.x 
# 
loop_
_citation_author.citation_id 
_citation_author.name 
_citation_author.ordinal 
_citation_author.identifier_ORCID 
primary 'Konno, M.'            1 ? 
primary 'Sano, Y.'             2 ? 
primary 'Okudaira, K.'         3 ? 
primary 'Kawaguchi, Y.'        4 ? 
primary 'Yamagishi-Ohmori, Y.' 5 ? 
primary 'Fushinobu, S.'        6 ? 
primary 'Matsuzawa, H.'        7 ? 
# 
_cell.entry_id           1J2A 
_cell.length_a           82.55 
_cell.length_b           82.55 
_cell.length_c           52.35 
_cell.angle_alpha        90.0 
_cell.angle_beta         90.0 
_cell.angle_gamma        120.0 
_cell.pdbx_unique_axis   ? 
_cell.Z_PDB              6 
# 
_symmetry.entry_id                         1J2A 
_symmetry.space_group_name_H-M             'P 32 2 1' 
_symmetry.pdbx_full_space_group_name_H-M   ? 
_symmetry.Int_Tables_number                154 
_symmetry.cell_setting                     ? 
_symmetry.space_group_name_Hall            ? 
# 
loop_
_entity.id 
_entity.type 
_entity.src_method 
_entity.pdbx_description 
_entity.formula_weight 
_entity.pdbx_number_of_molecules 
_entity.pdbx_ec 
_entity.pdbx_mutation 
_entity.pdbx_fragment 
_entity.details 
1 polymer man 'cyclophilin B' 18070.326 1  5.2.1.8 K163T ? ? 
2 water   nat water           18.015    81 ?       ?     ? ? 
# 
_entity_poly.entity_id                      1 
_entity_poly.type                           'polypeptide(L)' 
_entity_poly.nstd_linkage                   no 
_entity_poly.nstd_monomer                   no 
_entity_poly.pdbx_seq_one_letter_code       
;AKGDPHVLLTTSAGNIELELDKQKAPVSVQNFVDYVNSGFYNNTTFHRVIPGFMIQGGGFTEQMQQKKPNPPIKNEADNG
LRNTRGTIAMARTADKDSATSQFFINVADNAFLDHGQRDFGYAVFGKVVKGMDVADKISQVPTHDVGPYQNVPSKPVVIL
SATVLP
;
_entity_poly.pdbx_seq_one_letter_code_can   
;AKGDPHVLLTTSAGNIELELDKQKAPVSVQNFVDYVNSGFYNNTTFHRVIPGFMIQGGGFTEQMQQKKPNPPIKNEADNG
LRNTRGTIAMARTADKDSATSQFFINVADNAFLDHGQRDFGYAVFGKVVKGMDVADKISQVPTHDVGPYQNVPSKPVVIL
SATVLP
;
_entity_poly.pdbx_strand_id                 A 
_entity_poly.pdbx_target_identifier         ? 
# 
loop_
_entity_poly_seq.entity_id 
_entity_poly_seq.num 
_entity_poly_seq.mon_id 
_entity_poly_seq.hetero 
1 1   ALA n 
1 2   LYS n 
1 3   GLY n 
1 4   ASP n 
1 5   PRO n 
1 6   HIS n 
1 7   VAL n 
1 8   LEU n 
1 9   LEU n 
1 10  THR n 
1 11  THR n 
1 12  SER n 
1 13  ALA n 
1 14  GLY n 
1 15  ASN n 
1 16  ILE n 
1 17  GLU n 
1 18  LEU n 
1 19  GLU n 
1 20  LEU n 
1 21  ASP n 
1 22  LYS n 
1 23  GLN n 
1 24  LYS n 
1 25  ALA n 
1 26  PRO n 
1 27  VAL n 
1 28  SER n 
1 29  VAL n 
1 30  GLN n 
1 31  ASN n 
1 32  PHE n 
1 33  VAL n 
1 34  ASP n 
1 35  TYR n 
1 36  VAL n 
1 37  ASN n 
1 38  SER n 
1 39  GLY n 
1 40  PHE n 
1 41  TYR n 
1 42  ASN n 
1 43  ASN n 
1 44  THR n 
1 45  THR n 
1 46  PHE n 
1 47  HIS n 
1 48  ARG n 
1 49  VAL n 
1 50  ILE n 
1 51  PRO n 
1 52  GLY n 
1 53  PHE n 
1 54  MET n 
1 55  ILE n 
1 56  GLN n 
1 57  GLY n 
1 58  GLY n 
1 59  GLY n 
1 60  PHE n 
1 61  THR n 
1 62  GLU n 
1 63  GLN n 
1 64  MET n 
1 65  GLN n 
1 66  GLN n 
1 67  LYS n 
1 68  LYS n 
1 69  PRO n 
1 70  ASN n 
1 71  PRO n 
1 72  PRO n 
1 73  ILE n 
1 74  LYS n 
1 75  ASN n 
1 76  GLU n 
1 77  ALA n 
1 78  ASP n 
1 79  ASN n 
1 80  GLY n 
1 81  LEU n 
1 82  ARG n 
1 83  ASN n 
1 84  THR n 
1 85  ARG n 
1 86  GLY n 
1 87  THR n 
1 88  ILE n 
1 89  ALA n 
1 90  MET n 
1 91  ALA n 
1 92  ARG n 
1 93  THR n 
1 94  ALA n 
1 95  ASP n 
1 96  LYS n 
1 97  ASP n 
1 98  SER n 
1 99  ALA n 
1 100 THR n 
1 101 SER n 
1 102 GLN n 
1 103 PHE n 
1 104 PHE n 
1 105 ILE n 
1 106 ASN n 
1 107 VAL n 
1 108 ALA n 
1 109 ASP n 
1 110 ASN n 
1 111 ALA n 
1 112 PHE n 
1 113 LEU n 
1 114 ASP n 
1 115 HIS n 
1 116 GLY n 
1 117 GLN n 
1 118 ARG n 
1 119 ASP n 
1 120 PHE n 
1 121 GLY n 
1 122 TYR n 
1 123 ALA n 
1 124 VAL n 
1 125 PHE n 
1 126 GLY n 
1 127 LYS n 
1 128 VAL n 
1 129 VAL n 
1 130 LYS n 
1 131 GLY n 
1 132 MET n 
1 133 ASP n 
1 134 VAL n 
1 135 ALA n 
1 136 ASP n 
1 137 LYS n 
1 138 ILE n 
1 139 SER n 
1 140 GLN n 
1 141 VAL n 
1 142 PRO n 
1 143 THR n 
1 144 HIS n 
1 145 ASP n 
1 146 VAL n 
1 147 GLY n 
1 148 PRO n 
1 149 TYR n 
1 150 GLN n 
1 151 ASN n 
1 152 VAL n 
1 153 PRO n 
1 154 SER n 
1 155 LYS n 
1 156 PRO n 
1 157 VAL n 
1 158 VAL n 
1 159 ILE n 
1 160 LEU n 
1 161 SER n 
1 162 ALA n 
1 163 THR n 
1 164 VAL n 
1 165 LEU n 
1 166 PRO n 
# 
_entity_src_gen.entity_id                          1 
_entity_src_gen.pdbx_src_id                        1 
_entity_src_gen.pdbx_alt_source_flag               sample 
_entity_src_gen.pdbx_seq_type                      ? 
_entity_src_gen.pdbx_beg_seq_num                   ? 
_entity_src_gen.pdbx_end_seq_num                   ? 
_entity_src_gen.gene_src_common_name               ? 
_entity_src_gen.gene_src_genus                     Escherichia 
_entity_src_gen.pdbx_gene_src_gene                 ? 
_entity_src_gen.gene_src_species                   ? 
_entity_src_gen.gene_src_strain                    ? 
_entity_src_gen.gene_src_tissue                    ? 
_entity_src_gen.gene_src_tissue_fraction           ? 
_entity_src_gen.gene_src_details                   ? 
_entity_src_gen.pdbx_gene_src_fragment             ? 
_entity_src_gen.pdbx_gene_src_scientific_name      'Escherichia coli' 
_entity_src_gen.pdbx_gene_src_ncbi_taxonomy_id     562 
_entity_src_gen.pdbx_gene_src_variant              ? 
_entity_src_gen.pdbx_gene_src_cell_line            ? 
_entity_src_gen.pdbx_gene_src_atcc                 ? 
_entity_src_gen.pdbx_gene_src_organ                ? 
_entity_src_gen.pdbx_gene_src_organelle            ? 
_entity_src_gen.pdbx_gene_src_cell                 ? 
_entity_src_gen.pdbx_gene_src_cellular_location    ? 
_entity_src_gen.host_org_common_name               ? 
_entity_src_gen.pdbx_host_org_scientific_name      'Escherichia coli' 
_entity_src_gen.pdbx_host_org_ncbi_taxonomy_id     562 
_entity_src_gen.host_org_genus                     Escherichia 
_entity_src_gen.pdbx_host_org_gene                 ? 
_entity_src_gen.pdbx_host_org_organ                ? 
_entity_src_gen.host_org_species                   ? 
_entity_src_gen.pdbx_host_org_tissue               ? 
_entity_src_gen.pdbx_host_org_tissue_fraction      ? 
_entity_src_gen.pdbx_host_org_strain               HB101 
_entity_src_gen.pdbx_host_org_variant              ? 
_entity_src_gen.pdbx_host_org_cell_line            ? 
_entity_src_gen.pdbx_host_org_atcc                 ? 
_entity_src_gen.pdbx_host_org_culture_collection   ? 
_entity_src_gen.pdbx_host_org_cell                 ? 
_entity_src_gen.pdbx_host_org_organelle            ? 
_entity_src_gen.pdbx_host_org_cellular_location    ? 
_entity_src_gen.pdbx_host_org_vector_type          PLASMID 
_entity_src_gen.pdbx_host_org_vector               ? 
_entity_src_gen.host_org_details                   ? 
_entity_src_gen.expression_system_id               ? 
_entity_src_gen.plasmid_name                       'pATrp EPPIa' 
_entity_src_gen.plasmid_details                    ? 
_entity_src_gen.pdbx_description                   ? 
# 
_struct_ref.id                         1 
_struct_ref.db_name                    UNP 
_struct_ref.db_code                    PPIA_ECOLI 
_struct_ref.entity_id                  1 
_struct_ref.pdbx_seq_one_letter_code   
;AKGDPHVLLTTSAGNIELELDKQKAPVSVQNFVDYVNSGFYNNTTFHRVIPGFMIQGGGFTEQMQQKKPNPPIKNEADNG
LRNTRGTIAMARTADKDSATSQFFINVADNAFLDHGQRDFGYAVFGKVVKGMDVADKISQVPTHDVGPYQNVPSKPVVIL
SAKVLP
;
_struct_ref.pdbx_align_begin           25 
_struct_ref.pdbx_db_accession          P20752 
_struct_ref.pdbx_db_isoform            ? 
# 
_struct_ref_seq.align_id                      1 
_struct_ref_seq.ref_id                        1 
_struct_ref_seq.pdbx_PDB_id_code              1J2A 
_struct_ref_seq.pdbx_strand_id                A 
_struct_ref_seq.seq_align_beg                 1 
_struct_ref_seq.pdbx_seq_align_beg_ins_code   ? 
_struct_ref_seq.seq_align_end                 166 
_struct_ref_seq.pdbx_seq_align_end_ins_code   ? 
_struct_ref_seq.pdbx_db_accession             P20752 
_struct_ref_seq.db_align_beg                  25 
_struct_ref_seq.pdbx_db_align_beg_ins_code    ? 
_struct_ref_seq.db_align_end                  190 
_struct_ref_seq.pdbx_db_align_end_ins_code    ? 
_struct_ref_seq.pdbx_auth_seq_align_beg       1 
_struct_ref_seq.pdbx_auth_seq_align_end       166 
# 
_struct_ref_seq_dif.align_id                     1 
_struct_ref_seq_dif.pdbx_pdb_id_code             1J2A 
_struct_ref_seq_dif.mon_id                       THR 
_struct_ref_seq_dif.pdbx_pdb_strand_id           A 
_struct_ref_seq_dif.seq_num                      163 
_struct_ref_seq_dif.pdbx_pdb_ins_code            ? 
_struct_ref_seq_dif.pdbx_seq_db_name             UNP 
_struct_ref_seq_dif.pdbx_seq_db_accession_code   P20752 
_struct_ref_seq_dif.db_mon_id                    LYS 
_struct_ref_seq_dif.pdbx_seq_db_seq_num          187 
_struct_ref_seq_dif.details                      'engineered mutation' 
_struct_ref_seq_dif.pdbx_auth_seq_num            163 
_struct_ref_seq_dif.pdbx_ordinal                 1 
# 
loop_
_chem_comp.id 
_chem_comp.type 
_chem_comp.mon_nstd_flag 
_chem_comp.name 
_chem_comp.pdbx_synonyms 
_chem_comp.formula 
_chem_comp.formula_weight 
ALA 'L-peptide linking' y ALANINE         ? 'C3 H7 N O2'     89.093  
ARG 'L-peptide linking' y ARGININE        ? 'C6 H15 N4 O2 1' 175.209 
ASN 'L-peptide linking' y ASPARAGINE      ? 'C4 H8 N2 O3'    132.118 
ASP 'L-peptide linking' y 'ASPARTIC ACID' ? 'C4 H7 N O4'     133.103 
GLN 'L-peptide linking' y GLUTAMINE       ? 'C5 H10 N2 O3'   146.144 
GLU 'L-peptide linking' y 'GLUTAMIC ACID' ? 'C5 H9 N O4'     147.129 
GLY 'peptide linking'   y GLYCINE         ? 'C2 H5 N O2'     75.067  
HIS 'L-peptide linking' y HISTIDINE       ? 'C6 H10 N3 O2 1' 156.162 
HOH non-polymer         . WATER           ? 'H2 O'           18.015  
ILE 'L-peptide linking' y ISOLEUCINE      ? 'C6 H13 N O2'    131.173 
LEU 'L-peptide linking' y LEUCINE         ? 'C6 H13 N O2'    131.173 
LYS 'L-peptide linking' y LYSINE          ? 'C6 H15 N2 O2 1' 147.195 
MET 'L-peptide linking' y METHIONINE      ? 'C5 H11 N O2 S'  149.211 
PHE 'L-peptide linking' y PHENYLALANINE   ? 'C9 H11 N O2'    165.189 
PRO 'L-peptide linking' y PROLINE         ? 'C5 H9 N O2'     115.130 
SER 'L-peptide linking' y SERINE          ? 'C3 H7 N O3'     105.093 
THR 'L-peptide linking' y THREONINE       ? 'C4 H9 N O3'     119.119 
TYR 'L-peptide linking' y TYROSINE        ? 'C9 H11 N O3'    181.189 
VAL 'L-peptide linking' y VALINE          ? 'C5 H11 N O2'    117.146 
# 
_exptl.entry_id          1J2A 
_exptl.method            'X-RAY DIFFRACTION' 
_exptl.crystals_number   2 
# 
_exptl_crystal.id                    1 
_exptl_crystal.density_meas          ? 
_exptl_crystal.density_Matthews      2.72 
_exptl_crystal.density_percent_sol   54.36 
_exptl_crystal.description           ? 
_exptl_crystal.F_000                 ? 
_exptl_crystal.preparation           ? 
# 
_exptl_crystal_grow.crystal_id      1 
_exptl_crystal_grow.method          'VAPOR DIFFUSION, HANGING DROP' 
_exptl_crystal_grow.temp            293.0 
_exptl_crystal_grow.temp_details    ? 
_exptl_crystal_grow.pH              8.0 
_exptl_crystal_grow.pdbx_details    'ammonium sulfate, pH 8.0, VAPOR DIFFUSION, HANGING DROP, temperature 293.0K' 
_exptl_crystal_grow.pdbx_pH_range   . 
# 
_diffrn.id                     1 
_diffrn.ambient_temp           293 
_diffrn.ambient_temp_details   ? 
_diffrn.crystal_id             1 
# 
_diffrn_detector.diffrn_id              1 
_diffrn_detector.detector               DIFFRACTOMETER 
_diffrn_detector.type                   WEISSENBERG 
_diffrn_detector.pdbx_collection_date   2000-10-06 
_diffrn_detector.details                ? 
# 
_diffrn_radiation.diffrn_id                        1 
_diffrn_radiation.wavelength_id                    1 
_diffrn_radiation.pdbx_monochromatic_or_laue_m_l   M 
_diffrn_radiation.monochromator                    SI 
_diffrn_radiation.pdbx_diffrn_protocol             'SINGLE WAVELENGTH' 
_diffrn_radiation.pdbx_scattering_type             x-ray 
# 
_diffrn_radiation_wavelength.id           1 
_diffrn_radiation_wavelength.wavelength   1.0 
_diffrn_radiation_wavelength.wt           1.0 
# 
_diffrn_source.diffrn_id                   1 
_diffrn_source.source                      SYNCHROTRON 
_diffrn_source.type                        'PHOTON FACTORY BEAMLINE BL-6A' 
_diffrn_source.pdbx_synchrotron_site       'Photon Factory' 
_diffrn_source.pdbx_synchrotron_beamline   BL-6A 
_diffrn_source.pdbx_wavelength             ? 
_diffrn_source.pdbx_wavelength_list        1.0 
# 
_reflns.entry_id                     1J2A 
_reflns.observed_criterion_sigma_F   1.0 
_reflns.observed_criterion_sigma_I   1.0 
_reflns.d_resolution_high            1.8 
_reflns.d_resolution_low             80 
_reflns.number_all                   ? 
_reflns.number_obs                   19219 
_reflns.percent_possible_obs         99.0 
_reflns.pdbx_Rmerge_I_obs            0.069 
_reflns.pdbx_Rsym_value              ? 
_reflns.pdbx_netI_over_sigmaI        14.8 
_reflns.B_iso_Wilson_estimate        ? 
_reflns.pdbx_redundancy              ? 
_reflns.R_free_details               ? 
_reflns.limit_h_max                  ? 
_reflns.limit_h_min                  ? 
_reflns.limit_k_max                  ? 
_reflns.limit_k_min                  ? 
_reflns.limit_l_max                  ? 
_reflns.limit_l_min                  ? 
_reflns.observed_criterion_F_max     ? 
_reflns.observed_criterion_F_min     ? 
_reflns.pdbx_chi_squared             ? 
_reflns.pdbx_scaling_rejects         ? 
_reflns.pdbx_diffrn_id               1 
_reflns.pdbx_ordinal                 1 
# 
_reflns_shell.d_res_high             1.80 
_reflns_shell.d_res_low              1.86 
_reflns_shell.percent_possible_all   96.5 
_reflns_shell.Rmerge_I_obs           0.402 
_reflns_shell.pdbx_Rsym_value        ? 
_reflns_shell.meanI_over_sigI_obs    ? 
_reflns_shell.pdbx_redundancy        ? 
_reflns_shell.percent_possible_obs   ? 
_reflns_shell.number_unique_all      ? 
_reflns_shell.number_measured_all    ? 
_reflns_shell.number_measured_obs    ? 
_reflns_shell.number_unique_obs      ? 
_reflns_shell.pdbx_chi_squared       ? 
_reflns_shell.pdbx_diffrn_id         ? 
_reflns_shell.pdbx_ordinal           1 
# 
_refine.entry_id                                 1J2A 
_refine.ls_d_res_high                            1.8 
_refine.ls_d_res_low                             8.0 
_refine.pdbx_ls_sigma_F                          2.0 
_refine.pdbx_ls_sigma_I                          ? 
_refine.ls_number_reflns_all                     ? 
_refine.ls_number_reflns_obs                     18959 
_refine.ls_number_reflns_R_free                  1868 
_refine.ls_percent_reflns_obs                    ? 
_refine.ls_R_factor_all                          ? 
_refine.ls_R_factor_obs                          ? 
_refine.ls_R_factor_R_work                       0.201 
_refine.ls_R_factor_R_free                       0.225 
_refine.ls_redundancy_reflns_obs                 ? 
_refine.pdbx_data_cutoff_high_absF               ? 
_refine.pdbx_data_cutoff_low_absF                ? 
_refine.ls_number_parameters                     ? 
_refine.ls_number_restraints                     ? 
_refine.ls_percent_reflns_R_free                 ? 
_refine.ls_R_factor_R_free_error                 ? 
_refine.ls_R_factor_R_free_error_details         ? 
_refine.pdbx_method_to_determine_struct          MIR 
_refine.pdbx_starting_model                      'PDB ENTRY 1J28' 
_refine.pdbx_ls_cross_valid_method               ? 
_refine.pdbx_R_Free_selection_details            RANDOM 
_refine.pdbx_stereochem_target_val_spec_case     ? 
_refine.pdbx_stereochemistry_target_values       ? 
_refine.solvent_model_details                    ? 
_refine.solvent_model_param_bsol                 ? 
_refine.solvent_model_param_ksol                 ? 
_refine.occupancy_max                            ? 
_refine.occupancy_min                            ? 
_refine.pdbx_isotropic_thermal_model             ? 
_refine.B_iso_mean                               ? 
_refine.aniso_B[1][1]                            ? 
_refine.aniso_B[1][2]                            ? 
_refine.aniso_B[1][3]                            ? 
_refine.aniso_B[2][2]                            ? 
_refine.aniso_B[2][3]                            ? 
_refine.aniso_B[3][3]                            ? 
_refine.details                                  ? 
_refine.B_iso_min                                ? 
_refine.B_iso_max                                ? 
_refine.correlation_coeff_Fo_to_Fc               ? 
_refine.correlation_coeff_Fo_to_Fc_free          ? 
_refine.pdbx_solvent_vdw_probe_radii             ? 
_refine.pdbx_solvent_ion_probe_radii             ? 
_refine.pdbx_solvent_shrinkage_radii             ? 
_refine.overall_SU_R_Cruickshank_DPI             ? 
_refine.overall_SU_R_free                        ? 
_refine.overall_SU_B                             ? 
_refine.overall_SU_ML                            ? 
_refine.pdbx_overall_ESU_R                       ? 
_refine.pdbx_overall_ESU_R_Free                  ? 
_refine.pdbx_data_cutoff_high_rms_absF           ? 
_refine.ls_wR_factor_R_free                      ? 
_refine.ls_wR_factor_R_work                      ? 
_refine.overall_FOM_free_R_set                   ? 
_refine.overall_FOM_work_R_set                   ? 
_refine.pdbx_refine_id                           'X-RAY DIFFRACTION' 
_refine.pdbx_diffrn_id                           1 
_refine.pdbx_TLS_residual_ADP_flag               ? 
_refine.pdbx_overall_phase_error                 ? 
_refine.pdbx_overall_SU_R_free_Cruickshank_DPI   ? 
_refine.pdbx_overall_SU_R_Blow_DPI               ? 
_refine.pdbx_overall_SU_R_free_Blow_DPI          ? 
# 
_refine_hist.pdbx_refine_id                   'X-RAY DIFFRACTION' 
_refine_hist.cycle_id                         LAST 
_refine_hist.pdbx_number_atoms_protein        1273 
_refine_hist.pdbx_number_atoms_nucleic_acid   0 
_refine_hist.pdbx_number_atoms_ligand         0 
_refine_hist.number_atoms_solvent             81 
_refine_hist.number_atoms_total               1354 
_refine_hist.d_res_high                       1.8 
_refine_hist.d_res_low                        8.0 
# 
_struct.entry_id                  1J2A 
_struct.title                     'Structure of E. coli cyclophilin B K163T mutant' 
_struct.pdbx_model_details        ? 
_struct.pdbx_CASP_flag            ? 
_struct.pdbx_model_type_details   ? 
# 
_struct_keywords.entry_id        1J2A 
_struct_keywords.pdbx_keywords   ISOMERASE 
_struct_keywords.text            'BETA BARREL, isomerase' 
# 
loop_
_struct_asym.id 
_struct_asym.pdbx_blank_PDB_chainid_flag 
_struct_asym.pdbx_modified 
_struct_asym.entity_id 
_struct_asym.details 
A N N 1 ? 
B N N 2 ? 
# 
_struct_biol.id                    1 
_struct_biol.pdbx_parent_biol_id   ? 
_struct_biol.details               ? 
# 
loop_
_struct_conf.conf_type_id 
_struct_conf.id 
_struct_conf.pdbx_PDB_helix_id 
_struct_conf.beg_label_comp_id 
_struct_conf.beg_label_asym_id 
_struct_conf.beg_label_seq_id 
_struct_conf.pdbx_beg_PDB_ins_code 
_struct_conf.end_label_comp_id 
_struct_conf.end_label_asym_id 
_struct_conf.end_label_seq_id 
_struct_conf.pdbx_end_PDB_ins_code 
_struct_conf.beg_auth_comp_id 
_struct_conf.beg_auth_asym_id 
_struct_conf.beg_auth_seq_id 
_struct_conf.end_auth_comp_id 
_struct_conf.end_auth_asym_id 
_struct_conf.end_auth_seq_id 
_struct_conf.pdbx_PDB_helix_class 
_struct_conf.details 
_struct_conf.pdbx_PDB_helix_length 
HELX_P HELX_P1 1 ALA A 25  ? SER A 38  ? ALA A 25  SER A 38  1 ? 14 
HELX_P HELX_P2 2 GLU A 76  ? GLY A 80  ? GLU A 76  GLY A 80  5 ? 5  
HELX_P HELX_P3 3 ASN A 110 ? ASP A 114 ? ASN A 110 ASP A 114 5 ? 5  
HELX_P HELX_P4 4 GLY A 131 ? GLN A 140 ? GLY A 131 GLN A 140 1 ? 10 
# 
_struct_conf_type.id          HELX_P 
_struct_conf_type.criteria    ? 
_struct_conf_type.reference   ? 
# 
_struct_sheet.id               A 
_struct_sheet.type             ? 
_struct_sheet.number_strands   9 
_struct_sheet.details          ? 
# 
loop_
_struct_sheet_order.sheet_id 
_struct_sheet_order.range_id_1 
_struct_sheet_order.range_id_2 
_struct_sheet_order.offset 
_struct_sheet_order.sense 
A 1 2 ? anti-parallel 
A 2 3 ? anti-parallel 
A 3 4 ? anti-parallel 
A 4 5 ? anti-parallel 
A 5 6 ? anti-parallel 
A 6 7 ? anti-parallel 
A 7 8 ? anti-parallel 
A 8 9 ? anti-parallel 
# 
loop_
_struct_sheet_range.sheet_id 
_struct_sheet_range.id 
_struct_sheet_range.beg_label_comp_id 
_struct_sheet_range.beg_label_asym_id 
_struct_sheet_range.beg_label_seq_id 
_struct_sheet_range.pdbx_beg_PDB_ins_code 
_struct_sheet_range.end_label_comp_id 
_struct_sheet_range.end_label_asym_id 
_struct_sheet_range.end_label_seq_id 
_struct_sheet_range.pdbx_end_PDB_ins_code 
_struct_sheet_range.beg_auth_comp_id 
_struct_sheet_range.beg_auth_asym_id 
_struct_sheet_range.beg_auth_seq_id 
_struct_sheet_range.end_auth_comp_id 
_struct_sheet_range.end_auth_asym_id 
_struct_sheet_range.end_auth_seq_id 
A 1 THR A 44  ? THR A 45  ? THR A 44  THR A 45  
A 2 VAL A 158 ? VAL A 164 ? VAL A 158 VAL A 164 
A 3 HIS A 6   ? THR A 11  ? HIS A 6   THR A 11  
A 4 GLY A 14  ? LEU A 20  ? GLY A 14  LEU A 20  
A 5 VAL A 124 ? LYS A 130 ? VAL A 124 LYS A 130 
A 6 THR A 87  ? MET A 90  ? THR A 87  MET A 90  
A 7 PHE A 103 ? ASN A 106 ? PHE A 103 ASN A 106 
A 8 MET A 54  ? GLY A 57  ? MET A 54  GLY A 57  
A 9 ARG A 48  ? ILE A 50  ? ARG A 48  ILE A 50  
# 
loop_
_pdbx_struct_sheet_hbond.sheet_id 
_pdbx_struct_sheet_hbond.range_id_1 
_pdbx_struct_sheet_hbond.range_id_2 
_pdbx_struct_sheet_hbond.range_1_label_atom_id 
_pdbx_struct_sheet_hbond.range_1_label_comp_id 
_pdbx_struct_sheet_hbond.range_1_label_asym_id 
_pdbx_struct_sheet_hbond.range_1_label_seq_id 
_pdbx_struct_sheet_hbond.range_1_PDB_ins_code 
_pdbx_struct_sheet_hbond.range_1_auth_atom_id 
_pdbx_struct_sheet_hbond.range_1_auth_comp_id 
_pdbx_struct_sheet_hbond.range_1_auth_asym_id 
_pdbx_struct_sheet_hbond.range_1_auth_seq_id 
_pdbx_struct_sheet_hbond.range_2_label_atom_id 
_pdbx_struct_sheet_hbond.range_2_label_comp_id 
_pdbx_struct_sheet_hbond.range_2_label_asym_id 
_pdbx_struct_sheet_hbond.range_2_label_seq_id 
_pdbx_struct_sheet_hbond.range_2_PDB_ins_code 
_pdbx_struct_sheet_hbond.range_2_auth_atom_id 
_pdbx_struct_sheet_hbond.range_2_auth_comp_id 
_pdbx_struct_sheet_hbond.range_2_auth_asym_id 
_pdbx_struct_sheet_hbond.range_2_auth_seq_id 
A 1 2 N THR A 44  ? N THR A 44  O ILE A 159 ? O ILE A 159 
A 2 3 O THR A 163 ? O THR A 163 N LEU A 8   ? N LEU A 8   
A 3 4 N LEU A 9   ? N LEU A 9   O ILE A 16  ? O ILE A 16  
A 4 5 N GLU A 19  ? N GLU A 19  O LYS A 127 ? O LYS A 127 
A 5 6 O PHE A 125 ? O PHE A 125 N ILE A 88  ? N ILE A 88  
A 6 7 N ALA A 89  ? N ALA A 89  O PHE A 104 ? O PHE A 104 
A 7 8 O ILE A 105 ? O ILE A 105 N ILE A 55  ? N ILE A 55  
A 8 9 O GLN A 56  ? O GLN A 56  N ARG A 48  ? N ARG A 48  
# 
_atom_sites.entry_id                    1J2A 
_atom_sites.fract_transf_matrix[1][1]   0.01052898 
_atom_sites.fract_transf_matrix[1][2]   0.00901122 
_atom_sites.fract_transf_matrix[1][3]   -0.00189828 
_atom_sites.fract_transf_matrix[2][1]   0.01025002 
_atom_sites.fract_transf_matrix[2][2]   -0.00302119 
_atom_sites.fract_transf_matrix[2][3]   -0.00902628 
_atom_sites.fract_transf_matrix[3][1]   -0.00981564 
_atom_sites.fract_transf_matrix[3][2]   0.00852007 
_atom_sites.fract_transf_matrix[3][3]   -0.01399815 
_atom_sites.fract_transf_vector[1]      -0.803753 
_atom_sites.fract_transf_vector[2]      -1.572503 
_atom_sites.fract_transf_vector[3]      0.066450 
# 
loop_
_atom_type.symbol 
C 
N 
O 
S 
# 
loop_
_atom_site.group_PDB 
_atom_site.id 
_atom_site.type_symbol 
_atom_site.label_atom_id 
_atom_site.label_alt_id 
_atom_site.label_comp_id 
_atom_site.label_asym_id 
_atom_site.label_entity_id 
_atom_site.label_seq_id 
_atom_site.pdbx_PDB_ins_code 
_atom_site.Cartn_x 
_atom_site.Cartn_y 
_atom_site.Cartn_z 
_atom_site.occupancy 
_atom_site.B_iso_or_equiv 
_atom_site.pdbx_formal_charge 
_atom_site.auth_seq_id 
_atom_site.auth_comp_id 
_atom_site.auth_asym_id 
_atom_site.auth_atom_id 
_atom_site.pdbx_PDB_model_num 
ATOM   1    N N   . ALA A 1 1   ? -13.879 0.468   -0.989  1.00 55.32 ? 1   ALA A N   1 
ATOM   2    C CA  . ALA A 1 1   ? -13.797 1.938   -1.221  1.00 56.74 ? 1   ALA A CA  1 
ATOM   3    C C   . ALA A 1 1   ? -14.088 2.696   0.072   1.00 57.19 ? 1   ALA A C   1 
ATOM   4    O O   . ALA A 1 1   ? -13.373 2.545   1.067   1.00 56.04 ? 1   ALA A O   1 
ATOM   5    C CB  . ALA A 1 1   ? -14.794 2.349   -2.307  1.00 56.88 ? 1   ALA A CB  1 
ATOM   6    N N   . LYS A 1 2   ? -15.139 3.511   0.048   1.00 57.77 ? 2   LYS A N   1 
ATOM   7    C CA  . LYS A 1 2   ? -15.538 4.289   1.216   1.00 57.88 ? 2   LYS A CA  1 
ATOM   8    C C   . LYS A 1 2   ? -16.089 3.365   2.299   1.00 56.81 ? 2   LYS A C   1 
ATOM   9    O O   . LYS A 1 2   ? -17.253 2.963   2.257   1.00 57.88 ? 2   LYS A O   1 
ATOM   10   C CB  . LYS A 1 2   ? -16.596 5.326   0.821   1.00 58.45 ? 2   LYS A CB  1 
ATOM   11   C CG  . LYS A 1 2   ? -17.715 4.776   -0.049  1.00 59.94 ? 2   LYS A CG  1 
ATOM   12   C CD  . LYS A 1 2   ? -18.765 5.835   -0.353  1.00 60.44 ? 2   LYS A CD  1 
ATOM   13   C CE  . LYS A 1 2   ? -19.514 6.247   0.907   1.00 61.14 ? 2   LYS A CE  1 
ATOM   14   N NZ  . LYS A 1 2   ? -20.199 5.083   1.538   1.00 61.44 ? 2   LYS A NZ  1 
ATOM   15   N N   . GLY A 1 3   ? -15.241 3.030   3.267   1.00 54.60 ? 3   GLY A N   1 
ATOM   16   C CA  . GLY A 1 3   ? -15.659 2.153   4.345   1.00 51.87 ? 3   GLY A CA  1 
ATOM   17   C C   . GLY A 1 3   ? -15.944 2.876   5.648   1.00 49.36 ? 3   GLY A C   1 
ATOM   18   O O   . GLY A 1 3   ? -16.822 3.738   5.708   1.00 51.99 ? 3   GLY A O   1 
ATOM   19   N N   . ASP A 1 4   ? -15.201 2.530   6.697   1.00 44.79 ? 4   ASP A N   1 
ATOM   20   C CA  . ASP A 1 4   ? -15.402 3.144   8.001   1.00 40.18 ? 4   ASP A CA  1 
ATOM   21   C C   . ASP A 1 4   ? -14.102 3.660   8.625   1.00 34.37 ? 4   ASP A C   1 
ATOM   22   O O   . ASP A 1 4   ? -13.968 4.850   8.860   1.00 32.10 ? 4   ASP A O   1 
ATOM   23   C CB  . ASP A 1 4   ? -16.095 2.148   8.936   1.00 42.44 ? 4   ASP A CB  1 
ATOM   24   C CG  . ASP A 1 4   ? -16.425 2.742   10.287  1.00 45.10 ? 4   ASP A CG  1 
ATOM   25   O OD1 . ASP A 1 4   ? -17.166 3.747   10.338  1.00 47.94 ? 4   ASP A OD1 1 
ATOM   26   O OD2 . ASP A 1 4   ? -15.946 2.194   11.302  1.00 47.53 ? 4   ASP A OD2 1 
ATOM   27   N N   . PRO A 1 5   ? -13.126 2.774   8.893   1.00 31.22 ? 5   PRO A N   1 
ATOM   28   C CA  . PRO A 1 5   ? -11.857 3.212   9.493   1.00 28.15 ? 5   PRO A CA  1 
ATOM   29   C C   . PRO A 1 5   ? -11.084 4.204   8.608   1.00 24.26 ? 5   PRO A C   1 
ATOM   30   O O   . PRO A 1 5   ? -10.954 3.993   7.404   1.00 21.84 ? 5   PRO A O   1 
ATOM   31   C CB  . PRO A 1 5   ? -11.083 1.899   9.664   1.00 30.43 ? 5   PRO A CB  1 
ATOM   32   C CG  . PRO A 1 5   ? -12.159 0.860   9.731   1.00 30.48 ? 5   PRO A CG  1 
ATOM   33   C CD  . PRO A 1 5   ? -13.123 1.317   8.683   1.00 30.97 ? 5   PRO A CD  1 
ATOM   34   N N   . HIS A 1 6   ? -10.589 5.283   9.208   1.00 21.20 ? 6   HIS A N   1 
ATOM   35   C CA  . HIS A 1 6   ? -9.804  6.278   8.478   1.00 18.39 ? 6   HIS A CA  1 
ATOM   36   C C   . HIS A 1 6   ? -8.388  6.300   9.039   1.00 18.20 ? 6   HIS A C   1 
ATOM   37   O O   . HIS A 1 6   ? -8.194  6.361   10.254  1.00 17.42 ? 6   HIS A O   1 
ATOM   38   C CB  . HIS A 1 6   ? -10.417 7.676   8.607   1.00 18.35 ? 6   HIS A CB  1 
ATOM   39   C CG  . HIS A 1 6   ? -11.474 7.974   7.592   1.00 19.24 ? 6   HIS A CG  1 
ATOM   40   N ND1 . HIS A 1 6   ? -12.597 7.192   7.428   1.00 21.93 ? 6   HIS A ND1 1 
ATOM   41   C CD2 . HIS A 1 6   ? -11.585 8.979   6.689   1.00 20.28 ? 6   HIS A CD2 1 
ATOM   42   C CE1 . HIS A 1 6   ? -13.352 7.700   6.471   1.00 19.57 ? 6   HIS A CE1 1 
ATOM   43   N NE2 . HIS A 1 6   ? -12.759 8.786   6.007   1.00 21.67 ? 6   HIS A NE2 1 
ATOM   44   N N   . VAL A 1 7   ? -7.401  6.246   8.148   1.00 16.26 ? 7   VAL A N   1 
ATOM   45   C CA  . VAL A 1 7   ? -6.000  6.247   8.548   1.00 14.28 ? 7   VAL A CA  1 
ATOM   46   C C   . VAL A 1 7   ? -5.252  7.399   7.873   1.00 14.41 ? 7   VAL A C   1 
ATOM   47   O O   . VAL A 1 7   ? -5.392  7.618   6.669   1.00 13.56 ? 7   VAL A O   1 
ATOM   48   C CB  . VAL A 1 7   ? -5.322  4.904   8.168   1.00 15.35 ? 7   VAL A CB  1 
ATOM   49   C CG1 . VAL A 1 7   ? -3.820  4.983   8.401   1.00 16.74 ? 7   VAL A CG1 1 
ATOM   50   C CG2 . VAL A 1 7   ? -5.918  3.775   8.998   1.00 17.22 ? 7   VAL A CG2 1 
ATOM   51   N N   . LEU A 1 8   ? -4.468  8.137   8.653   1.00 11.64 ? 8   LEU A N   1 
ATOM   52   C CA  . LEU A 1 8   ? -3.699  9.249   8.109   1.00 13.73 ? 8   LEU A CA  1 
ATOM   53   C C   . LEU A 1 8   ? -2.238  8.850   7.979   1.00 13.17 ? 8   LEU A C   1 
ATOM   54   O O   . LEU A 1 8   ? -1.609  8.435   8.951   1.00 12.31 ? 8   LEU A O   1 
ATOM   55   C CB  . LEU A 1 8   ? -3.794  10.484  9.015   1.00 14.50 ? 8   LEU A CB  1 
ATOM   56   C CG  . LEU A 1 8   ? -3.004  11.712  8.545   1.00 16.36 ? 8   LEU A CG  1 
ATOM   57   C CD1 . LEU A 1 8   ? -3.667  12.312  7.312   1.00 16.89 ? 8   LEU A CD1 1 
ATOM   58   C CD2 . LEU A 1 8   ? -2.937  12.747  9.664   1.00 18.40 ? 8   LEU A CD2 1 
ATOM   59   N N   . LEU A 1 9   ? -1.708  8.952   6.767   1.00 11.22 ? 9   LEU A N   1 
ATOM   60   C CA  . LEU A 1 9   ? -0.306  8.646   6.552   1.00 11.86 ? 9   LEU A CA  1 
ATOM   61   C C   . LEU A 1 9   ? 0.379   9.990   6.386   1.00 12.25 ? 9   LEU A C   1 
ATOM   62   O O   . LEU A 1 9   ? 0.103   10.726  5.439   1.00 12.25 ? 9   LEU A O   1 
ATOM   63   C CB  . LEU A 1 9   ? -0.104  7.806   5.286   1.00 13.03 ? 9   LEU A CB  1 
ATOM   64   C CG  . LEU A 1 9   ? -0.760  6.423   5.232   1.00 14.40 ? 9   LEU A CG  1 
ATOM   65   C CD1 . LEU A 1 9   ? -0.397  5.754   3.908   1.00 16.16 ? 9   LEU A CD1 1 
ATOM   66   C CD2 . LEU A 1 9   ? -0.293  5.577   6.405   1.00 15.46 ? 9   LEU A CD2 1 
ATOM   67   N N   . THR A 1 10  ? 1.239   10.331  7.336   1.00 11.12 ? 10  THR A N   1 
ATOM   68   C CA  . THR A 1 10  ? 1.967   11.583  7.254   1.00 10.75 ? 10  THR A CA  1 
ATOM   69   C C   . THR A 1 10  ? 3.327   11.238  6.660   1.00 9.94  ? 10  THR A C   1 
ATOM   70   O O   . THR A 1 10  ? 4.126   10.554  7.291   1.00 11.23 ? 10  THR A O   1 
ATOM   71   C CB  . THR A 1 10  ? 2.141   12.216  8.654   1.00 11.34 ? 10  THR A CB  1 
ATOM   72   O OG1 . THR A 1 10  ? 0.853   12.514  9.207   1.00 10.92 ? 10  THR A OG1 1 
ATOM   73   C CG2 . THR A 1 10  ? 2.936   13.509  8.558   1.00 11.84 ? 10  THR A CG2 1 
ATOM   74   N N   . THR A 1 11  ? 3.572   11.679  5.430   1.00 11.39 ? 11  THR A N   1 
ATOM   75   C CA  . THR A 1 11  ? 4.837   11.376  4.772   1.00 11.85 ? 11  THR A CA  1 
ATOM   76   C C   . THR A 1 11  ? 5.686   12.623  4.604   1.00 12.88 ? 11  THR A C   1 
ATOM   77   O O   . THR A 1 11  ? 5.205   13.749  4.788   1.00 12.81 ? 11  THR A O   1 
ATOM   78   C CB  . THR A 1 11  ? 4.619   10.761  3.369   1.00 10.92 ? 11  THR A CB  1 
ATOM   79   O OG1 . THR A 1 11  ? 4.383   11.803  2.414   1.00 12.10 ? 11  THR A OG1 1 
ATOM   80   C CG2 . THR A 1 11  ? 3.424   9.814   3.385   1.00 13.77 ? 11  THR A CG2 1 
ATOM   81   N N   . SER A 1 12  ? 6.950   12.422  4.243   1.00 12.81 ? 12  SER A N   1 
ATOM   82   C CA  . SER A 1 12  ? 7.856   13.547  4.050   1.00 13.97 ? 12  SER A CA  1 
ATOM   83   C C   . SER A 1 12  ? 7.498   14.366  2.815   1.00 14.16 ? 12  SER A C   1 
ATOM   84   O O   . SER A 1 12  ? 8.037   15.445  2.609   1.00 16.49 ? 12  SER A O   1 
ATOM   85   C CB  . SER A 1 12  ? 9.312   13.040  3.972   1.00 13.36 ? 12  SER A CB  1 
ATOM   86   O OG  . SER A 1 12  ? 9.472   12.045  2.958   1.00 13.75 ? 12  SER A OG  1 
ATOM   87   N N   . ALA A 1 13  ? 6.568   13.858  2.007   1.00 15.37 ? 13  ALA A N   1 
ATOM   88   C CA  . ALA A 1 13  ? 6.146   14.553  0.794   1.00 15.10 ? 13  ALA A CA  1 
ATOM   89   C C   . ALA A 1 13  ? 4.723   15.088  0.889   1.00 15.59 ? 13  ALA A C   1 
ATOM   90   O O   . ALA A 1 13  ? 4.216   15.704  -0.050  1.00 14.92 ? 13  ALA A O   1 
ATOM   91   C CB  . ALA A 1 13  ? 6.262   13.627  -0.418  1.00 15.76 ? 13  ALA A CB  1 
ATOM   92   N N   . GLY A 1 14  ? 4.073   14.855  2.023   1.00 14.60 ? 14  GLY A N   1 
ATOM   93   C CA  . GLY A 1 14  ? 2.708   15.317  2.191   1.00 14.22 ? 14  GLY A CA  1 
ATOM   94   C C   . GLY A 1 14  ? 1.852   14.294  2.910   1.00 13.61 ? 14  GLY A C   1 
ATOM   95   O O   . GLY A 1 14  ? 2.306   13.189  3.210   1.00 12.40 ? 14  GLY A O   1 
ATOM   96   N N   . ASN A 1 15  ? 0.601   14.653  3.175   1.00 12.94 ? 15  ASN A N   1 
ATOM   97   C CA  . ASN A 1 15  ? -0.296  13.762  3.889   1.00 13.08 ? 15  ASN A CA  1 
ATOM   98   C C   . ASN A 1 15  ? -1.299  13.050  3.002   1.00 13.46 ? 15  ASN A C   1 
ATOM   99   O O   . ASN A 1 15  ? -1.822  13.621  2.047   1.00 14.96 ? 15  ASN A O   1 
ATOM   100  C CB  . ASN A 1 15  ? -1.044  14.532  4.983   1.00 14.45 ? 15  ASN A CB  1 
ATOM   101  C CG  . ASN A 1 15  ? -0.099  15.203  5.958   1.00 15.85 ? 15  ASN A CG  1 
ATOM   102  O OD1 . ASN A 1 15  ? 0.954   14.658  6.276   1.00 14.45 ? 15  ASN A OD1 1 
ATOM   103  N ND2 . ASN A 1 15  ? -0.473  16.385  6.442   1.00 15.49 ? 15  ASN A ND2 1 
ATOM   104  N N   . ILE A 1 16  ? -1.556  11.791  3.338   1.00 13.12 ? 16  ILE A N   1 
ATOM   105  C CA  . ILE A 1 16  ? -2.507  10.967  2.606   1.00 12.99 ? 16  ILE A CA  1 
ATOM   106  C C   . ILE A 1 16  ? -3.502  10.366  3.591   1.00 14.28 ? 16  ILE A C   1 
ATOM   107  O O   . ILE A 1 16  ? -3.109  9.746   4.581   1.00 13.51 ? 16  ILE A O   1 
ATOM   108  C CB  . ILE A 1 16  ? -1.794  9.816   1.872   1.00 14.02 ? 16  ILE A CB  1 
ATOM   109  C CG1 . ILE A 1 16  ? -0.845  10.386  0.813   1.00 14.48 ? 16  ILE A CG1 1 
ATOM   110  C CG2 . ILE A 1 16  ? -2.821  8.890   1.233   1.00 16.17 ? 16  ILE A CG2 1 
ATOM   111  C CD1 . ILE A 1 16  ? 0.108   9.354   0.222   1.00 16.37 ? 16  ILE A CD1 1 
ATOM   112  N N   . GLU A 1 17  ? -4.788  10.557  3.326   1.00 13.33 ? 17  GLU A N   1 
ATOM   113  C CA  . GLU A 1 17  ? -5.812  10.004  4.199   1.00 13.66 ? 17  GLU A CA  1 
ATOM   114  C C   . GLU A 1 17  ? -6.501  8.857   3.473   1.00 13.70 ? 17  GLU A C   1 
ATOM   115  O O   . GLU A 1 17  ? -6.870  8.982   2.306   1.00 14.94 ? 17  GLU A O   1 
ATOM   116  C CB  . GLU A 1 17  ? -6.842  11.066  4.578   1.00 15.22 ? 17  GLU A CB  1 
ATOM   117  C CG  . GLU A 1 17  ? -7.740  10.621  5.718   1.00 17.33 ? 17  GLU A CG  1 
ATOM   118  C CD  . GLU A 1 17  ? -8.790  11.659  6.085   1.00 19.62 ? 17  GLU A CD  1 
ATOM   119  O OE1 . GLU A 1 17  ? -8.485  12.861  6.009   1.00 20.35 ? 17  GLU A OE1 1 
ATOM   120  O OE2 . GLU A 1 17  ? -9.907  11.262  6.462   1.00 19.83 ? 17  GLU A OE2 1 
ATOM   121  N N   . LEU A 1 18  ? -6.665  7.744   4.173   1.00 14.09 ? 18  LEU A N   1 
ATOM   122  C CA  . LEU A 1 18  ? -7.286  6.559   3.610   1.00 14.39 ? 18  LEU A CA  1 
ATOM   123  C C   . LEU A 1 18  ? -8.584  6.197   4.315   1.00 16.72 ? 18  LEU A C   1 
ATOM   124  O O   . LEU A 1 18  ? -8.752  6.423   5.517   1.00 17.94 ? 18  LEU A O   1 
ATOM   125  C CB  . LEU A 1 18  ? -6.338  5.369   3.743   1.00 13.52 ? 18  LEU A CB  1 
ATOM   126  C CG  . LEU A 1 18  ? -4.929  5.515   3.174   1.00 14.74 ? 18  LEU A CG  1 
ATOM   127  C CD1 . LEU A 1 18  ? -4.006  4.522   3.857   1.00 16.20 ? 18  LEU A CD1 1 
ATOM   128  C CD2 . LEU A 1 18  ? -4.965  5.295   1.670   1.00 16.12 ? 18  LEU A CD2 1 
ATOM   129  N N   . GLU A 1 19  ? -9.507  5.635   3.547   1.00 16.79 ? 19  GLU A N   1 
ATOM   130  C CA  . GLU A 1 19  ? -10.766 5.164   4.094   1.00 18.51 ? 19  GLU A CA  1 
ATOM   131  C C   . GLU A 1 19  ? -10.744 3.676   3.792   1.00 17.88 ? 19  GLU A C   1 
ATOM   132  O O   . GLU A 1 19  ? -10.727 3.276   2.625   1.00 15.71 ? 19  GLU A O   1 
ATOM   133  C CB  . GLU A 1 19  ? -11.957 5.827   3.407   1.00 20.87 ? 19  GLU A CB  1 
ATOM   134  C CG  . GLU A 1 19  ? -13.278 5.431   4.040   1.00 26.65 ? 19  GLU A CG  1 
ATOM   135  C CD  . GLU A 1 19  ? -14.419 6.344   3.643   1.00 30.85 ? 19  GLU A CD  1 
ATOM   136  O OE1 . GLU A 1 19  ? -15.452 6.326   4.338   1.00 34.23 ? 19  GLU A OE1 1 
ATOM   137  O OE2 . GLU A 1 19  ? -14.289 7.077   2.639   1.00 36.91 ? 19  GLU A OE2 1 
ATOM   138  N N   . LEU A 1 20  ? -10.735 2.861   4.843   1.00 16.88 ? 20  LEU A N   1 
ATOM   139  C CA  . LEU A 1 20  ? -10.671 1.413   4.679   1.00 16.52 ? 20  LEU A CA  1 
ATOM   140  C C   . LEU A 1 20  ? -12.061 0.790   4.612   1.00 17.66 ? 20  LEU A C   1 
ATOM   141  O O   . LEU A 1 20  ? -12.964 1.182   5.353   1.00 19.07 ? 20  LEU A O   1 
ATOM   142  C CB  . LEU A 1 20  ? -9.854  0.798   5.817   1.00 17.44 ? 20  LEU A CB  1 
ATOM   143  C CG  . LEU A 1 20  ? -8.461  1.402   6.031   1.00 19.03 ? 20  LEU A CG  1 
ATOM   144  C CD1 . LEU A 1 20  ? -7.762  0.682   7.176   1.00 19.41 ? 20  LEU A CD1 1 
ATOM   145  C CD2 . LEU A 1 20  ? -7.645  1.284   4.751   1.00 19.03 ? 20  LEU A CD2 1 
ATOM   146  N N   . ASP A 1 21  ? -12.224 -0.171  3.708   1.00 17.21 ? 21  ASP A N   1 
ATOM   147  C CA  . ASP A 1 21  ? -13.506 -0.832  3.501   1.00 18.23 ? 21  ASP A CA  1 
ATOM   148  C C   . ASP A 1 21  ? -13.628 -2.088  4.360   1.00 17.45 ? 21  ASP A C   1 
ATOM   149  O O   . ASP A 1 21  ? -13.356 -3.201  3.916   1.00 16.84 ? 21  ASP A O   1 
ATOM   150  C CB  . ASP A 1 21  ? -13.668 -1.169  2.015   1.00 20.05 ? 21  ASP A CB  1 
ATOM   151  C CG  . ASP A 1 21  ? -15.098 -1.490  1.643   1.00 19.70 ? 21  ASP A CG  1 
ATOM   152  O OD1 . ASP A 1 21  ? -15.423 -1.341  0.453   1.00 21.61 ? 21  ASP A OD1 1 
ATOM   153  O OD2 . ASP A 1 21  ? -15.877 -1.903  2.530   1.00 21.99 ? 21  ASP A OD2 1 
ATOM   154  N N   . LYS A 1 22  ? -14.046 -1.888  5.602   1.00 18.98 ? 22  LYS A N   1 
ATOM   155  C CA  . LYS A 1 22  ? -14.198 -2.967  6.571   1.00 22.23 ? 22  LYS A CA  1 
ATOM   156  C C   . LYS A 1 22  ? -15.197 -4.053  6.164   1.00 22.17 ? 22  LYS A C   1 
ATOM   157  O O   . LYS A 1 22  ? -15.031 -5.224  6.519   1.00 22.17 ? 22  LYS A O   1 
ATOM   158  C CB  . LYS A 1 22  ? -14.601 -2.363  7.918   1.00 25.73 ? 22  LYS A CB  1 
ATOM   159  C CG  . LYS A 1 22  ? -14.574 -3.313  9.092   1.00 30.53 ? 22  LYS A CG  1 
ATOM   160  C CD  . LYS A 1 22  ? -14.995 -2.575  10.352  1.00 32.58 ? 22  LYS A CD  1 
ATOM   161  C CE  . LYS A 1 22  ? -14.919 -3.464  11.581  1.00 35.65 ? 22  LYS A CE  1 
ATOM   162  N NZ  . LYS A 1 22  ? -15.439 -2.757  12.790  1.00 36.36 ? 22  LYS A NZ  1 
ATOM   163  N N   . GLN A 1 23  ? -16.235 -3.673  5.430   1.00 21.21 ? 23  GLN A N   1 
ATOM   164  C CA  . GLN A 1 23  ? -17.246 -4.641  5.002   1.00 24.81 ? 23  GLN A CA  1 
ATOM   165  C C   . GLN A 1 23  ? -16.800 -5.549  3.855   1.00 23.26 ? 23  GLN A C   1 
ATOM   166  O O   . GLN A 1 23  ? -17.151 -6.729  3.821   1.00 23.04 ? 23  GLN A O   1 
ATOM   167  C CB  . GLN A 1 23  ? -18.538 -3.918  4.611   1.00 27.25 ? 23  GLN A CB  1 
ATOM   168  C CG  . GLN A 1 23  ? -19.451 -3.601  5.795   1.00 36.28 ? 23  GLN A CG  1 
ATOM   169  C CD  . GLN A 1 23  ? -18.739 -2.852  6.910   1.00 40.80 ? 23  GLN A CD  1 
ATOM   170  O OE1 . GLN A 1 23  ? -18.196 -1.766  6.696   1.00 45.33 ? 23  GLN A OE1 1 
ATOM   171  N NE2 . GLN A 1 23  ? -18.739 -3.431  8.108   1.00 43.06 ? 23  GLN A NE2 1 
ATOM   172  N N   . LYS A 1 24  ? -16.021 -5.007  2.925   1.00 22.30 ? 24  LYS A N   1 
ATOM   173  C CA  . LYS A 1 24  ? -15.552 -5.780  1.784   1.00 20.46 ? 24  LYS A CA  1 
ATOM   174  C C   . LYS A 1 24  ? -14.239 -6.503  2.053   1.00 18.91 ? 24  LYS A C   1 
ATOM   175  O O   . LYS A 1 24  ? -13.970 -7.539  1.456   1.00 16.98 ? 24  LYS A O   1 
ATOM   176  C CB  . LYS A 1 24  ? -15.393 -4.870  0.568   1.00 23.71 ? 24  LYS A CB  1 
ATOM   177  C CG  . LYS A 1 24  ? -16.690 -4.248  0.074   1.00 28.22 ? 24  LYS A CG  1 
ATOM   178  C CD  . LYS A 1 24  ? -17.598 -5.286  -0.562  1.00 31.18 ? 24  LYS A CD  1 
ATOM   179  C CE  . LYS A 1 24  ? -18.890 -4.651  -1.061  1.00 33.08 ? 24  LYS A CE  1 
ATOM   180  N NZ  . LYS A 1 24  ? -18.632 -3.533  -2.015  1.00 35.84 ? 24  LYS A NZ  1 
ATOM   181  N N   . ALA A 1 25  ? -13.413 -5.964  2.945   1.00 17.41 ? 25  ALA A N   1 
ATOM   182  C CA  . ALA A 1 25  ? -12.133 -6.602  3.241   1.00 17.34 ? 25  ALA A CA  1 
ATOM   183  C C   . ALA A 1 25  ? -11.836 -6.607  4.737   1.00 18.44 ? 25  ALA A C   1 
ATOM   184  O O   . ALA A 1 25  ? -10.874 -5.985  5.192   1.00 17.70 ? 25  ALA A O   1 
ATOM   185  C CB  . ALA A 1 25  ? -11.013 -5.886  2.480   1.00 17.79 ? 25  ALA A CB  1 
ATOM   186  N N   . PRO A 1 26  ? -12.648 -7.340  5.520   1.00 19.82 ? 26  PRO A N   1 
ATOM   187  C CA  . PRO A 1 26  ? -12.467 -7.415  6.974   1.00 18.08 ? 26  PRO A CA  1 
ATOM   188  C C   . PRO A 1 26  ? -11.093 -7.865  7.451   1.00 16.82 ? 26  PRO A C   1 
ATOM   189  O O   . PRO A 1 26  ? -10.539 -7.287  8.381   1.00 17.82 ? 26  PRO A O   1 
ATOM   190  C CB  . PRO A 1 26  ? -13.579 -8.368  7.411   1.00 20.04 ? 26  PRO A CB  1 
ATOM   191  C CG  . PRO A 1 26  ? -13.731 -9.279  6.218   1.00 20.02 ? 26  PRO A CG  1 
ATOM   192  C CD  . PRO A 1 26  ? -13.679 -8.294  5.069   1.00 18.42 ? 26  PRO A CD  1 
ATOM   193  N N   . VAL A 1 27  ? -10.542 -8.894  6.824   1.00 14.67 ? 27  VAL A N   1 
ATOM   194  C CA  . VAL A 1 27  ? -9.235  -9.396  7.231   1.00 15.58 ? 27  VAL A CA  1 
ATOM   195  C C   . VAL A 1 27  ? -8.122  -8.401  6.902   1.00 15.83 ? 27  VAL A C   1 
ATOM   196  O O   . VAL A 1 27  ? -7.244  -8.136  7.731   1.00 14.84 ? 27  VAL A O   1 
ATOM   197  C CB  . VAL A 1 27  ? -8.924  -10.746 6.557   1.00 18.18 ? 27  VAL A CB  1 
ATOM   198  C CG1 . VAL A 1 27  ? -7.528  -11.212 6.928   1.00 16.61 ? 27  VAL A CG1 1 
ATOM   199  C CG2 . VAL A 1 27  ? -9.957  -11.783 6.988   1.00 18.59 ? 27  VAL A CG2 1 
ATOM   200  N N   . SER A 1 28  ? -8.159  -7.854  5.690   1.00 14.19 ? 28  SER A N   1 
ATOM   201  C CA  . SER A 1 28  ? -7.151  -6.893  5.252   1.00 14.62 ? 28  SER A CA  1 
ATOM   202  C C   . SER A 1 28  ? -7.173  -5.626  6.103   1.00 15.22 ? 28  SER A C   1 
ATOM   203  O O   . SER A 1 28  ? -6.121  -5.104  6.477   1.00 14.78 ? 28  SER A O   1 
ATOM   204  C CB  . SER A 1 28  ? -7.378  -6.527  3.786   1.00 14.97 ? 28  SER A CB  1 
ATOM   205  O OG  . SER A 1 28  ? -7.265  -7.669  2.961   1.00 12.81 ? 28  SER A OG  1 
ATOM   206  N N   . VAL A 1 29  ? -8.371  -5.133  6.405   1.00 15.37 ? 29  VAL A N   1 
ATOM   207  C CA  . VAL A 1 29  ? -8.507  -3.928  7.206   1.00 15.61 ? 29  VAL A CA  1 
ATOM   208  C C   . VAL A 1 29  ? -7.988  -4.131  8.627   1.00 17.35 ? 29  VAL A C   1 
ATOM   209  O O   . VAL A 1 29  ? -7.254  -3.293  9.154   1.00 15.44 ? 29  VAL A O   1 
ATOM   210  C CB  . VAL A 1 29  ? -9.978  -3.451  7.239   1.00 15.15 ? 29  VAL A CB  1 
ATOM   211  C CG1 . VAL A 1 29  ? -10.139 -2.281  8.207   1.00 16.32 ? 29  VAL A CG1 1 
ATOM   212  C CG2 . VAL A 1 29  ? -10.406 -3.030  5.842   1.00 14.91 ? 29  VAL A CG2 1 
ATOM   213  N N   . GLN A 1 30  ? -8.348  -5.250  9.246   1.00 18.26 ? 30  GLN A N   1 
ATOM   214  C CA  . GLN A 1 30  ? -7.894  -5.515  10.609  1.00 18.69 ? 30  GLN A CA  1 
ATOM   215  C C   . GLN A 1 30  ? -6.372  -5.646  10.650  1.00 17.94 ? 30  GLN A C   1 
ATOM   216  O O   . GLN A 1 30  ? -5.717  -5.131  11.556  1.00 17.08 ? 30  GLN A O   1 
ATOM   217  C CB  . GLN A 1 30  ? -8.537  -6.795  11.150  1.00 22.36 ? 30  GLN A CB  1 
ATOM   218  C CG  . GLN A 1 30  ? -8.342  -6.986  12.647  1.00 28.06 ? 30  GLN A CG  1 
ATOM   219  C CD  . GLN A 1 30  ? -8.921  -5.835  13.451  1.00 31.17 ? 30  GLN A CD  1 
ATOM   220  O OE1 . GLN A 1 30  ? -10.102 -5.508  13.321  1.00 34.52 ? 30  GLN A OE1 1 
ATOM   221  N NE2 . GLN A 1 30  ? -8.093  -5.211  14.284  1.00 32.06 ? 30  GLN A NE2 1 
ATOM   222  N N   . ASN A 1 31  ? -5.816  -6.340  9.662   1.00 14.42 ? 31  ASN A N   1 
ATOM   223  C CA  . ASN A 1 31  ? -4.372  -6.539  9.572   1.00 15.48 ? 31  ASN A CA  1 
ATOM   224  C C   . ASN A 1 31  ? -3.661  -5.183  9.446   1.00 15.88 ? 31  ASN A C   1 
ATOM   225  O O   . ASN A 1 31  ? -2.687  -4.912  10.156  1.00 14.50 ? 31  ASN A O   1 
ATOM   226  C CB  . ASN A 1 31  ? -4.059  -7.434  8.363   1.00 15.11 ? 31  ASN A CB  1 
ATOM   227  C CG  . ASN A 1 31  ? -2.569  -7.653  8.149   1.00 16.58 ? 31  ASN A CG  1 
ATOM   228  O OD1 . ASN A 1 31  ? -1.892  -8.280  8.964   1.00 18.34 ? 31  ASN A OD1 1 
ATOM   229  N ND2 . ASN A 1 31  ? -2.054  -7.137  7.038   1.00 17.75 ? 31  ASN A ND2 1 
ATOM   230  N N   . PHE A 1 32  ? -4.163  -4.334  8.550   1.00 15.17 ? 32  PHE A N   1 
ATOM   231  C CA  . PHE A 1 32  ? -3.588  -3.009  8.323   1.00 15.82 ? 32  PHE A CA  1 
ATOM   232  C C   . PHE A 1 32  ? -3.688  -2.138  9.584   1.00 16.38 ? 32  PHE A C   1 
ATOM   233  O O   . PHE A 1 32  ? -2.710  -1.511  9.993   1.00 15.58 ? 32  PHE A O   1 
ATOM   234  C CB  . PHE A 1 32  ? -4.306  -2.325  7.153   1.00 14.74 ? 32  PHE A CB  1 
ATOM   235  C CG  . PHE A 1 32  ? -3.638  -1.061  6.672   1.00 15.10 ? 32  PHE A CG  1 
ATOM   236  C CD1 . PHE A 1 32  ? -4.159  0.188   7.001   1.00 15.23 ? 32  PHE A CD1 1 
ATOM   237  C CD2 . PHE A 1 32  ? -2.506  -1.121  5.864   1.00 14.45 ? 32  PHE A CD2 1 
ATOM   238  C CE1 . PHE A 1 32  ? -3.566  1.364   6.528   1.00 15.52 ? 32  PHE A CE1 1 
ATOM   239  C CE2 . PHE A 1 32  ? -1.905  0.048   5.386   1.00 15.12 ? 32  PHE A CE2 1 
ATOM   240  C CZ  . PHE A 1 32  ? -2.438  1.291   5.718   1.00 13.71 ? 32  PHE A CZ  1 
ATOM   241  N N   . VAL A 1 33  ? -4.865  -2.115  10.203  1.00 17.49 ? 33  VAL A N   1 
ATOM   242  C CA  . VAL A 1 33  ? -5.069  -1.317  11.409  1.00 19.52 ? 33  VAL A CA  1 
ATOM   243  C C   . VAL A 1 33  ? -4.157  -1.761  12.558  1.00 18.95 ? 33  VAL A C   1 
ATOM   244  O O   . VAL A 1 33  ? -3.663  -0.926  13.321  1.00 18.61 ? 33  VAL A O   1 
ATOM   245  C CB  . VAL A 1 33  ? -6.550  -1.362  11.857  1.00 19.41 ? 33  VAL A CB  1 
ATOM   246  C CG1 . VAL A 1 33  ? -6.711  -0.707  13.224  1.00 23.28 ? 33  VAL A CG1 1 
ATOM   247  C CG2 . VAL A 1 33  ? -7.410  -0.625  10.833  1.00 20.06 ? 33  VAL A CG2 1 
ATOM   248  N N   . ASP A 1 34  ? -3.940  -3.068  12.681  1.00 18.94 ? 34  ASP A N   1 
ATOM   249  C CA  . ASP A 1 34  ? -3.073  -3.595  13.727  1.00 20.29 ? 34  ASP A CA  1 
ATOM   250  C C   . ASP A 1 34  ? -1.643  -3.095  13.537  1.00 18.52 ? 34  ASP A C   1 
ATOM   251  O O   . ASP A 1 34  ? -0.965  -2.750  14.510  1.00 17.84 ? 34  ASP A O   1 
ATOM   252  C CB  . ASP A 1 34  ? -3.088  -5.127  13.729  1.00 21.09 ? 34  ASP A CB  1 
ATOM   253  C CG  . ASP A 1 34  ? -4.380  -5.696  14.284  1.00 25.88 ? 34  ASP A CG  1 
ATOM   254  O OD1 . ASP A 1 34  ? -5.178  -4.921  14.860  1.00 27.63 ? 34  ASP A OD1 1 
ATOM   255  O OD2 . ASP A 1 34  ? -4.602  -6.920  14.157  1.00 27.01 ? 34  ASP A OD2 1 
ATOM   256  N N   . TYR A 1 35  ? -1.179  -3.063  12.292  1.00 17.05 ? 35  TYR A N   1 
ATOM   257  C CA  . TYR A 1 35  ? 0.166   -2.576  12.012  1.00 16.89 ? 35  TYR A CA  1 
ATOM   258  C C   . TYR A 1 35  ? 0.242   -1.096  12.344  1.00 17.18 ? 35  TYR A C   1 
ATOM   259  O O   . TYR A 1 35  ? 1.213   -0.628  12.938  1.00 18.54 ? 35  TYR A O   1 
ATOM   260  C CB  . TYR A 1 35  ? 0.531   -2.782  10.538  1.00 18.01 ? 35  TYR A CB  1 
ATOM   261  C CG  . TYR A 1 35  ? 1.040   -4.163  10.205  1.00 18.72 ? 35  TYR A CG  1 
ATOM   262  C CD1 . TYR A 1 35  ? 2.179   -4.679  10.831  1.00 18.62 ? 35  TYR A CD1 1 
ATOM   263  C CD2 . TYR A 1 35  ? 0.402   -4.947  9.242   1.00 18.50 ? 35  TYR A CD2 1 
ATOM   264  C CE1 . TYR A 1 35  ? 2.668   -5.943  10.499  1.00 20.65 ? 35  TYR A CE1 1 
ATOM   265  C CE2 . TYR A 1 35  ? 0.883   -6.209  8.908   1.00 17.88 ? 35  TYR A CE2 1 
ATOM   266  C CZ  . TYR A 1 35  ? 2.008   -6.702  9.532   1.00 19.23 ? 35  TYR A CZ  1 
ATOM   267  O OH  . TYR A 1 35  ? 2.488   -7.949  9.191   1.00 18.77 ? 35  TYR A OH  1 
ATOM   268  N N   . VAL A 1 36  ? -0.791  -0.359  11.956  1.00 15.26 ? 36  VAL A N   1 
ATOM   269  C CA  . VAL A 1 36  ? -0.835  1.073   12.219  1.00 15.71 ? 36  VAL A CA  1 
ATOM   270  C C   . VAL A 1 36  ? -0.777  1.369   13.718  1.00 18.13 ? 36  VAL A C   1 
ATOM   271  O O   . VAL A 1 36  ? 0.098   2.103   14.169  1.00 15.48 ? 36  VAL A O   1 
ATOM   272  C CB  . VAL A 1 36  ? -2.113  1.707   11.626  1.00 15.56 ? 36  VAL A CB  1 
ATOM   273  C CG1 . VAL A 1 36  ? -2.257  3.149   12.107  1.00 13.86 ? 36  VAL A CG1 1 
ATOM   274  C CG2 . VAL A 1 36  ? -2.042  1.670   10.098  1.00 13.97 ? 36  VAL A CG2 1 
ATOM   275  N N   . ASN A 1 37  ? -1.703  0.796   14.482  1.00 19.49 ? 37  ASN A N   1 
ATOM   276  C CA  . ASN A 1 37  ? -1.743  1.036   15.919  1.00 21.99 ? 37  ASN A CA  1 
ATOM   277  C C   . ASN A 1 37  ? -0.484  0.607   16.665  1.00 23.11 ? 37  ASN A C   1 
ATOM   278  O O   . ASN A 1 37  ? -0.176  1.148   17.730  1.00 24.64 ? 37  ASN A O   1 
ATOM   279  C CB  . ASN A 1 37  ? -2.961  0.353   16.549  1.00 21.95 ? 37  ASN A CB  1 
ATOM   280  C CG  . ASN A 1 37  ? -4.265  0.991   16.135  1.00 20.99 ? 37  ASN A CG  1 
ATOM   281  O OD1 . ASN A 1 37  ? -4.346  2.204   15.964  1.00 24.22 ? 37  ASN A OD1 1 
ATOM   282  N ND2 . ASN A 1 37  ? -5.304  0.179   15.990  1.00 21.34 ? 37  ASN A ND2 1 
ATOM   283  N N   . SER A 1 38  ? 0.244   -0.364  16.124  1.00 22.21 ? 38  SER A N   1 
ATOM   284  C CA  . SER A 1 38  ? 1.464   -0.843  16.777  1.00 22.25 ? 38  SER A CA  1 
ATOM   285  C C   . SER A 1 38  ? 2.669   0.033   16.439  1.00 22.78 ? 38  SER A C   1 
ATOM   286  O O   . SER A 1 38  ? 3.756   -0.154  16.989  1.00 23.00 ? 38  SER A O   1 
ATOM   287  C CB  . SER A 1 38  ? 1.762   -2.284  16.360  1.00 22.33 ? 38  SER A CB  1 
ATOM   288  O OG  . SER A 1 38  ? 2.117   -2.351  14.991  1.00 25.48 ? 38  SER A OG  1 
ATOM   289  N N   . GLY A 1 39  ? 2.470   0.988   15.535  1.00 20.79 ? 39  GLY A N   1 
ATOM   290  C CA  . GLY A 1 39  ? 3.550   1.873   15.139  1.00 18.99 ? 39  GLY A CA  1 
ATOM   291  C C   . GLY A 1 39  ? 4.475   1.242   14.116  1.00 18.52 ? 39  GLY A C   1 
ATOM   292  O O   . GLY A 1 39  ? 5.521   1.799   13.776  1.00 17.86 ? 39  GLY A O   1 
ATOM   293  N N   . PHE A 1 40  ? 4.081   0.082   13.603  1.00 16.27 ? 40  PHE A N   1 
ATOM   294  C CA  . PHE A 1 40  ? 4.892   -0.631  12.630  1.00 16.83 ? 40  PHE A CA  1 
ATOM   295  C C   . PHE A 1 40  ? 5.239   0.177   11.380  1.00 15.46 ? 40  PHE A C   1 
ATOM   296  O O   . PHE A 1 40  ? 6.365   0.107   10.894  1.00 15.14 ? 40  PHE A O   1 
ATOM   297  C CB  . PHE A 1 40  ? 4.193   -1.932  12.220  1.00 15.38 ? 40  PHE A CB  1 
ATOM   298  C CG  . PHE A 1 40  ? 4.995   -2.787  11.281  1.00 18.02 ? 40  PHE A CG  1 
ATOM   299  C CD1 . PHE A 1 40  ? 4.943   -2.577  9.906   1.00 18.38 ? 40  PHE A CD1 1 
ATOM   300  C CD2 . PHE A 1 40  ? 5.803   -3.811  11.772  1.00 18.22 ? 40  PHE A CD2 1 
ATOM   301  C CE1 . PHE A 1 40  ? 5.678   -3.375  9.035   1.00 18.07 ? 40  PHE A CE1 1 
ATOM   302  C CE2 . PHE A 1 40  ? 6.541   -4.614  10.908  1.00 19.23 ? 40  PHE A CE2 1 
ATOM   303  C CZ  . PHE A 1 40  ? 6.476   -4.395  9.534   1.00 19.97 ? 40  PHE A CZ  1 
ATOM   304  N N   . TYR A 1 41  ? 4.280   0.935   10.860  1.00 14.55 ? 41  TYR A N   1 
ATOM   305  C CA  . TYR A 1 41  ? 4.521   1.715   9.643   1.00 13.93 ? 41  TYR A CA  1 
ATOM   306  C C   . TYR A 1 41  ? 5.310   3.003   9.863   1.00 14.69 ? 41  TYR A C   1 
ATOM   307  O O   . TYR A 1 41  ? 5.755   3.645   8.901   1.00 12.13 ? 41  TYR A O   1 
ATOM   308  C CB  . TYR A 1 41  ? 3.196   2.041   8.951   1.00 14.05 ? 41  TYR A CB  1 
ATOM   309  C CG  . TYR A 1 41  ? 2.509   0.837   8.339   1.00 13.28 ? 41  TYR A CG  1 
ATOM   310  C CD1 . TYR A 1 41  ? 3.208   -0.034  7.495   1.00 15.07 ? 41  TYR A CD1 1 
ATOM   311  C CD2 . TYR A 1 41  ? 1.154   0.589   8.563   1.00 14.34 ? 41  TYR A CD2 1 
ATOM   312  C CE1 . TYR A 1 41  ? 2.576   -1.114  6.891   1.00 14.91 ? 41  TYR A CE1 1 
ATOM   313  C CE2 . TYR A 1 41  ? 0.510   -0.492  7.958   1.00 13.97 ? 41  TYR A CE2 1 
ATOM   314  C CZ  . TYR A 1 41  ? 1.225   -1.335  7.127   1.00 14.14 ? 41  TYR A CZ  1 
ATOM   315  O OH  . TYR A 1 41  ? 0.598   -2.397  6.522   1.00 16.76 ? 41  TYR A OH  1 
ATOM   316  N N   . ASN A 1 42  ? 5.483   3.387   11.123  1.00 15.40 ? 42  ASN A N   1 
ATOM   317  C CA  . ASN A 1 42  ? 6.242   4.589   11.424  1.00 16.11 ? 42  ASN A CA  1 
ATOM   318  C C   . ASN A 1 42  ? 7.684   4.381   10.977  1.00 16.11 ? 42  ASN A C   1 
ATOM   319  O O   . ASN A 1 42  ? 8.317   3.379   11.310  1.00 16.33 ? 42  ASN A O   1 
ATOM   320  C CB  . ASN A 1 42  ? 6.175   4.898   12.924  1.00 16.67 ? 42  ASN A CB  1 
ATOM   321  C CG  . ASN A 1 42  ? 4.807   5.392   13.355  1.00 18.49 ? 42  ASN A CG  1 
ATOM   322  O OD1 . ASN A 1 42  ? 3.857   5.374   12.575  1.00 15.86 ? 42  ASN A OD1 1 
ATOM   323  N ND2 . ASN A 1 42  ? 4.698   5.828   14.607  1.00 19.33 ? 42  ASN A ND2 1 
ATOM   324  N N   . ASN A 1 43  ? 8.187   5.334   10.202  1.00 15.51 ? 43  ASN A N   1 
ATOM   325  C CA  . ASN A 1 43  ? 9.545   5.281   9.682   1.00 16.91 ? 43  ASN A CA  1 
ATOM   326  C C   . ASN A 1 43  ? 9.772   4.238   8.583   1.00 17.30 ? 43  ASN A C   1 
ATOM   327  O O   . ASN A 1 43  ? 10.906  3.816   8.345   1.00 18.46 ? 43  ASN A O   1 
ATOM   328  C CB  . ASN A 1 43  ? 10.545  5.086   10.824  1.00 20.24 ? 43  ASN A CB  1 
ATOM   329  C CG  . ASN A 1 43  ? 10.509  6.233   11.813  1.00 22.73 ? 43  ASN A CG  1 
ATOM   330  O OD1 . ASN A 1 43  ? 10.682  7.393   11.433  1.00 24.68 ? 43  ASN A OD1 1 
ATOM   331  N ND2 . ASN A 1 43  ? 10.282  5.922   13.084  1.00 24.32 ? 43  ASN A ND2 1 
ATOM   332  N N   . THR A 1 44  ? 8.699   3.792   7.933   1.00 14.01 ? 44  THR A N   1 
ATOM   333  C CA  . THR A 1 44  ? 8.859   2.874   6.814   1.00 14.25 ? 44  THR A CA  1 
ATOM   334  C C   . THR A 1 44  ? 8.745   3.789   5.600   1.00 14.59 ? 44  THR A C   1 
ATOM   335  O O   . THR A 1 44  ? 8.301   4.934   5.711   1.00 15.81 ? 44  THR A O   1 
ATOM   336  C CB  . THR A 1 44  ? 7.778   1.759   6.753   1.00 13.51 ? 44  THR A CB  1 
ATOM   337  O OG1 . THR A 1 44  ? 6.469   2.336   6.689   1.00 11.78 ? 44  THR A OG1 1 
ATOM   338  C CG2 . THR A 1 44  ? 7.890   0.849   7.974   1.00 14.97 ? 44  THR A CG2 1 
ATOM   339  N N   . THR A 1 45  ? 9.141   3.295   4.441   1.00 14.63 ? 45  THR A N   1 
ATOM   340  C CA  . THR A 1 45  ? 9.124   4.124   3.247   1.00 12.84 ? 45  THR A CA  1 
ATOM   341  C C   . THR A 1 45  ? 8.328   3.539   2.098   1.00 13.89 ? 45  THR A C   1 
ATOM   342  O O   . THR A 1 45  ? 7.791   2.440   2.192   1.00 14.04 ? 45  THR A O   1 
ATOM   343  C CB  . THR A 1 45  ? 10.545  4.296   2.730   1.00 14.13 ? 45  THR A CB  1 
ATOM   344  O OG1 . THR A 1 45  ? 11.052  3.008   2.350   1.00 15.40 ? 45  THR A OG1 1 
ATOM   345  C CG2 . THR A 1 45  ? 11.445  4.884   3.812   1.00 14.76 ? 45  THR A CG2 1 
ATOM   346  N N   . PHE A 1 46  ? 8.257   4.312   1.019   1.00 12.32 ? 46  PHE A N   1 
ATOM   347  C CA  . PHE A 1 46  ? 7.644   3.868   -0.222  1.00 13.02 ? 46  PHE A CA  1 
ATOM   348  C C   . PHE A 1 46  ? 8.921   3.501   -0.969  1.00 12.97 ? 46  PHE A C   1 
ATOM   349  O O   . PHE A 1 46  ? 9.563   4.343   -1.594  1.00 14.36 ? 46  PHE A O   1 
ATOM   350  C CB  . PHE A 1 46  ? 6.901   5.010   -0.914  1.00 13.05 ? 46  PHE A CB  1 
ATOM   351  C CG  . PHE A 1 46  ? 5.542   5.257   -0.346  1.00 14.38 ? 46  PHE A CG  1 
ATOM   352  C CD1 . PHE A 1 46  ? 5.340   6.256   0.590   1.00 17.47 ? 46  PHE A CD1 1 
ATOM   353  C CD2 . PHE A 1 46  ? 4.474   4.440   -0.697  1.00 16.60 ? 46  PHE A CD2 1 
ATOM   354  C CE1 . PHE A 1 46  ? 4.086   6.440   1.178   1.00 18.01 ? 46  PHE A CE1 1 
ATOM   355  C CE2 . PHE A 1 46  ? 3.211   4.614   -0.113  1.00 18.78 ? 46  PHE A CE2 1 
ATOM   356  C CZ  . PHE A 1 46  ? 3.024   5.613   0.822   1.00 17.85 ? 46  PHE A CZ  1 
ATOM   357  N N   . HIS A 1 47  ? 9.294   2.231   -0.854  1.00 11.91 ? 47  HIS A N   1 
ATOM   358  C CA  . HIS A 1 47  ? 10.527  1.711   -1.423  1.00 13.53 ? 47  HIS A CA  1 
ATOM   359  C C   . HIS A 1 47  ? 10.453  1.305   -2.886  1.00 13.77 ? 47  HIS A C   1 
ATOM   360  O O   . HIS A 1 47  ? 11.473  1.027   -3.512  1.00 14.63 ? 47  HIS A O   1 
ATOM   361  C CB  . HIS A 1 47  ? 10.977  0.511   -0.592  1.00 14.88 ? 47  HIS A CB  1 
ATOM   362  C CG  . HIS A 1 47  ? 10.081  -0.683  -0.730  1.00 16.60 ? 47  HIS A CG  1 
ATOM   363  N ND1 . HIS A 1 47  ? 10.300  -1.668  -1.670  1.00 19.94 ? 47  HIS A ND1 1 
ATOM   364  C CD2 . HIS A 1 47  ? 8.956   -1.037  -0.068  1.00 15.56 ? 47  HIS A CD2 1 
ATOM   365  C CE1 . HIS A 1 47  ? 9.346   -2.580  -1.578  1.00 16.31 ? 47  HIS A CE1 1 
ATOM   366  N NE2 . HIS A 1 47  ? 8.519   -2.222  -0.615  1.00 18.86 ? 47  HIS A NE2 1 
ATOM   367  N N   . ARG A 1 48  ? 9.248   1.279   -3.436  1.00 13.15 ? 48  ARG A N   1 
ATOM   368  C CA  . ARG A 1 48  ? 9.069   0.879   -4.823  1.00 13.82 ? 48  ARG A CA  1 
ATOM   369  C C   . ARG A 1 48  ? 8.052   1.798   -5.470  1.00 13.40 ? 48  ARG A C   1 
ATOM   370  O O   . ARG A 1 48  ? 6.891   1.813   -5.077  1.00 12.50 ? 48  ARG A O   1 
ATOM   371  C CB  . ARG A 1 48  ? 8.578   -0.571  -4.883  1.00 15.37 ? 48  ARG A CB  1 
ATOM   372  C CG  . ARG A 1 48  ? 8.478   -1.142  -6.292  1.00 20.68 ? 48  ARG A CG  1 
ATOM   373  C CD  . ARG A 1 48  ? 7.841   -2.527  -6.294  1.00 22.20 ? 48  ARG A CD  1 
ATOM   374  N NE  . ARG A 1 48  ? 7.779   -3.079  -7.643  1.00 25.02 ? 48  ARG A NE  1 
ATOM   375  C CZ  . ARG A 1 48  ? 6.796   -3.857  -8.088  1.00 27.04 ? 48  ARG A CZ  1 
ATOM   376  N NH1 . ARG A 1 48  ? 5.781   -4.180  -7.291  1.00 26.17 ? 48  ARG A NH1 1 
ATOM   377  N NH2 . ARG A 1 48  ? 6.823   -4.307  -9.334  1.00 27.99 ? 48  ARG A NH2 1 
ATOM   378  N N   . VAL A 1 49  ? 8.491   2.572   -6.457  1.00 13.55 ? 49  VAL A N   1 
ATOM   379  C CA  . VAL A 1 49  ? 7.586   3.483   -7.132  1.00 13.36 ? 49  VAL A CA  1 
ATOM   380  C C   . VAL A 1 49  ? 7.668   3.319   -8.644  1.00 16.56 ? 49  VAL A C   1 
ATOM   381  O O   . VAL A 1 49  ? 8.752   3.174   -9.213  1.00 15.78 ? 49  VAL A O   1 
ATOM   382  C CB  . VAL A 1 49  ? 7.887   4.956   -6.764  1.00 14.68 ? 49  VAL A CB  1 
ATOM   383  C CG1 . VAL A 1 49  ? 7.709   5.165   -5.267  1.00 13.64 ? 49  VAL A CG1 1 
ATOM   384  C CG2 . VAL A 1 49  ? 9.301   5.324   -7.184  1.00 17.23 ? 49  VAL A CG2 1 
ATOM   385  N N   . ILE A 1 50  ? 6.509   3.315   -9.291  1.00 15.17 ? 50  ILE A N   1 
ATOM   386  C CA  . ILE A 1 50  ? 6.463   3.193   -10.742 1.00 15.96 ? 50  ILE A CA  1 
ATOM   387  C C   . ILE A 1 50  ? 5.567   4.294   -11.279 1.00 16.89 ? 50  ILE A C   1 
ATOM   388  O O   . ILE A 1 50  ? 4.357   4.292   -11.052 1.00 15.81 ? 50  ILE A O   1 
ATOM   389  C CB  . ILE A 1 50  ? 5.921   1.823   -11.183 1.00 16.87 ? 50  ILE A CB  1 
ATOM   390  C CG1 . ILE A 1 50  ? 6.788   0.709   -10.586 1.00 17.20 ? 50  ILE A CG1 1 
ATOM   391  C CG2 . ILE A 1 50  ? 5.928   1.734   -12.717 1.00 16.90 ? 50  ILE A CG2 1 
ATOM   392  C CD1 . ILE A 1 50  ? 6.223   -0.686  -10.758 1.00 22.55 ? 50  ILE A CD1 1 
ATOM   393  N N   . PRO A 1 51  ? 6.159   5.260   -11.999 1.00 17.03 ? 51  PRO A N   1 
ATOM   394  C CA  . PRO A 1 51  ? 5.425   6.385   -12.577 1.00 17.64 ? 51  PRO A CA  1 
ATOM   395  C C   . PRO A 1 51  ? 4.225   5.894   -13.375 1.00 17.29 ? 51  PRO A C   1 
ATOM   396  O O   . PRO A 1 51  ? 4.347   4.960   -14.167 1.00 18.47 ? 51  PRO A O   1 
ATOM   397  C CB  . PRO A 1 51  ? 6.461   7.051   -13.479 1.00 20.35 ? 51  PRO A CB  1 
ATOM   398  C CG  . PRO A 1 51  ? 7.756   6.730   -12.815 1.00 22.16 ? 51  PRO A CG  1 
ATOM   399  C CD  . PRO A 1 51  ? 7.572   5.286   -12.413 1.00 20.51 ? 51  PRO A CD  1 
ATOM   400  N N   . GLY A 1 52  ? 3.075   6.521   -13.157 1.00 16.31 ? 52  GLY A N   1 
ATOM   401  C CA  . GLY A 1 52  ? 1.869   6.153   -13.876 1.00 16.60 ? 52  GLY A CA  1 
ATOM   402  C C   . GLY A 1 52  ? 1.231   4.835   -13.477 1.00 16.10 ? 52  GLY A C   1 
ATOM   403  O O   . GLY A 1 52  ? 0.205   4.446   -14.041 1.00 15.51 ? 52  GLY A O   1 
ATOM   404  N N   . PHE A 1 53  ? 1.828   4.143   -12.512 1.00 13.67 ? 53  PHE A N   1 
ATOM   405  C CA  . PHE A 1 53  ? 1.292   2.863   -12.065 1.00 15.73 ? 53  PHE A CA  1 
ATOM   406  C C   . PHE A 1 53  ? 0.926   2.838   -10.585 1.00 14.14 ? 53  PHE A C   1 
ATOM   407  O O   . PHE A 1 53  ? -0.254  2.819   -10.227 1.00 12.24 ? 53  PHE A O   1 
ATOM   408  C CB  . PHE A 1 53  ? 2.283   1.736   -12.366 1.00 15.88 ? 53  PHE A CB  1 
ATOM   409  C CG  . PHE A 1 53  ? 2.188   1.203   -13.774 1.00 20.12 ? 53  PHE A CG  1 
ATOM   410  C CD1 . PHE A 1 53  ? 2.562   1.986   -14.863 1.00 21.87 ? 53  PHE A CD1 1 
ATOM   411  C CD2 . PHE A 1 53  ? 1.732   -0.090  -14.008 1.00 21.88 ? 53  PHE A CD2 1 
ATOM   412  C CE1 . PHE A 1 53  ? 2.483   1.489   -16.168 1.00 21.24 ? 53  PHE A CE1 1 
ATOM   413  C CE2 . PHE A 1 53  ? 1.648   -0.600  -15.306 1.00 21.72 ? 53  PHE A CE2 1 
ATOM   414  C CZ  . PHE A 1 53  ? 2.027   0.194   -16.388 1.00 21.27 ? 53  PHE A CZ  1 
ATOM   415  N N   . MET A 1 54  ? 1.930   2.841   -9.716  1.00 12.27 ? 54  MET A N   1 
ATOM   416  C CA  . MET A 1 54  ? 1.645   2.795   -8.288  1.00 13.89 ? 54  MET A CA  1 
ATOM   417  C C   . MET A 1 54  ? 2.840   3.093   -7.410  1.00 12.47 ? 54  MET A C   1 
ATOM   418  O O   . MET A 1 54  ? 3.967   3.247   -7.887  1.00 12.21 ? 54  MET A O   1 
ATOM   419  C CB  . MET A 1 54  ? 1.097   1.413   -7.926  1.00 18.53 ? 54  MET A CB  1 
ATOM   420  C CG  . MET A 1 54  ? 2.023   0.267   -8.310  1.00 26.17 ? 54  MET A CG  1 
ATOM   421  S SD  . MET A 1 54  ? 3.337   -0.049  -7.105  1.00 34.19 ? 54  MET A SD  1 
ATOM   422  C CE  . MET A 1 54  ? 3.015   -1.771  -6.750  1.00 33.42 ? 54  MET A CE  1 
ATOM   423  N N   . ILE A 1 55  ? 2.568   3.189   -6.115  1.00 9.34  ? 55  ILE A N   1 
ATOM   424  C CA  . ILE A 1 55  ? 3.612   3.419   -5.133  1.00 9.11  ? 55  ILE A CA  1 
ATOM   425  C C   . ILE A 1 55  ? 3.400   2.334   -4.082  1.00 9.97  ? 55  ILE A C   1 
ATOM   426  O O   . ILE A 1 55  ? 2.277   2.090   -3.645  1.00 10.45 ? 55  ILE A O   1 
ATOM   427  C CB  . ILE A 1 55  ? 3.517   4.832   -4.508  1.00 10.30 ? 55  ILE A CB  1 
ATOM   428  C CG1 . ILE A 1 55  ? 2.145   5.045   -3.857  1.00 10.84 ? 55  ILE A CG1 1 
ATOM   429  C CG2 . ILE A 1 55  ? 3.746   5.893   -5.607  1.00 9.22  ? 55  ILE A CG2 1 
ATOM   430  C CD1 . ILE A 1 55  ? 2.035   6.352   -3.114  1.00 15.02 ? 55  ILE A CD1 1 
ATOM   431  N N   . GLN A 1 56  ? 4.483   1.669   -3.703  1.00 11.24 ? 56  GLN A N   1 
ATOM   432  C CA  . GLN A 1 56  ? 4.428   0.568   -2.747  1.00 10.44 ? 56  GLN A CA  1 
ATOM   433  C C   . GLN A 1 56  ? 5.284   0.869   -1.523  1.00 10.80 ? 56  GLN A C   1 
ATOM   434  O O   . GLN A 1 56  ? 6.369   1.433   -1.647  1.00 9.87  ? 56  GLN A O   1 
ATOM   435  C CB  . GLN A 1 56  ? 4.931   -0.702  -3.440  1.00 9.15  ? 56  GLN A CB  1 
ATOM   436  C CG  . GLN A 1 56  ? 4.860   -1.976  -2.607  1.00 10.10 ? 56  GLN A CG  1 
ATOM   437  C CD  . GLN A 1 56  ? 5.347   -3.183  -3.390  1.00 14.88 ? 56  GLN A CD  1 
ATOM   438  O OE1 . GLN A 1 56  ? 5.193   -3.236  -4.610  1.00 17.93 ? 56  GLN A OE1 1 
ATOM   439  N NE2 . GLN A 1 56  ? 5.919   -4.164  -2.696  1.00 15.78 ? 56  GLN A NE2 1 
ATOM   440  N N   . GLY A 1 57  ? 4.801   0.491   -0.343  1.00 10.28 ? 57  GLY A N   1 
ATOM   441  C CA  . GLY A 1 57  ? 5.560   0.744   0.872   1.00 12.20 ? 57  GLY A CA  1 
ATOM   442  C C   . GLY A 1 57  ? 5.146   -0.169  2.011   1.00 12.66 ? 57  GLY A C   1 
ATOM   443  O O   . GLY A 1 57  ? 4.470   -1.172  1.791   1.00 12.29 ? 57  GLY A O   1 
ATOM   444  N N   . GLY A 1 58  ? 5.575   0.169   3.223   1.00 11.54 ? 58  GLY A N   1 
ATOM   445  C CA  . GLY A 1 58  ? 5.219   -0.615  4.390   1.00 13.50 ? 58  GLY A CA  1 
ATOM   446  C C   . GLY A 1 58  ? 6.080   -1.823  4.702   1.00 15.81 ? 58  GLY A C   1 
ATOM   447  O O   . GLY A 1 58  ? 5.617   -2.742  5.370   1.00 16.16 ? 58  GLY A O   1 
ATOM   448  N N   . GLY A 1 59  ? 7.328   -1.838  4.241   1.00 16.62 ? 59  GLY A N   1 
ATOM   449  C CA  . GLY A 1 59  ? 8.171   -2.985  4.524   1.00 17.76 ? 59  GLY A CA  1 
ATOM   450  C C   . GLY A 1 59  ? 9.613   -2.700  4.899   1.00 17.88 ? 59  GLY A C   1 
ATOM   451  O O   . GLY A 1 59  ? 10.258  -3.518  5.556   1.00 19.09 ? 59  GLY A O   1 
ATOM   452  N N   . PHE A 1 60  ? 10.123  -1.540  4.502   1.00 16.78 ? 60  PHE A N   1 
ATOM   453  C CA  . PHE A 1 60  ? 11.517  -1.196  4.772   1.00 16.47 ? 60  PHE A CA  1 
ATOM   454  C C   . PHE A 1 60  ? 11.678  0.112   5.532   1.00 16.59 ? 60  PHE A C   1 
ATOM   455  O O   . PHE A 1 60  ? 10.881  1.035   5.373   1.00 14.12 ? 60  PHE A O   1 
ATOM   456  C CB  . PHE A 1 60  ? 12.276  -1.120  3.443   1.00 16.77 ? 60  PHE A CB  1 
ATOM   457  C CG  . PHE A 1 60  ? 12.332  -2.432  2.709   1.00 19.52 ? 60  PHE A CG  1 
ATOM   458  C CD1 . PHE A 1 60  ? 13.441  -3.266  2.833   1.00 21.39 ? 60  PHE A CD1 1 
ATOM   459  C CD2 . PHE A 1 60  ? 11.263  -2.850  1.918   1.00 20.02 ? 60  PHE A CD2 1 
ATOM   460  C CE1 . PHE A 1 60  ? 13.484  -4.500  2.183   1.00 22.62 ? 60  PHE A CE1 1 
ATOM   461  C CE2 . PHE A 1 60  ? 11.294  -4.082  1.266   1.00 20.99 ? 60  PHE A CE2 1 
ATOM   462  C CZ  . PHE A 1 60  ? 12.407  -4.908  1.396   1.00 21.46 ? 60  PHE A CZ  1 
ATOM   463  N N   . THR A 1 61  ? 12.712  0.191   6.361   1.00 17.96 ? 61  THR A N   1 
ATOM   464  C CA  . THR A 1 61  ? 12.968  1.410   7.122   1.00 19.22 ? 61  THR A CA  1 
ATOM   465  C C   . THR A 1 61  ? 13.673  2.394   6.206   1.00 19.66 ? 61  THR A C   1 
ATOM   466  O O   . THR A 1 61  ? 13.925  2.093   5.042   1.00 17.97 ? 61  THR A O   1 
ATOM   467  C CB  . THR A 1 61  ? 13.869  1.135   8.340   1.00 19.89 ? 61  THR A CB  1 
ATOM   468  O OG1 . THR A 1 61  ? 15.147  0.670   7.888   1.00 21.28 ? 61  THR A OG1 1 
ATOM   469  C CG2 . THR A 1 61  ? 13.240  0.085   9.234   1.00 21.14 ? 61  THR A CG2 1 
ATOM   470  N N   . GLU A 1 62  ? 13.986  3.574   6.732   1.00 20.86 ? 62  GLU A N   1 
ATOM   471  C CA  . GLU A 1 62  ? 14.678  4.591   5.950   1.00 23.84 ? 62  GLU A CA  1 
ATOM   472  C C   . GLU A 1 62  ? 16.078  4.120   5.579   1.00 24.42 ? 62  GLU A C   1 
ATOM   473  O O   . GLU A 1 62  ? 16.678  4.620   4.632   1.00 25.03 ? 62  GLU A O   1 
ATOM   474  C CB  . GLU A 1 62  ? 14.801  5.891   6.743   1.00 25.05 ? 62  GLU A CB  1 
ATOM   475  C CG  . GLU A 1 62  ? 13.486  6.498   7.176   1.00 27.62 ? 62  GLU A CG  1 
ATOM   476  C CD  . GLU A 1 62  ? 13.686  7.835   7.861   1.00 27.37 ? 62  GLU A CD  1 
ATOM   477  O OE1 . GLU A 1 62  ? 14.263  8.734   7.219   1.00 27.26 ? 62  GLU A OE1 1 
ATOM   478  O OE2 . GLU A 1 62  ? 13.271  7.981   9.028   1.00 28.61 ? 62  GLU A OE2 1 
ATOM   479  N N   . GLN A 1 63  ? 16.593  3.161   6.340   1.00 27.88 ? 63  GLN A N   1 
ATOM   480  C CA  . GLN A 1 63  ? 17.929  2.626   6.113   1.00 31.08 ? 63  GLN A CA  1 
ATOM   481  C C   . GLN A 1 63  ? 17.904  1.445   5.150   1.00 31.94 ? 63  GLN A C   1 
ATOM   482  O O   . GLN A 1 63  ? 18.883  0.708   5.033   1.00 32.47 ? 63  GLN A O   1 
ATOM   483  C CB  . GLN A 1 63  ? 18.549  2.204   7.447   1.00 34.11 ? 63  GLN A CB  1 
ATOM   484  C CG  . GLN A 1 63  ? 18.329  3.230   8.553   1.00 36.61 ? 63  GLN A CG  1 
ATOM   485  C CD  . GLN A 1 63  ? 18.783  4.625   8.154   1.00 39.52 ? 63  GLN A CD  1 
ATOM   486  O OE1 . GLN A 1 63  ? 18.217  5.624   8.599   1.00 40.94 ? 63  GLN A OE1 1 
ATOM   487  N NE2 . GLN A 1 63  ? 19.817  4.697   7.319   1.00 41.06 ? 63  GLN A NE2 1 
ATOM   488  N N   . MET A 1 64  ? 16.774  1.266   4.473   1.00 31.22 ? 64  MET A N   1 
ATOM   489  C CA  . MET A 1 64  ? 16.618  0.191   3.497   1.00 31.82 ? 64  MET A CA  1 
ATOM   490  C C   . MET A 1 64  ? 16.628  -1.187  4.148   1.00 30.28 ? 64  MET A C   1 
ATOM   491  O O   . MET A 1 64  ? 16.883  -2.185  3.480   1.00 29.24 ? 64  MET A O   1 
ATOM   492  C CB  . MET A 1 64  ? 17.746  0.262   2.469   1.00 34.60 ? 64  MET A CB  1 
ATOM   493  C CG  . MET A 1 64  ? 17.387  -0.263  1.100   1.00 39.15 ? 64  MET A CG  1 
ATOM   494  S SD  . MET A 1 64  ? 16.756  1.046   0.054   1.00 42.14 ? 64  MET A SD  1 
ATOM   495  C CE  . MET A 1 64  ? 14.985  0.827   0.246   1.00 39.96 ? 64  MET A CE  1 
ATOM   496  N N   . GLN A 1 65  ? 16.360  -1.242  5.449   1.00 30.08 ? 65  GLN A N   1 
ATOM   497  C CA  . GLN A 1 65  ? 16.337  -2.512  6.166   1.00 30.47 ? 65  GLN A CA  1 
ATOM   498  C C   . GLN A 1 65  ? 14.921  -3.077  6.236   1.00 30.16 ? 65  GLN A C   1 
ATOM   499  O O   . GLN A 1 65  ? 13.978  -2.380  6.611   1.00 26.99 ? 65  GLN A O   1 
ATOM   500  C CB  . GLN A 1 65  ? 16.886  -2.337  7.583   1.00 33.69 ? 65  GLN A CB  1 
ATOM   501  C CG  . GLN A 1 65  ? 18.322  -1.839  7.644   1.00 37.95 ? 65  GLN A CG  1 
ATOM   502  C CD  . GLN A 1 65  ? 18.878  -1.840  9.059   1.00 41.13 ? 65  GLN A CD  1 
ATOM   503  O OE1 . GLN A 1 65  ? 18.319  -1.213  9.961   1.00 42.06 ? 65  GLN A OE1 1 
ATOM   504  N NE2 . GLN A 1 65  ? 19.987  -2.544  9.257   1.00 43.70 ? 65  GLN A NE2 1 
ATOM   505  N N   . GLN A 1 66  ? 14.779  -4.349  5.885   1.00 31.20 ? 66  GLN A N   1 
ATOM   506  C CA  . GLN A 1 66  ? 13.480  -5.004  5.902   1.00 32.17 ? 66  GLN A CA  1 
ATOM   507  C C   . GLN A 1 66  ? 13.029  -5.283  7.329   1.00 31.25 ? 66  GLN A C   1 
ATOM   508  O O   . GLN A 1 66  ? 13.778  -5.840  8.130   1.00 32.55 ? 66  GLN A O   1 
ATOM   509  C CB  . GLN A 1 66  ? 13.548  -6.305  5.098   1.00 33.93 ? 66  GLN A CB  1 
ATOM   510  C CG  . GLN A 1 66  ? 12.246  -7.082  5.051   1.00 37.59 ? 66  GLN A CG  1 
ATOM   511  C CD  . GLN A 1 66  ? 12.215  -8.075  3.907   1.00 39.44 ? 66  GLN A CD  1 
ATOM   512  O OE1 . GLN A 1 66  ? 13.158  -8.844  3.712   1.00 41.20 ? 66  GLN A OE1 1 
ATOM   513  N NE2 . GLN A 1 66  ? 11.125  -8.071  3.147   1.00 41.12 ? 66  GLN A NE2 1 
ATOM   514  N N   . LYS A 1 67  ? 11.804  -4.883  7.649   1.00 29.30 ? 67  LYS A N   1 
ATOM   515  C CA  . LYS A 1 67  ? 11.273  -5.098  8.986   1.00 29.52 ? 67  LYS A CA  1 
ATOM   516  C C   . LYS A 1 67  ? 10.591  -6.456  9.100   1.00 28.86 ? 67  LYS A C   1 
ATOM   517  O O   . LYS A 1 67  ? 10.145  -7.025  8.105   1.00 28.85 ? 67  LYS A O   1 
ATOM   518  C CB  . LYS A 1 67  ? 10.285  -3.989  9.348   1.00 30.91 ? 67  LYS A CB  1 
ATOM   519  C CG  . LYS A 1 67  ? 10.897  -2.601  9.316   1.00 31.00 ? 67  LYS A CG  1 
ATOM   520  C CD  . LYS A 1 67  ? 9.921   -1.542  9.800   1.00 31.34 ? 67  LYS A CD  1 
ATOM   521  C CE  . LYS A 1 67  ? 9.630   -1.690  11.278  1.00 29.71 ? 67  LYS A CE  1 
ATOM   522  N NZ  . LYS A 1 67  ? 8.833   -0.546  11.788  1.00 29.76 ? 67  LYS A NZ  1 
ATOM   523  N N   . LYS A 1 68  ? 10.518  -6.969  10.325  1.00 28.02 ? 68  LYS A N   1 
ATOM   524  C CA  . LYS A 1 68  ? 9.900   -8.264  10.593  1.00 26.75 ? 68  LYS A CA  1 
ATOM   525  C C   . LYS A 1 68  ? 8.396   -8.089  10.755  1.00 23.60 ? 68  LYS A C   1 
ATOM   526  O O   . LYS A 1 68  ? 7.937   -7.503  11.729  1.00 21.55 ? 68  LYS A O   1 
ATOM   527  C CB  . LYS A 1 68  ? 10.494  -8.871  11.869  1.00 29.84 ? 68  LYS A CB  1 
ATOM   528  C CG  . LYS A 1 68  ? 9.904   -10.220 12.258  1.00 34.98 ? 68  LYS A CG  1 
ATOM   529  C CD  . LYS A 1 68  ? 10.521  -10.747 13.549  1.00 37.53 ? 68  LYS A CD  1 
ATOM   530  C CE  . LYS A 1 68  ? 9.913   -12.082 13.962  1.00 39.94 ? 68  LYS A CE  1 
ATOM   531  N NZ  . LYS A 1 68  ? 8.442   -11.982 14.181  1.00 41.75 ? 68  LYS A NZ  1 
ATOM   532  N N   . PRO A 1 69  ? 7.609   -8.589  9.791   1.00 23.08 ? 69  PRO A N   1 
ATOM   533  C CA  . PRO A 1 69  ? 6.151   -8.470  9.853   1.00 22.77 ? 69  PRO A CA  1 
ATOM   534  C C   . PRO A 1 69  ? 5.487   -9.601  10.630  1.00 21.73 ? 69  PRO A C   1 
ATOM   535  O O   . PRO A 1 69  ? 6.149   -10.524 11.112  1.00 21.02 ? 69  PRO A O   1 
ATOM   536  C CB  . PRO A 1 69  ? 5.755   -8.489  8.385   1.00 23.39 ? 69  PRO A CB  1 
ATOM   537  C CG  . PRO A 1 69  ? 6.713   -9.490  7.827   1.00 24.44 ? 69  PRO A CG  1 
ATOM   538  C CD  . PRO A 1 69  ? 8.033   -9.079  8.467   1.00 23.52 ? 69  PRO A CD  1 
ATOM   539  N N   . ASN A 1 70  ? 4.169   -9.514  10.753  1.00 20.56 ? 70  ASN A N   1 
ATOM   540  C CA  . ASN A 1 70  ? 3.402   -10.540 11.443  1.00 21.04 ? 70  ASN A CA  1 
ATOM   541  C C   . ASN A 1 70  ? 3.029   -11.611 10.421  1.00 20.58 ? 70  ASN A C   1 
ATOM   542  O O   . ASN A 1 70  ? 3.316   -11.462 9.233   1.00 18.18 ? 70  ASN A O   1 
ATOM   543  C CB  . ASN A 1 70  ? 2.143   -9.924  12.067  1.00 22.58 ? 70  ASN A CB  1 
ATOM   544  C CG  . ASN A 1 70  ? 2.468   -8.975  13.205  1.00 27.09 ? 70  ASN A CG  1 
ATOM   545  O OD1 . ASN A 1 70  ? 3.364   -9.243  14.007  1.00 27.31 ? 70  ASN A OD1 1 
ATOM   546  N ND2 . ASN A 1 70  ? 1.734   -7.869  13.289  1.00 26.56 ? 70  ASN A ND2 1 
ATOM   547  N N   . PRO A 1 71  ? 2.402   -12.713 10.868  1.00 20.83 ? 71  PRO A N   1 
ATOM   548  C CA  . PRO A 1 71  ? 2.008   -13.786 9.948   1.00 20.17 ? 71  PRO A CA  1 
ATOM   549  C C   . PRO A 1 71  ? 1.157   -13.256 8.792   1.00 20.33 ? 71  PRO A C   1 
ATOM   550  O O   . PRO A 1 71  ? 0.427   -12.277 8.952   1.00 19.46 ? 71  PRO A O   1 
ATOM   551  C CB  . PRO A 1 71  ? 1.223   -14.738 10.850  1.00 20.60 ? 71  PRO A CB  1 
ATOM   552  C CG  . PRO A 1 71  ? 1.918   -14.580 12.172  1.00 19.04 ? 71  PRO A CG  1 
ATOM   553  C CD  . PRO A 1 71  ? 2.113   -13.085 12.267  1.00 20.62 ? 71  PRO A CD  1 
ATOM   554  N N   . PRO A 1 72  ? 1.244   -13.898 7.613   1.00 20.65 ? 72  PRO A N   1 
ATOM   555  C CA  . PRO A 1 72  ? 0.485   -13.497 6.420   1.00 21.11 ? 72  PRO A CA  1 
ATOM   556  C C   . PRO A 1 72  ? -1.025  -13.675 6.574   1.00 20.18 ? 72  PRO A C   1 
ATOM   557  O O   . PRO A 1 72  ? -1.478  -14.426 7.435   1.00 21.95 ? 72  PRO A O   1 
ATOM   558  C CB  . PRO A 1 72  ? 1.072   -14.387 5.327   1.00 21.07 ? 72  PRO A CB  1 
ATOM   559  C CG  . PRO A 1 72  ? 1.422   -15.638 6.079   1.00 22.17 ? 72  PRO A CG  1 
ATOM   560  C CD  . PRO A 1 72  ? 2.070   -15.087 7.329   1.00 20.61 ? 72  PRO A CD  1 
ATOM   561  N N   . ILE A 1 73  ? -1.794  -12.987 5.732   1.00 18.68 ? 73  ILE A N   1 
ATOM   562  C CA  . ILE A 1 73  ? -3.250  -13.045 5.783   1.00 17.94 ? 73  ILE A CA  1 
ATOM   563  C C   . ILE A 1 73  ? -3.853  -13.637 4.518   1.00 18.56 ? 73  ILE A C   1 
ATOM   564  O O   . ILE A 1 73  ? -3.202  -13.691 3.469   1.00 17.80 ? 73  ILE A O   1 
ATOM   565  C CB  . ILE A 1 73  ? -3.873  -11.645 5.968   1.00 18.93 ? 73  ILE A CB  1 
ATOM   566  C CG1 . ILE A 1 73  ? -3.493  -10.747 4.786   1.00 17.94 ? 73  ILE A CG1 1 
ATOM   567  C CG2 . ILE A 1 73  ? -3.409  -11.040 7.284   1.00 19.38 ? 73  ILE A CG2 1 
ATOM   568  C CD1 . ILE A 1 73  ? -4.241  -9.424  4.744   1.00 19.85 ? 73  ILE A CD1 1 
ATOM   569  N N   . LYS A 1 74  ? -5.104  -14.071 4.617   1.00 19.77 ? 74  LYS A N   1 
ATOM   570  C CA  . LYS A 1 74  ? -5.781  -14.641 3.463   1.00 20.67 ? 74  LYS A CA  1 
ATOM   571  C C   . LYS A 1 74  ? -6.087  -13.530 2.471   1.00 17.49 ? 74  LYS A C   1 
ATOM   572  O O   . LYS A 1 74  ? -6.390  -12.396 2.853   1.00 16.86 ? 74  LYS A O   1 
ATOM   573  C CB  . LYS A 1 74  ? -7.079  -15.334 3.869   1.00 24.79 ? 74  LYS A CB  1 
ATOM   574  C CG  . LYS A 1 74  ? -8.203  -14.399 4.240   1.00 30.10 ? 74  LYS A CG  1 
ATOM   575  C CD  . LYS A 1 74  ? -9.544  -15.069 4.007   1.00 35.50 ? 74  LYS A CD  1 
ATOM   576  C CE  . LYS A 1 74  ? -10.694 -14.156 4.391   1.00 37.90 ? 74  LYS A CE  1 
ATOM   577  N NZ  . LYS A 1 74  ? -12.013 -14.754 4.039   1.00 40.47 ? 74  LYS A NZ  1 
ATOM   578  N N   . ASN A 1 75  ? -6.007  -13.878 1.194   1.00 17.74 ? 75  ASN A N   1 
ATOM   579  C CA  . ASN A 1 75  ? -6.249  -12.949 0.100   1.00 16.38 ? 75  ASN A CA  1 
ATOM   580  C C   . ASN A 1 75  ? -7.743  -12.713 -0.107  1.00 16.83 ? 75  ASN A C   1 
ATOM   581  O O   . ASN A 1 75  ? -8.508  -13.656 -0.316  1.00 16.46 ? 75  ASN A O   1 
ATOM   582  C CB  . ASN A 1 75  ? -5.641  -13.516 -1.182  1.00 16.03 ? 75  ASN A CB  1 
ATOM   583  C CG  . ASN A 1 75  ? -5.484  -12.473 -2.261  1.00 13.42 ? 75  ASN A CG  1 
ATOM   584  O OD1 . ASN A 1 75  ? -6.386  -11.675 -2.501  1.00 14.63 ? 75  ASN A OD1 1 
ATOM   585  N ND2 . ASN A 1 75  ? -4.336  -12.478 -2.921  1.00 13.14 ? 75  ASN A ND2 1 
ATOM   586  N N   . GLU A 1 76  ? -8.146  -11.449 -0.056  1.00 14.61 ? 76  GLU A N   1 
ATOM   587  C CA  . GLU A 1 76  ? -9.543  -11.067 -0.235  1.00 14.71 ? 76  GLU A CA  1 
ATOM   588  C C   . GLU A 1 76  ? -9.820  -10.416 -1.595  1.00 14.89 ? 76  GLU A C   1 
ATOM   589  O O   . GLU A 1 76  ? -10.796 -9.681  -1.750  1.00 15.18 ? 76  GLU A O   1 
ATOM   590  C CB  . GLU A 1 76  ? -9.952  -10.114 0.891   1.00 15.46 ? 76  GLU A CB  1 
ATOM   591  C CG  . GLU A 1 76  ? -10.087 -10.800 2.247   1.00 16.76 ? 76  GLU A CG  1 
ATOM   592  C CD  . GLU A 1 76  ? -10.370 -9.830  3.385   1.00 17.98 ? 76  GLU A CD  1 
ATOM   593  O OE1 . GLU A 1 76  ? -11.173 -10.177 4.277   1.00 16.60 ? 76  GLU A OE1 1 
ATOM   594  O OE2 . GLU A 1 76  ? -9.772  -8.730  3.404   1.00 16.81 ? 76  GLU A OE2 1 
ATOM   595  N N   . ALA A 1 77  ? -8.977  -10.702 -2.584  1.00 14.13 ? 77  ALA A N   1 
ATOM   596  C CA  . ALA A 1 77  ? -9.129  -10.122 -3.922  1.00 14.22 ? 77  ALA A CA  1 
ATOM   597  C C   . ALA A 1 77  ? -10.431 -10.484 -4.629  1.00 15.18 ? 77  ALA A C   1 
ATOM   598  O O   . ALA A 1 77  ? -10.786 -9.871  -5.638  1.00 13.55 ? 77  ALA A O   1 
ATOM   599  C CB  . ALA A 1 77  ? -7.948  -10.518 -4.796  1.00 15.61 ? 77  ALA A CB  1 
ATOM   600  N N   . ASP A 1 78  ? -11.140 -11.481 -4.110  1.00 16.13 ? 78  ASP A N   1 
ATOM   601  C CA  . ASP A 1 78  ? -12.405 -11.881 -4.722  1.00 18.29 ? 78  ASP A CA  1 
ATOM   602  C C   . ASP A 1 78  ? -13.587 -11.109 -4.126  1.00 19.02 ? 78  ASP A C   1 
ATOM   603  O O   . ASP A 1 78  ? -14.739 -11.526 -4.254  1.00 17.99 ? 78  ASP A O   1 
ATOM   604  C CB  . ASP A 1 78  ? -12.604 -13.396 -4.565  1.00 19.60 ? 78  ASP A CB  1 
ATOM   605  C CG  . ASP A 1 78  ? -12.696 -13.836 -3.113  1.00 22.72 ? 78  ASP A CG  1 
ATOM   606  O OD1 . ASP A 1 78  ? -12.121 -13.161 -2.235  1.00 24.76 ? 78  ASP A OD1 1 
ATOM   607  O OD2 . ASP A 1 78  ? -13.331 -14.877 -2.850  1.00 26.37 ? 78  ASP A OD2 1 
ATOM   608  N N   . ASN A 1 79  ? -13.298 -9.971  -3.494  1.00 18.44 ? 79  ASN A N   1 
ATOM   609  C CA  . ASN A 1 79  ? -14.346 -9.158  -2.877  1.00 16.66 ? 79  ASN A CA  1 
ATOM   610  C C   . ASN A 1 79  ? -15.029 -8.188  -3.839  1.00 17.80 ? 79  ASN A C   1 
ATOM   611  O O   . ASN A 1 79  ? -15.867 -7.385  -3.429  1.00 17.90 ? 79  ASN A O   1 
ATOM   612  C CB  . ASN A 1 79  ? -13.793 -8.399  -1.661  1.00 16.93 ? 79  ASN A CB  1 
ATOM   613  C CG  . ASN A 1 79  ? -12.712 -7.381  -2.023  1.00 18.03 ? 79  ASN A CG  1 
ATOM   614  O OD1 . ASN A 1 79  ? -12.119 -6.754  -1.134  1.00 18.25 ? 79  ASN A OD1 1 
ATOM   615  N ND2 . ASN A 1 79  ? -12.458 -7.209  -3.311  1.00 11.85 ? 79  ASN A ND2 1 
ATOM   616  N N   . GLY A 1 80  ? -14.670 -8.261  -5.121  1.00 18.63 ? 80  GLY A N   1 
ATOM   617  C CA  . GLY A 1 80  ? -15.292 -7.402  -6.115  1.00 18.93 ? 80  GLY A CA  1 
ATOM   618  C C   . GLY A 1 80  ? -14.652 -6.043  -6.334  1.00 19.22 ? 80  GLY A C   1 
ATOM   619  O O   . GLY A 1 80  ? -14.968 -5.364  -7.312  1.00 18.93 ? 80  GLY A O   1 
ATOM   620  N N   . LEU A 1 81  ? -13.762 -5.641  -5.432  1.00 17.56 ? 81  LEU A N   1 
ATOM   621  C CA  . LEU A 1 81  ? -13.089 -4.351  -5.549  1.00 16.62 ? 81  LEU A CA  1 
ATOM   622  C C   . LEU A 1 81  ? -12.013 -4.405  -6.627  1.00 15.45 ? 81  LEU A C   1 
ATOM   623  O O   . LEU A 1 81  ? -11.274 -5.378  -6.729  1.00 17.80 ? 81  LEU A O   1 
ATOM   624  C CB  . LEU A 1 81  ? -12.464 -3.947  -4.204  1.00 17.95 ? 81  LEU A CB  1 
ATOM   625  C CG  . LEU A 1 81  ? -13.437 -3.518  -3.097  1.00 20.90 ? 81  LEU A CG  1 
ATOM   626  C CD1 . LEU A 1 81  ? -14.378 -4.660  -2.778  1.00 25.61 ? 81  LEU A CD1 1 
ATOM   627  C CD2 . LEU A 1 81  ? -12.674 -3.096  -1.850  1.00 20.16 ? 81  LEU A CD2 1 
ATOM   628  N N   . ARG A 1 82  ? -11.928 -3.352  -7.429  1.00 15.00 ? 82  ARG A N   1 
ATOM   629  C CA  . ARG A 1 82  ? -10.948 -3.295  -8.504  1.00 15.25 ? 82  ARG A CA  1 
ATOM   630  C C   . ARG A 1 82  ? -9.799  -2.346  -8.184  1.00 12.98 ? 82  ARG A C   1 
ATOM   631  O O   . ARG A 1 82  ? -9.965  -1.363  -7.454  1.00 11.65 ? 82  ARG A O   1 
ATOM   632  C CB  . ARG A 1 82  ? -11.613 -2.839  -9.803  1.00 16.58 ? 82  ARG A CB  1 
ATOM   633  C CG  . ARG A 1 82  ? -12.740 -3.735  -10.315 1.00 19.85 ? 82  ARG A CG  1 
ATOM   634  C CD  . ARG A 1 82  ? -13.170 -3.286  -11.713 1.00 21.84 ? 82  ARG A CD  1 
ATOM   635  N NE  . ARG A 1 82  ? -14.237 -4.108  -12.283 1.00 25.39 ? 82  ARG A NE  1 
ATOM   636  C CZ  . ARG A 1 82  ? -15.537 -3.902  -12.088 1.00 25.50 ? 82  ARG A CZ  1 
ATOM   637  N NH1 . ARG A 1 82  ? -15.949 -2.895  -11.332 1.00 25.38 ? 82  ARG A NH1 1 
ATOM   638  N NH2 . ARG A 1 82  ? -16.430 -4.701  -12.661 1.00 25.93 ? 82  ARG A NH2 1 
ATOM   639  N N   . ASN A 1 83  ? -8.635  -2.650  -8.745  1.00 11.62 ? 83  ASN A N   1 
ATOM   640  C CA  . ASN A 1 83  ? -7.444  -1.834  -8.559  1.00 12.01 ? 83  ASN A CA  1 
ATOM   641  C C   . ASN A 1 83  ? -7.502  -0.605  -9.464  1.00 13.09 ? 83  ASN A C   1 
ATOM   642  O O   . ASN A 1 83  ? -6.753  -0.508  -10.433 1.00 14.20 ? 83  ASN A O   1 
ATOM   643  C CB  . ASN A 1 83  ? -6.192  -2.665  -8.874  1.00 12.13 ? 83  ASN A CB  1 
ATOM   644  C CG  . ASN A 1 83  ? -5.812  -3.595  -7.738  1.00 13.47 ? 83  ASN A CG  1 
ATOM   645  O OD1 . ASN A 1 83  ? -5.109  -3.201  -6.800  1.00 12.13 ? 83  ASN A OD1 1 
ATOM   646  N ND2 . ASN A 1 83  ? -6.291  -4.832  -7.802  1.00 13.81 ? 83  ASN A ND2 1 
ATOM   647  N N   . THR A 1 84  ? -8.399  0.324   -9.149  1.00 12.27 ? 84  THR A N   1 
ATOM   648  C CA  . THR A 1 84  ? -8.533  1.551   -9.932  1.00 13.82 ? 84  THR A CA  1 
ATOM   649  C C   . THR A 1 84  ? -7.766  2.687   -9.255  1.00 13.87 ? 84  THR A C   1 
ATOM   650  O O   . THR A 1 84  ? -7.361  2.567   -8.099  1.00 12.25 ? 84  THR A O   1 
ATOM   651  C CB  . THR A 1 84  ? -10.015 1.971   -10.079 1.00 13.56 ? 84  THR A CB  1 
ATOM   652  O OG1 . THR A 1 84  ? -10.613 2.095   -8.782  1.00 17.06 ? 84  THR A OG1 1 
ATOM   653  C CG2 . THR A 1 84  ? -10.785 0.936   -10.885 1.00 18.13 ? 84  THR A CG2 1 
ATOM   654  N N   . ARG A 1 85  ? -7.562  3.789   -9.972  1.00 14.10 ? 85  ARG A N   1 
ATOM   655  C CA  . ARG A 1 85  ? -6.835  4.918   -9.402  1.00 13.63 ? 85  ARG A CA  1 
ATOM   656  C C   . ARG A 1 85  ? -7.410  5.336   -8.053  1.00 13.75 ? 85  ARG A C   1 
ATOM   657  O O   . ARG A 1 85  ? -8.625  5.477   -7.902  1.00 14.11 ? 85  ARG A O   1 
ATOM   658  C CB  . ARG A 1 85  ? -6.866  6.118   -10.356 1.00 15.46 ? 85  ARG A CB  1 
ATOM   659  C CG  . ARG A 1 85  ? -6.271  7.391   -9.760  1.00 14.90 ? 85  ARG A CG  1 
ATOM   660  C CD  . ARG A 1 85  ? -6.278  8.519   -10.786 1.00 16.63 ? 85  ARG A CD  1 
ATOM   661  N NE  . ARG A 1 85  ? -5.947  9.819   -10.209 1.00 15.53 ? 85  ARG A NE  1 
ATOM   662  C CZ  . ARG A 1 85  ? -4.722  10.210  -9.867  1.00 17.22 ? 85  ARG A CZ  1 
ATOM   663  N NH1 . ARG A 1 85  ? -4.539  11.416  -9.348  1.00 18.01 ? 85  ARG A NH1 1 
ATOM   664  N NH2 . ARG A 1 85  ? -3.680  9.410   -10.055 1.00 13.60 ? 85  ARG A NH2 1 
ATOM   665  N N   . GLY A 1 86  ? -6.531  5.529   -7.074  1.00 12.87 ? 86  GLY A N   1 
ATOM   666  C CA  . GLY A 1 86  ? -6.970  5.956   -5.759  1.00 14.46 ? 86  GLY A CA  1 
ATOM   667  C C   . GLY A 1 86  ? -7.214  4.849   -4.752  1.00 14.41 ? 86  GLY A C   1 
ATOM   668  O O   . GLY A 1 86  ? -7.499  5.132   -3.592  1.00 18.45 ? 86  GLY A O   1 
ATOM   669  N N   . THR A 1 87  ? -7.106  3.594   -5.176  1.00 12.52 ? 87  THR A N   1 
ATOM   670  C CA  . THR A 1 87  ? -7.333  2.482   -4.264  1.00 12.39 ? 87  THR A CA  1 
ATOM   671  C C   . THR A 1 87  ? -6.050  1.991   -3.629  1.00 12.11 ? 87  THR A C   1 
ATOM   672  O O   . THR A 1 87  ? -4.961  2.202   -4.159  1.00 11.47 ? 87  THR A O   1 
ATOM   673  C CB  . THR A 1 87  ? -7.989  1.283   -4.979  1.00 13.51 ? 87  THR A CB  1 
ATOM   674  O OG1 . THR A 1 87  ? -7.180  0.891   -6.093  1.00 13.54 ? 87  THR A OG1 1 
ATOM   675  C CG2 . THR A 1 87  ? -9.383  1.646   -5.470  1.00 13.66 ? 87  THR A CG2 1 
ATOM   676  N N   . ILE A 1 88  ? -6.185  1.338   -2.480  1.00 12.23 ? 88  ILE A N   1 
ATOM   677  C CA  . ILE A 1 88  ? -5.037  0.781   -1.793  1.00 11.35 ? 88  ILE A CA  1 
ATOM   678  C C   . ILE A 1 88  ? -5.235  -0.728  -1.739  1.00 11.59 ? 88  ILE A C   1 
ATOM   679  O O   . ILE A 1 88  ? -6.332  -1.213  -1.444  1.00 12.50 ? 88  ILE A O   1 
ATOM   680  C CB  . ILE A 1 88  ? -4.873  1.372   -0.371  1.00 10.97 ? 88  ILE A CB  1 
ATOM   681  C CG1 . ILE A 1 88  ? -3.617  0.792   0.279   1.00 13.00 ? 88  ILE A CG1 1 
ATOM   682  C CG2 . ILE A 1 88  ? -6.118  1.100   0.481   1.00 11.21 ? 88  ILE A CG2 1 
ATOM   683  C CD1 . ILE A 1 88  ? -3.266  1.424   1.626   1.00 14.32 ? 88  ILE A CD1 1 
ATOM   684  N N   . ALA A 1 89  ? -4.173  -1.462  -2.054  1.00 9.82  ? 89  ALA A N   1 
ATOM   685  C CA  . ALA A 1 89  ? -4.224  -2.918  -2.084  1.00 10.76 ? 89  ALA A CA  1 
ATOM   686  C C   . ALA A 1 89  ? -3.013  -3.534  -1.405  1.00 11.62 ? 89  ALA A C   1 
ATOM   687  O O   . ALA A 1 89  ? -2.016  -2.860  -1.150  1.00 10.25 ? 89  ALA A O   1 
ATOM   688  C CB  . ALA A 1 89  ? -4.320  -3.402  -3.537  1.00 11.82 ? 89  ALA A CB  1 
ATOM   689  N N   . MET A 1 90  ? -3.113  -4.824  -1.107  1.00 11.95 ? 90  MET A N   1 
ATOM   690  C CA  . MET A 1 90  ? -2.034  -5.538  -0.445  1.00 12.44 ? 90  MET A CA  1 
ATOM   691  C C   . MET A 1 90  ? -1.047  -6.145  -1.420  1.00 12.52 ? 90  MET A C   1 
ATOM   692  O O   . MET A 1 90  ? -1.438  -6.790  -2.390  1.00 12.54 ? 90  MET A O   1 
ATOM   693  C CB  . MET A 1 90  ? -2.599  -6.652  0.445   1.00 12.81 ? 90  MET A CB  1 
ATOM   694  C CG  . MET A 1 90  ? -3.349  -6.146  1.672   1.00 13.73 ? 90  MET A CG  1 
ATOM   695  S SD  . MET A 1 90  ? -2.324  -5.036  2.682   1.00 15.40 ? 90  MET A SD  1 
ATOM   696  C CE  . MET A 1 90  ? -1.072  -6.172  3.260   1.00 15.32 ? 90  MET A CE  1 
ATOM   697  N N   . ALA A 1 91  ? 0.239   -5.937  -1.154  1.00 13.31 ? 91  ALA A N   1 
ATOM   698  C CA  . ALA A 1 91  ? 1.283   -6.504  -1.990  1.00 13.33 ? 91  ALA A CA  1 
ATOM   699  C C   . ALA A 1 91  ? 1.498   -7.917  -1.468  1.00 15.44 ? 91  ALA A C   1 
ATOM   700  O O   . ALA A 1 91  ? 1.178   -8.211  -0.317  1.00 14.55 ? 91  ALA A O   1 
ATOM   701  C CB  . ALA A 1 91  ? 2.570   -5.691  -1.862  1.00 15.17 ? 91  ALA A CB  1 
ATOM   702  N N   . ARG A 1 92  ? 2.030   -8.791  -2.311  1.00 15.46 ? 92  ARG A N   1 
ATOM   703  C CA  . ARG A 1 92  ? 2.274   -10.170 -1.902  1.00 18.95 ? 92  ARG A CA  1 
ATOM   704  C C   . ARG A 1 92  ? 3.251   -10.824 -2.862  1.00 20.57 ? 92  ARG A C   1 
ATOM   705  O O   . ARG A 1 92  ? 3.598   -10.247 -3.892  1.00 21.14 ? 92  ARG A O   1 
ATOM   706  C CB  . ARG A 1 92  ? 0.970   -10.965 -1.912  1.00 17.14 ? 92  ARG A CB  1 
ATOM   707  C CG  . ARG A 1 92  ? 0.374   -11.171 -3.304  1.00 18.69 ? 92  ARG A CG  1 
ATOM   708  C CD  . ARG A 1 92  ? -0.907  -11.977 -3.226  1.00 18.36 ? 92  ARG A CD  1 
ATOM   709  N NE  . ARG A 1 92  ? -1.591  -12.095 -4.512  1.00 18.00 ? 92  ARG A NE  1 
ATOM   710  C CZ  . ARG A 1 92  ? -1.208  -12.891 -5.506  1.00 20.12 ? 92  ARG A CZ  1 
ATOM   711  N NH1 . ARG A 1 92  ? -1.910  -12.926 -6.632  1.00 22.13 ? 92  ARG A NH1 1 
ATOM   712  N NH2 . ARG A 1 92  ? -0.132  -13.657 -5.383  1.00 21.00 ? 92  ARG A NH2 1 
ATOM   713  N N   . THR A 1 93  ? 3.693   -12.028 -2.518  1.00 22.01 ? 93  THR A N   1 
ATOM   714  C CA  . THR A 1 93  ? 4.603   -12.765 -3.376  1.00 24.50 ? 93  THR A CA  1 
ATOM   715  C C   . THR A 1 93  ? 3.798   -13.772 -4.193  1.00 25.72 ? 93  THR A C   1 
ATOM   716  O O   . THR A 1 93  ? 2.600   -13.583 -4.410  1.00 26.19 ? 93  THR A O   1 
ATOM   717  C CB  . THR A 1 93  ? 5.689   -13.490 -2.552  1.00 24.36 ? 93  THR A CB  1 
ATOM   718  O OG1 . THR A 1 93  ? 5.080   -14.202 -1.468  1.00 26.78 ? 93  THR A OG1 1 
ATOM   719  C CG2 . THR A 1 93  ? 6.690   -12.482 -1.991  1.00 24.35 ? 93  THR A CG2 1 
ATOM   720  N N   . ALA A 1 94  ? 4.461   -14.832 -4.640  1.00 27.44 ? 94  ALA A N   1 
ATOM   721  C CA  . ALA A 1 94  ? 3.836   -15.872 -5.453  1.00 27.97 ? 94  ALA A CA  1 
ATOM   722  C C   . ALA A 1 94  ? 2.518   -16.415 -4.907  1.00 26.75 ? 94  ALA A C   1 
ATOM   723  O O   . ALA A 1 94  ? 1.504   -16.415 -5.605  1.00 26.74 ? 94  ALA A O   1 
ATOM   724  C CB  . ALA A 1 94  ? 4.821   -17.022 -5.650  1.00 29.08 ? 94  ALA A CB  1 
ATOM   725  N N   . ASP A 1 95  ? 2.542   -16.889 -3.664  1.00 26.52 ? 95  ASP A N   1 
ATOM   726  C CA  . ASP A 1 95  ? 1.353   -17.459 -3.032  1.00 27.16 ? 95  ASP A CA  1 
ATOM   727  C C   . ASP A 1 95  ? 0.284   -16.401 -2.807  1.00 25.02 ? 95  ASP A C   1 
ATOM   728  O O   . ASP A 1 95  ? 0.582   -15.305 -2.337  1.00 22.29 ? 95  ASP A O   1 
ATOM   729  C CB  . ASP A 1 95  ? 1.727   -18.102 -1.692  1.00 30.89 ? 95  ASP A CB  1 
ATOM   730  C CG  . ASP A 1 95  ? 0.612   -18.957 -1.122  1.00 35.25 ? 95  ASP A CG  1 
ATOM   731  O OD1 . ASP A 1 95  ? -0.456  -18.410 -0.767  1.00 37.26 ? 95  ASP A OD1 1 
ATOM   732  O OD2 . ASP A 1 95  ? 0.805   -20.188 -1.032  1.00 38.68 ? 95  ASP A OD2 1 
ATOM   733  N N   . LYS A 1 96  ? -0.963  -16.730 -3.129  1.00 22.46 ? 96  LYS A N   1 
ATOM   734  C CA  . LYS A 1 96  ? -2.043  -15.770 -2.954  1.00 22.21 ? 96  LYS A CA  1 
ATOM   735  C C   . LYS A 1 96  ? -2.240  -15.332 -1.505  1.00 20.64 ? 96  LYS A C   1 
ATOM   736  O O   . LYS A 1 96  ? -2.625  -14.197 -1.257  1.00 19.18 ? 96  LYS A O   1 
ATOM   737  C CB  . LYS A 1 96  ? -3.362  -16.317 -3.516  1.00 23.01 ? 96  LYS A CB  1 
ATOM   738  C CG  . LYS A 1 96  ? -3.978  -17.460 -2.736  1.00 25.20 ? 96  LYS A CG  1 
ATOM   739  C CD  . LYS A 1 96  ? -5.376  -17.766 -3.263  1.00 24.97 ? 96  LYS A CD  1 
ATOM   740  C CE  . LYS A 1 96  ? -6.031  -18.898 -2.490  1.00 27.84 ? 96  LYS A CE  1 
ATOM   741  N NZ  . LYS A 1 96  ? -5.259  -20.164 -2.626  1.00 31.99 ? 96  LYS A NZ  1 
ATOM   742  N N   . ASP A 1 97  ? -1.971  -16.213 -0.544  1.00 19.59 ? 97  ASP A N   1 
ATOM   743  C CA  . ASP A 1 97  ? -2.146  -15.839 0.858   1.00 20.57 ? 97  ASP A CA  1 
ATOM   744  C C   . ASP A 1 97  ? -0.826  -15.518 1.549   1.00 19.25 ? 97  ASP A C   1 
ATOM   745  O O   . ASP A 1 97  ? -0.592  -15.937 2.682   1.00 19.93 ? 97  ASP A O   1 
ATOM   746  C CB  . ASP A 1 97  ? -2.865  -16.953 1.621   1.00 23.06 ? 97  ASP A CB  1 
ATOM   747  C CG  . ASP A 1 97  ? -4.209  -17.308 1.008   1.00 24.05 ? 97  ASP A CG  1 
ATOM   748  O OD1 . ASP A 1 97  ? -4.999  -16.392 0.704   1.00 22.18 ? 97  ASP A OD1 1 
ATOM   749  O OD2 . ASP A 1 97  ? -4.473  -18.511 0.840   1.00 26.46 ? 97  ASP A OD2 1 
ATOM   750  N N   . SER A 1 98  ? 0.032   -14.763 0.874   1.00 18.74 ? 98  SER A N   1 
ATOM   751  C CA  . SER A 1 98  ? 1.328   -14.410 1.442   1.00 17.14 ? 98  SER A CA  1 
ATOM   752  C C   . SER A 1 98  ? 1.475   -12.934 1.806   1.00 16.15 ? 98  SER A C   1 
ATOM   753  O O   . SER A 1 98  ? 2.559   -12.496 2.166   1.00 15.46 ? 98  SER A O   1 
ATOM   754  C CB  . SER A 1 98  ? 2.444   -14.806 0.471   1.00 18.81 ? 98  SER A CB  1 
ATOM   755  O OG  . SER A 1 98  ? 2.264   -14.172 -0.789  1.00 19.40 ? 98  SER A OG  1 
ATOM   756  N N   . ALA A 1 99  ? 0.395   -12.167 1.715   1.00 15.39 ? 99  ALA A N   1 
ATOM   757  C CA  . ALA A 1 99  ? 0.473   -10.751 2.051   1.00 15.18 ? 99  ALA A CA  1 
ATOM   758  C C   . ALA A 1 99  ? 0.719   -10.555 3.538   1.00 15.02 ? 99  ALA A C   1 
ATOM   759  O O   . ALA A 1 99  ? 0.153   -11.268 4.370   1.00 13.44 ? 99  ALA A O   1 
ATOM   760  C CB  . ALA A 1 99  ? -0.812  -10.043 1.652   1.00 15.88 ? 99  ALA A CB  1 
ATOM   761  N N   . THR A 1 100 ? 1.585   -9.606  3.874   1.00 14.30 ? 100 THR A N   1 
ATOM   762  C CA  . THR A 1 100 ? 1.837   -9.318  5.274   1.00 13.96 ? 100 THR A CA  1 
ATOM   763  C C   . THR A 1 100 ? 1.608   -7.828  5.529   1.00 14.20 ? 100 THR A C   1 
ATOM   764  O O   . THR A 1 100 ? 0.469   -7.401  5.738   1.00 12.45 ? 100 THR A O   1 
ATOM   765  C CB  . THR A 1 100 ? 3.272   -9.728  5.724   1.00 14.94 ? 100 THR A CB  1 
ATOM   766  O OG1 . THR A 1 100 ? 4.251   -9.133  4.865   1.00 18.05 ? 100 THR A OG1 1 
ATOM   767  C CG2 . THR A 1 100 ? 3.429   -11.247 5.696   1.00 15.97 ? 100 THR A CG2 1 
ATOM   768  N N   . SER A 1 101 ? 2.667   -7.027  5.473   1.00 13.42 ? 101 SER A N   1 
ATOM   769  C CA  . SER A 1 101 ? 2.534   -5.601  5.752   1.00 13.84 ? 101 SER A CA  1 
ATOM   770  C C   . SER A 1 101 ? 2.623   -4.661  4.556   1.00 13.78 ? 101 SER A C   1 
ATOM   771  O O   . SER A 1 101 ? 2.184   -3.516  4.643   1.00 13.79 ? 101 SER A O   1 
ATOM   772  C CB  . SER A 1 101 ? 3.603   -5.185  6.765   1.00 14.93 ? 101 SER A CB  1 
ATOM   773  O OG  . SER A 1 101 ? 4.888   -5.281  6.174   1.00 14.71 ? 101 SER A OG  1 
ATOM   774  N N   . GLN A 1 102 ? 3.187   -5.128  3.447   1.00 12.19 ? 102 GLN A N   1 
ATOM   775  C CA  . GLN A 1 102 ? 3.347   -4.254  2.283   1.00 12.23 ? 102 GLN A CA  1 
ATOM   776  C C   . GLN A 1 102 ? 2.054   -3.985  1.537   1.00 12.89 ? 102 GLN A C   1 
ATOM   777  O O   . GLN A 1 102 ? 1.250   -4.884  1.313   1.00 12.34 ? 102 GLN A O   1 
ATOM   778  C CB  . GLN A 1 102 ? 4.404   -4.820  1.334   1.00 12.48 ? 102 GLN A CB  1 
ATOM   779  C CG  . GLN A 1 102 ? 5.817   -4.709  1.907   1.00 16.72 ? 102 GLN A CG  1 
ATOM   780  C CD  . GLN A 1 102 ? 6.877   -5.232  0.968   1.00 18.76 ? 102 GLN A CD  1 
ATOM   781  O OE1 . GLN A 1 102 ? 6.928   -4.847  -0.199  1.00 19.22 ? 102 GLN A OE1 1 
ATOM   782  N NE2 . GLN A 1 102 ? 7.739   -6.104  1.476   1.00 19.89 ? 102 GLN A NE2 1 
ATOM   783  N N   . PHE A 1 103 ? 1.864   -2.726  1.160   1.00 11.71 ? 103 PHE A N   1 
ATOM   784  C CA  . PHE A 1 103 ? 0.669   -2.303  0.456   1.00 10.47 ? 103 PHE A CA  1 
ATOM   785  C C   . PHE A 1 103 ? 1.080   -1.362  -0.663  1.00 11.93 ? 103 PHE A C   1 
ATOM   786  O O   . PHE A 1 103 ? 2.207   -0.864  -0.693  1.00 11.77 ? 103 PHE A O   1 
ATOM   787  C CB  . PHE A 1 103 ? -0.254  -1.553  1.417   1.00 12.37 ? 103 PHE A CB  1 
ATOM   788  C CG  . PHE A 1 103 ? 0.353   -0.291  1.985   1.00 13.38 ? 103 PHE A CG  1 
ATOM   789  C CD1 . PHE A 1 103 ? 0.291   0.908   1.280   1.00 15.70 ? 103 PHE A CD1 1 
ATOM   790  C CD2 . PHE A 1 103 ? 1.013   -0.310  3.210   1.00 14.50 ? 103 PHE A CD2 1 
ATOM   791  C CE1 . PHE A 1 103 ? 0.880   2.074   1.787   1.00 17.87 ? 103 PHE A CE1 1 
ATOM   792  C CE2 . PHE A 1 103 ? 1.608   0.846   3.731   1.00 16.63 ? 103 PHE A CE2 1 
ATOM   793  C CZ  . PHE A 1 103 ? 1.539   2.038   3.015   1.00 17.19 ? 103 PHE A CZ  1 
ATOM   794  N N   . PHE A 1 104 ? 0.176   -1.131  -1.601  1.00 10.96 ? 104 PHE A N   1 
ATOM   795  C CA  . PHE A 1 104 ? 0.479   -0.191  -2.652  1.00 10.62 ? 104 PHE A CA  1 
ATOM   796  C C   . PHE A 1 104 ? -0.753  0.620   -2.961  1.00 10.81 ? 104 PHE A C   1 
ATOM   797  O O   . PHE A 1 104 ? -1.879  0.201   -2.689  1.00 12.38 ? 104 PHE A O   1 
ATOM   798  C CB  . PHE A 1 104 ? 1.035   -0.890  -3.901  1.00 11.35 ? 104 PHE A CB  1 
ATOM   799  C CG  . PHE A 1 104 ? 0.102   -1.876  -4.539  1.00 11.17 ? 104 PHE A CG  1 
ATOM   800  C CD1 . PHE A 1 104 ? -0.765  -1.478  -5.553  1.00 11.11 ? 104 PHE A CD1 1 
ATOM   801  C CD2 . PHE A 1 104 ? 0.145   -3.226  -4.184  1.00 11.51 ? 104 PHE A CD2 1 
ATOM   802  C CE1 . PHE A 1 104 ? -1.572  -2.407  -6.202  1.00 10.60 ? 104 PHE A CE1 1 
ATOM   803  C CE2 . PHE A 1 104 ? -0.663  -4.164  -4.831  1.00 10.88 ? 104 PHE A CE2 1 
ATOM   804  C CZ  . PHE A 1 104 ? -1.518  -3.760  -5.843  1.00 11.00 ? 104 PHE A CZ  1 
ATOM   805  N N   . ILE A 1 105 ? -0.525  1.813   -3.483  1.00 9.50  ? 105 ILE A N   1 
ATOM   806  C CA  . ILE A 1 105 ? -1.615  2.701   -3.834  1.00 10.05 ? 105 ILE A CA  1 
ATOM   807  C C   . ILE A 1 105 ? -1.553  2.836   -5.341  1.00 10.32 ? 105 ILE A C   1 
ATOM   808  O O   . ILE A 1 105 ? -0.511  3.184   -5.899  1.00 9.19  ? 105 ILE A O   1 
ATOM   809  C CB  . ILE A 1 105 ? -1.460  4.095   -3.173  1.00 11.39 ? 105 ILE A CB  1 
ATOM   810  C CG1 . ILE A 1 105 ? -1.598  3.959   -1.650  1.00 13.92 ? 105 ILE A CG1 1 
ATOM   811  C CG2 . ILE A 1 105 ? -2.528  5.049   -3.717  1.00 12.75 ? 105 ILE A CG2 1 
ATOM   812  C CD1 . ILE A 1 105 ? -1.281  5.242   -0.871  1.00 14.85 ? 105 ILE A CD1 1 
ATOM   813  N N   . ASN A 1 106 ? -2.663  2.526   -5.997  1.00 9.29  ? 106 ASN A N   1 
ATOM   814  C CA  . ASN A 1 106 ? -2.742  2.624   -7.446  1.00 10.31 ? 106 ASN A CA  1 
ATOM   815  C C   . ASN A 1 106 ? -2.929  4.072   -7.846  1.00 10.69 ? 106 ASN A C   1 
ATOM   816  O O   . ASN A 1 106 ? -3.830  4.734   -7.337  1.00 13.03 ? 106 ASN A O   1 
ATOM   817  C CB  . ASN A 1 106 ? -3.931  1.814   -7.979  1.00 9.15  ? 106 ASN A CB  1 
ATOM   818  C CG  . ASN A 1 106 ? -3.762  0.331   -7.783  1.00 11.63 ? 106 ASN A CG  1 
ATOM   819  O OD1 . ASN A 1 106 ? -2.902  -0.291  -8.399  1.00 11.73 ? 106 ASN A OD1 1 
ATOM   820  N ND2 . ASN A 1 106 ? -4.588  -0.247  -6.919  1.00 11.56 ? 106 ASN A ND2 1 
ATOM   821  N N   . VAL A 1 107 ? -2.084  4.572   -8.748  1.00 11.96 ? 107 VAL A N   1 
ATOM   822  C CA  . VAL A 1 107 ? -2.234  5.945   -9.212  1.00 13.64 ? 107 VAL A CA  1 
ATOM   823  C C   . VAL A 1 107 ? -2.871  5.934   -10.593 1.00 14.30 ? 107 VAL A C   1 
ATOM   824  O O   . VAL A 1 107 ? -3.006  6.969   -11.238 1.00 14.98 ? 107 VAL A O   1 
ATOM   825  C CB  . VAL A 1 107 ? -0.889  6.709   -9.283  1.00 14.85 ? 107 VAL A CB  1 
ATOM   826  C CG1 . VAL A 1 107 ? -0.301  6.849   -7.890  1.00 16.32 ? 107 VAL A CG1 1 
ATOM   827  C CG2 . VAL A 1 107 ? 0.067   6.004   -10.217 1.00 15.72 ? 107 VAL A CG2 1 
ATOM   828  N N   . ALA A 1 108 ? -3.267  4.747   -11.037 1.00 14.35 ? 108 ALA A N   1 
ATOM   829  C CA  . ALA A 1 108 ? -3.919  4.582   -12.331 1.00 14.08 ? 108 ALA A CA  1 
ATOM   830  C C   . ALA A 1 108 ? -4.706  3.288   -12.275 1.00 14.69 ? 108 ALA A C   1 
ATOM   831  O O   . ALA A 1 108 ? -4.599  2.529   -11.313 1.00 14.66 ? 108 ALA A O   1 
ATOM   832  C CB  . ALA A 1 108 ? -2.880  4.523   -13.444 1.00 14.26 ? 108 ALA A CB  1 
ATOM   833  N N   . ASP A 1 109 ? -5.513  3.045   -13.301 1.00 16.00 ? 109 ASP A N   1 
ATOM   834  C CA  . ASP A 1 109 ? -6.305  1.828   -13.367 1.00 17.21 ? 109 ASP A CA  1 
ATOM   835  C C   . ASP A 1 109 ? -5.384  0.676   -13.756 1.00 15.53 ? 109 ASP A C   1 
ATOM   836  O O   . ASP A 1 109 ? -4.869  0.623   -14.873 1.00 16.90 ? 109 ASP A O   1 
ATOM   837  C CB  . ASP A 1 109 ? -7.420  1.983   -14.399 1.00 19.38 ? 109 ASP A CB  1 
ATOM   838  C CG  . ASP A 1 109 ? -8.493  2.964   -13.956 1.00 22.35 ? 109 ASP A CG  1 
ATOM   839  O OD1 . ASP A 1 109 ? -9.399  3.261   -14.763 1.00 26.45 ? 109 ASP A OD1 1 
ATOM   840  O OD2 . ASP A 1 109 ? -8.447  3.442   -12.801 1.00 23.23 ? 109 ASP A OD2 1 
ATOM   841  N N   . ASN A 1 110 ? -5.163  -0.240  -12.822 1.00 13.28 ? 110 ASN A N   1 
ATOM   842  C CA  . ASN A 1 110 ? -4.296  -1.382  -13.088 1.00 12.47 ? 110 ASN A CA  1 
ATOM   843  C C   . ASN A 1 110 ? -5.115  -2.664  -13.048 1.00 12.61 ? 110 ASN A C   1 
ATOM   844  O O   . ASN A 1 110 ? -4.946  -3.502  -12.161 1.00 11.55 ? 110 ASN A O   1 
ATOM   845  C CB  . ASN A 1 110 ? -3.153  -1.429  -12.067 1.00 12.73 ? 110 ASN A CB  1 
ATOM   846  C CG  . ASN A 1 110 ? -2.264  -0.195  -12.136 1.00 11.75 ? 110 ASN A CG  1 
ATOM   847  O OD1 . ASN A 1 110 ? -1.838  0.205   -13.216 1.00 13.85 ? 110 ASN A OD1 1 
ATOM   848  N ND2 . ASN A 1 110 ? -1.976  0.407   -10.982 1.00 10.62 ? 110 ASN A ND2 1 
ATOM   849  N N   . ALA A 1 111 ? -5.993  -2.811  -14.037 1.00 12.58 ? 111 ALA A N   1 
ATOM   850  C CA  . ALA A 1 111 ? -6.885  -3.962  -14.126 1.00 12.55 ? 111 ALA A CA  1 
ATOM   851  C C   . ALA A 1 111 ? -6.163  -5.295  -14.216 1.00 13.00 ? 111 ALA A C   1 
ATOM   852  O O   . ALA A 1 111 ? -6.742  -6.332  -13.892 1.00 12.73 ? 111 ALA A O   1 
ATOM   853  C CB  . ALA A 1 111 ? -7.834  -3.792  -15.307 1.00 13.37 ? 111 ALA A CB  1 
ATOM   854  N N   . PHE A 1 112 ? -4.904  -5.280  -14.642 1.00 12.76 ? 112 PHE A N   1 
ATOM   855  C CA  . PHE A 1 112 ? -4.161  -6.535  -14.736 1.00 13.44 ? 112 PHE A CA  1 
ATOM   856  C C   . PHE A 1 112 ? -3.881  -7.125  -13.354 1.00 14.54 ? 112 PHE A C   1 
ATOM   857  O O   . PHE A 1 112 ? -3.467  -8.279  -13.232 1.00 13.35 ? 112 PHE A O   1 
ATOM   858  C CB  . PHE A 1 112 ? -2.853  -6.340  -15.521 1.00 14.68 ? 112 PHE A CB  1 
ATOM   859  C CG  . PHE A 1 112 ? -1.861  -5.435  -14.850 1.00 16.68 ? 112 PHE A CG  1 
ATOM   860  C CD1 . PHE A 1 112 ? -0.820  -5.964  -14.095 1.00 17.96 ? 112 PHE A CD1 1 
ATOM   861  C CD2 . PHE A 1 112 ? -1.966  -4.052  -14.973 1.00 19.89 ? 112 PHE A CD2 1 
ATOM   862  C CE1 . PHE A 1 112 ? 0.104   -5.130  -13.473 1.00 20.18 ? 112 PHE A CE1 1 
ATOM   863  C CE2 . PHE A 1 112 ? -1.045  -3.206  -14.351 1.00 21.13 ? 112 PHE A CE2 1 
ATOM   864  C CZ  . PHE A 1 112 ? -0.008  -3.749  -13.600 1.00 19.48 ? 112 PHE A CZ  1 
ATOM   865  N N   . LEU A 1 113 ? -4.113  -6.331  -12.313 1.00 13.96 ? 113 LEU A N   1 
ATOM   866  C CA  . LEU A 1 113 ? -3.895  -6.793  -10.945 1.00 15.15 ? 113 LEU A CA  1 
ATOM   867  C C   . LEU A 1 113 ? -5.172  -7.311  -10.291 1.00 15.56 ? 113 LEU A C   1 
ATOM   868  O O   . LEU A 1 113 ? -5.138  -7.820  -9.165  1.00 15.83 ? 113 LEU A O   1 
ATOM   869  C CB  . LEU A 1 113 ? -3.320  -5.664  -10.084 1.00 15.39 ? 113 LEU A CB  1 
ATOM   870  C CG  . LEU A 1 113 ? -1.962  -5.107  -10.521 1.00 14.99 ? 113 LEU A CG  1 
ATOM   871  C CD1 . LEU A 1 113 ? -1.639  -3.874  -9.709  1.00 16.47 ? 113 LEU A CD1 1 
ATOM   872  C CD2 . LEU A 1 113 ? -0.892  -6.167  -10.359 1.00 14.84 ? 113 LEU A CD2 1 
ATOM   873  N N   . ASP A 1 114 ? -6.296  -7.183  -10.992 1.00 13.74 ? 114 ASP A N   1 
ATOM   874  C CA  . ASP A 1 114 ? -7.577  -7.630  -10.451 1.00 14.88 ? 114 ASP A CA  1 
ATOM   875  C C   . ASP A 1 114 ? -7.761  -9.133  -10.489 1.00 15.96 ? 114 ASP A C   1 
ATOM   876  O O   . ASP A 1 114 ? -7.188  -9.831  -11.327 1.00 15.83 ? 114 ASP A O   1 
ATOM   877  C CB  . ASP A 1 114 ? -8.750  -6.988  -11.195 1.00 13.36 ? 114 ASP A CB  1 
ATOM   878  C CG  . ASP A 1 114 ? -8.791  -5.484  -11.033 1.00 14.77 ? 114 ASP A CG  1 
ATOM   879  O OD1 . ASP A 1 114 ? -8.297  -4.979  -10.005 1.00 15.77 ? 114 ASP A OD1 1 
ATOM   880  O OD2 . ASP A 1 114 ? -9.336  -4.815  -11.930 1.00 14.47 ? 114 ASP A OD2 1 
ATOM   881  N N   . HIS A 1 115 ? -8.582  -9.617  -9.566  1.00 16.23 ? 115 HIS A N   1 
ATOM   882  C CA  . HIS A 1 115 ? -8.893  -11.030 -9.467  1.00 16.10 ? 115 HIS A CA  1 
ATOM   883  C C   . HIS A 1 115 ? -9.426  -11.515 -10.811 1.00 16.88 ? 115 HIS A C   1 
ATOM   884  O O   . HIS A 1 115 ? -10.245 -10.850 -11.447 1.00 15.61 ? 115 HIS A O   1 
ATOM   885  C CB  . HIS A 1 115 ? -9.936  -11.243 -8.369  1.00 16.78 ? 115 HIS A CB  1 
ATOM   886  C CG  . HIS A 1 115 ? -10.348 -12.672 -8.182  1.00 16.98 ? 115 HIS A CG  1 
ATOM   887  N ND1 . HIS A 1 115 ? -11.490 -13.200 -8.749  1.00 20.81 ? 115 HIS A ND1 1 
ATOM   888  C CD2 . HIS A 1 115 ? -9.780  -13.679 -7.479  1.00 15.79 ? 115 HIS A CD2 1 
ATOM   889  C CE1 . HIS A 1 115 ? -11.607 -14.468 -8.399  1.00 17.30 ? 115 HIS A CE1 1 
ATOM   890  N NE2 . HIS A 1 115 ? -10.584 -14.784 -7.628  1.00 19.59 ? 115 HIS A NE2 1 
ATOM   891  N N   . GLY A 1 116 ? -8.940  -12.672 -11.242 1.00 16.17 ? 116 GLY A N   1 
ATOM   892  C CA  . GLY A 1 116 ? -9.377  -13.229 -12.503 1.00 18.61 ? 116 GLY A CA  1 
ATOM   893  C C   . GLY A 1 116 ? -9.430  -14.739 -12.443 1.00 18.41 ? 116 GLY A C   1 
ATOM   894  O O   . GLY A 1 116 ? -9.298  -15.335 -11.374 1.00 18.66 ? 116 GLY A O   1 
ATOM   895  N N   . GLN A 1 117 ? -9.596  -15.368 -13.599 1.00 19.93 ? 117 GLN A N   1 
ATOM   896  C CA  . GLN A 1 117 ? -9.681  -16.819 -13.645 1.00 22.05 ? 117 GLN A CA  1 
ATOM   897  C C   . GLN A 1 117 ? -8.317  -17.497 -13.688 1.00 20.69 ? 117 GLN A C   1 
ATOM   898  O O   . GLN A 1 117 ? -8.212  -18.683 -13.390 1.00 19.52 ? 117 GLN A O   1 
ATOM   899  C CB  . GLN A 1 117 ? -10.532 -17.238 -14.848 1.00 25.31 ? 117 GLN A CB  1 
ATOM   900  C CG  . GLN A 1 117 ? -11.426 -18.438 -14.581 1.00 33.42 ? 117 GLN A CG  1 
ATOM   901  C CD  . GLN A 1 117 ? -12.649 -18.456 -15.481 1.00 36.26 ? 117 GLN A CD  1 
ATOM   902  O OE1 . GLN A 1 117 ? -12.532 -18.377 -16.705 1.00 38.00 ? 117 GLN A OE1 1 
ATOM   903  N NE2 . GLN A 1 117 ? -13.829 -18.561 -14.877 1.00 37.76 ? 117 GLN A NE2 1 
ATOM   904  N N   . ARG A 1 118 ? -7.275  -16.748 -14.045 1.00 18.18 ? 118 ARG A N   1 
ATOM   905  C CA  . ARG A 1 118 ? -5.927  -17.319 -14.123 1.00 18.93 ? 118 ARG A CA  1 
ATOM   906  C C   . ARG A 1 118 ? -5.016  -16.945 -12.950 1.00 20.64 ? 118 ARG A C   1 
ATOM   907  O O   . ARG A 1 118 ? -4.000  -17.605 -12.699 1.00 23.00 ? 118 ARG A O   1 
ATOM   908  C CB  . ARG A 1 118 ? -5.260  -16.916 -15.438 1.00 17.92 ? 118 ARG A CB  1 
ATOM   909  C CG  . ARG A 1 118 ? -5.932  -17.507 -16.679 1.00 17.85 ? 118 ARG A CG  1 
ATOM   910  C CD  . ARG A 1 118 ? -5.288  -16.989 -17.965 1.00 17.46 ? 118 ARG A CD  1 
ATOM   911  N NE  . ARG A 1 118 ? -5.484  -15.553 -18.139 1.00 18.30 ? 118 ARG A NE  1 
ATOM   912  C CZ  . ARG A 1 118 ? -6.633  -14.984 -18.488 1.00 21.00 ? 118 ARG A CZ  1 
ATOM   913  N NH1 . ARG A 1 118 ? -7.708  -15.729 -18.708 1.00 19.82 ? 118 ARG A NH1 1 
ATOM   914  N NH2 . ARG A 1 118 ? -6.710  -13.664 -18.619 1.00 22.71 ? 118 ARG A NH2 1 
ATOM   915  N N   . ASP A 1 119 ? -5.361  -15.878 -12.243 1.00 19.70 ? 119 ASP A N   1 
ATOM   916  C CA  . ASP A 1 119 ? -4.580  -15.457 -11.084 1.00 18.95 ? 119 ASP A CA  1 
ATOM   917  C C   . ASP A 1 119 ? -5.540  -14.851 -10.083 1.00 18.08 ? 119 ASP A C   1 
ATOM   918  O O   . ASP A 1 119 ? -6.454  -14.127 -10.459 1.00 17.17 ? 119 ASP A O   1 
ATOM   919  C CB  . ASP A 1 119 ? -3.525  -14.421 -11.466 1.00 20.97 ? 119 ASP A CB  1 
ATOM   920  C CG  . ASP A 1 119 ? -2.512  -14.194 -10.350 1.00 22.57 ? 119 ASP A CG  1 
ATOM   921  O OD1 . ASP A 1 119 ? -1.566  -14.998 -10.233 1.00 24.71 ? 119 ASP A OD1 1 
ATOM   922  O OD2 . ASP A 1 119 ? -2.682  -13.238 -9.566  1.00 21.52 ? 119 ASP A OD2 1 
ATOM   923  N N   . PHE A 1 120 ? -5.335  -15.141 -8.805  1.00 16.65 ? 120 PHE A N   1 
ATOM   924  C CA  . PHE A 1 120 ? -6.233  -14.622 -7.784  1.00 16.64 ? 120 PHE A CA  1 
ATOM   925  C C   . PHE A 1 120 ? -6.221  -13.102 -7.691  1.00 16.06 ? 120 PHE A C   1 
ATOM   926  O O   . PHE A 1 120 ? -7.198  -12.501 -7.257  1.00 17.09 ? 120 PHE A O   1 
ATOM   927  C CB  . PHE A 1 120 ? -5.890  -15.211 -6.420  1.00 17.94 ? 120 PHE A CB  1 
ATOM   928  C CG  . PHE A 1 120 ? -7.070  -15.331 -5.508  1.00 18.80 ? 120 PHE A CG  1 
ATOM   929  C CD1 . PHE A 1 120 ? -7.955  -16.398 -5.641  1.00 18.95 ? 120 PHE A CD1 1 
ATOM   930  C CD2 . PHE A 1 120 ? -7.303  -14.377 -4.520  1.00 19.74 ? 120 PHE A CD2 1 
ATOM   931  C CE1 . PHE A 1 120 ? -9.057  -16.518 -4.798  1.00 19.67 ? 120 PHE A CE1 1 
ATOM   932  C CE2 . PHE A 1 120 ? -8.404  -14.487 -3.672  1.00 19.71 ? 120 PHE A CE2 1 
ATOM   933  C CZ  . PHE A 1 120 ? -9.285  -15.563 -3.810  1.00 19.88 ? 120 PHE A CZ  1 
ATOM   934  N N   . GLY A 1 121 ? -5.117  -12.479 -8.088  1.00 16.33 ? 121 GLY A N   1 
ATOM   935  C CA  . GLY A 1 121 ? -5.052  -11.029 -8.049  1.00 15.06 ? 121 GLY A CA  1 
ATOM   936  C C   . GLY A 1 121 ? -4.604  -10.429 -6.731  1.00 14.41 ? 121 GLY A C   1 
ATOM   937  O O   . GLY A 1 121 ? -4.193  -11.137 -5.811  1.00 13.25 ? 121 GLY A O   1 
ATOM   938  N N   . TYR A 1 122 ? -4.692  -9.106  -6.647  1.00 13.57 ? 122 TYR A N   1 
ATOM   939  C CA  . TYR A 1 122 ? -4.283  -8.389  -5.451  1.00 14.02 ? 122 TYR A CA  1 
ATOM   940  C C   . TYR A 1 122 ? -5.491  -7.752  -4.786  1.00 14.14 ? 122 TYR A C   1 
ATOM   941  O O   . TYR A 1 122 ? -6.286  -7.074  -5.428  1.00 12.95 ? 122 TYR A O   1 
ATOM   942  C CB  . TYR A 1 122 ? -3.217  -7.355  -5.822  1.00 16.06 ? 122 TYR A CB  1 
ATOM   943  C CG  . TYR A 1 122 ? -1.984  -8.017  -6.393  1.00 15.39 ? 122 TYR A CG  1 
ATOM   944  C CD1 . TYR A 1 122 ? -1.971  -8.500  -7.706  1.00 17.07 ? 122 TYR A CD1 1 
ATOM   945  C CD2 . TYR A 1 122 ? -0.854  -8.232  -5.601  1.00 16.66 ? 122 TYR A CD2 1 
ATOM   946  C CE1 . TYR A 1 122 ? -0.866  -9.185  -8.213  1.00 18.07 ? 122 TYR A CE1 1 
ATOM   947  C CE2 . TYR A 1 122 ? 0.253   -8.915  -6.100  1.00 17.69 ? 122 TYR A CE2 1 
ATOM   948  C CZ  . TYR A 1 122 ? 0.240   -9.388  -7.402  1.00 20.47 ? 122 TYR A CZ  1 
ATOM   949  O OH  . TYR A 1 122 ? 1.337   -10.064 -7.897  1.00 22.85 ? 122 TYR A OH  1 
ATOM   950  N N   . ALA A 1 123 ? -5.615  -7.995  -3.486  1.00 13.38 ? 123 ALA A N   1 
ATOM   951  C CA  . ALA A 1 123 ? -6.739  -7.523  -2.690  1.00 12.61 ? 123 ALA A CA  1 
ATOM   952  C C   . ALA A 1 123 ? -6.793  -6.036  -2.388  1.00 13.56 ? 123 ALA A C   1 
ATOM   953  O O   . ALA A 1 123 ? -5.899  -5.491  -1.743  1.00 12.51 ? 123 ALA A O   1 
ATOM   954  C CB  . ALA A 1 123 ? -6.790  -8.309  -1.384  1.00 13.85 ? 123 ALA A CB  1 
ATOM   955  N N   . VAL A 1 124 ? -7.861  -5.393  -2.853  1.00 12.22 ? 124 VAL A N   1 
ATOM   956  C CA  . VAL A 1 124 ? -8.084  -3.975  -2.610  1.00 12.69 ? 124 VAL A CA  1 
ATOM   957  C C   . VAL A 1 124 ? -8.858  -3.906  -1.293  1.00 13.28 ? 124 VAL A C   1 
ATOM   958  O O   . VAL A 1 124 ? -9.787  -4.686  -1.080  1.00 13.74 ? 124 VAL A O   1 
ATOM   959  C CB  . VAL A 1 124 ? -8.921  -3.339  -3.744  1.00 11.81 ? 124 VAL A CB  1 
ATOM   960  C CG1 . VAL A 1 124 ? -9.315  -1.912  -3.374  1.00 11.39 ? 124 VAL A CG1 1 
ATOM   961  C CG2 . VAL A 1 124 ? -8.119  -3.339  -5.043  1.00 13.67 ? 124 VAL A CG2 1 
ATOM   962  N N   . PHE A 1 125 ? -8.472  -2.994  -0.405  1.00 12.35 ? 125 PHE A N   1 
ATOM   963  C CA  . PHE A 1 125 ? -9.149  -2.888  0.880   1.00 12.69 ? 125 PHE A CA  1 
ATOM   964  C C   . PHE A 1 125 ? -9.495  -1.463  1.303   1.00 14.20 ? 125 PHE A C   1 
ATOM   965  O O   . PHE A 1 125 ? -9.884  -1.225  2.446   1.00 15.98 ? 125 PHE A O   1 
ATOM   966  C CB  . PHE A 1 125 ? -8.322  -3.573  1.982   1.00 15.08 ? 125 PHE A CB  1 
ATOM   967  C CG  . PHE A 1 125 ? -6.951  -2.980  2.190   1.00 13.10 ? 125 PHE A CG  1 
ATOM   968  C CD1 . PHE A 1 125 ? -5.903  -3.291  1.330   1.00 12.77 ? 125 PHE A CD1 1 
ATOM   969  C CD2 . PHE A 1 125 ? -6.708  -2.122  3.263   1.00 14.93 ? 125 PHE A CD2 1 
ATOM   970  C CE1 . PHE A 1 125 ? -4.626  -2.760  1.531   1.00 12.51 ? 125 PHE A CE1 1 
ATOM   971  C CE2 . PHE A 1 125 ? -5.433  -1.581  3.481   1.00 14.25 ? 125 PHE A CE2 1 
ATOM   972  C CZ  . PHE A 1 125 ? -4.394  -1.900  2.614   1.00 13.74 ? 125 PHE A CZ  1 
ATOM   973  N N   . GLY A 1 126 ? -9.362  -0.516  0.383   1.00 13.77 ? 126 GLY A N   1 
ATOM   974  C CA  . GLY A 1 126 ? -9.698  0.855   0.709   1.00 15.02 ? 126 GLY A CA  1 
ATOM   975  C C   . GLY A 1 126 ? -9.396  1.809   -0.423  1.00 15.91 ? 126 GLY A C   1 
ATOM   976  O O   . GLY A 1 126 ? -9.050  1.386   -1.523  1.00 13.73 ? 126 GLY A O   1 
ATOM   977  N N   . LYS A 1 127 ? -9.527  3.103   -0.150  1.00 16.05 ? 127 LYS A N   1 
ATOM   978  C CA  . LYS A 1 127 ? -9.255  4.115   -1.153  1.00 16.88 ? 127 LYS A CA  1 
ATOM   979  C C   . LYS A 1 127 ? -8.733  5.379   -0.490  1.00 15.82 ? 127 LYS A C   1 
ATOM   980  O O   . LYS A 1 127 ? -8.913  5.595   0.711   1.00 14.09 ? 127 LYS A O   1 
ATOM   981  C CB  . LYS A 1 127 ? -10.525 4.431   -1.948  1.00 21.52 ? 127 LYS A CB  1 
ATOM   982  C CG  . LYS A 1 127 ? -11.639 5.066   -1.142  1.00 27.38 ? 127 LYS A CG  1 
ATOM   983  C CD  . LYS A 1 127 ? -12.871 5.286   -2.011  1.00 32.64 ? 127 LYS A CD  1 
ATOM   984  C CE  . LYS A 1 127 ? -13.943 6.071   -1.271  1.00 36.02 ? 127 LYS A CE  1 
ATOM   985  N NZ  . LYS A 1 127 ? -13.471 7.447   -0.929  1.00 40.72 ? 127 LYS A NZ  1 
ATOM   986  N N   . VAL A 1 128 ? -8.076  6.204   -1.290  1.00 14.55 ? 128 VAL A N   1 
ATOM   987  C CA  . VAL A 1 128 ? -7.516  7.462   -0.829  1.00 15.37 ? 128 VAL A CA  1 
ATOM   988  C C   . VAL A 1 128 ? -8.611  8.524   -0.894  1.00 17.00 ? 128 VAL A C   1 
ATOM   989  O O   . VAL A 1 128 ? -9.188  8.756   -1.954  1.00 18.25 ? 128 VAL A O   1 
ATOM   990  C CB  . VAL A 1 128 ? -6.336  7.888   -1.735  1.00 15.10 ? 128 VAL A CB  1 
ATOM   991  C CG1 . VAL A 1 128 ? -5.833  9.267   -1.335  1.00 15.82 ? 128 VAL A CG1 1 
ATOM   992  C CG2 . VAL A 1 128 ? -5.214  6.865   -1.635  1.00 14.50 ? 128 VAL A CG2 1 
ATOM   993  N N   . VAL A 1 129 ? -8.908  9.160   0.236   1.00 16.73 ? 129 VAL A N   1 
ATOM   994  C CA  . VAL A 1 129 ? -9.942  10.190  0.254   1.00 18.58 ? 129 VAL A CA  1 
ATOM   995  C C   . VAL A 1 129 ? -9.340  11.587  0.223   1.00 18.53 ? 129 VAL A C   1 
ATOM   996  O O   . VAL A 1 129 ? -10.032 12.569  -0.032  1.00 19.02 ? 129 VAL A O   1 
ATOM   997  C CB  . VAL A 1 129 ? -10.870 10.050  1.487   1.00 18.66 ? 129 VAL A CB  1 
ATOM   998  C CG1 . VAL A 1 129 ? -11.683 8.769   1.369   1.00 19.89 ? 129 VAL A CG1 1 
ATOM   999  C CG2 . VAL A 1 129 ? -10.051 10.043  2.768   1.00 19.84 ? 129 VAL A CG2 1 
ATOM   1000 N N   . LYS A 1 130 ? -8.040  11.672  0.475   1.00 15.98 ? 130 LYS A N   1 
ATOM   1001 C CA  . LYS A 1 130 ? -7.350  12.953  0.455   1.00 17.88 ? 130 LYS A CA  1 
ATOM   1002 C C   . LYS A 1 130 ? -5.867  12.715  0.238   1.00 16.93 ? 130 LYS A C   1 
ATOM   1003 O O   . LYS A 1 130 ? -5.305  11.790  0.811   1.00 13.99 ? 130 LYS A O   1 
ATOM   1004 C CB  . LYS A 1 130 ? -7.565  13.692  1.778   1.00 21.85 ? 130 LYS A CB  1 
ATOM   1005 C CG  . LYS A 1 130 ? -6.821  15.018  1.866   1.00 28.62 ? 130 LYS A CG  1 
ATOM   1006 C CD  . LYS A 1 130 ? -7.107  15.744  3.174   1.00 33.58 ? 130 LYS A CD  1 
ATOM   1007 C CE  . LYS A 1 130 ? -8.528  16.291  3.226   1.00 36.08 ? 130 LYS A CE  1 
ATOM   1008 N NZ  . LYS A 1 130 ? -9.565  15.222  3.256   1.00 39.95 ? 130 LYS A NZ  1 
ATOM   1009 N N   . GLY A 1 131 ? -5.244  13.539  -0.600  1.00 16.39 ? 131 GLY A N   1 
ATOM   1010 C CA  . GLY A 1 131 ? -3.822  13.398  -0.839  1.00 16.68 ? 131 GLY A CA  1 
ATOM   1011 C C   . GLY A 1 131 ? -3.403  12.622  -2.073  1.00 17.06 ? 131 GLY A C   1 
ATOM   1012 O O   . GLY A 1 131 ? -2.261  12.154  -2.149  1.00 14.54 ? 131 GLY A O   1 
ATOM   1013 N N   . MET A 1 132 ? -4.300  12.460  -3.041  1.00 15.14 ? 132 MET A N   1 
ATOM   1014 C CA  . MET A 1 132 ? -3.914  11.746  -4.255  1.00 16.49 ? 132 MET A CA  1 
ATOM   1015 C C   . MET A 1 132 ? -2.819  12.516  -4.988  1.00 16.65 ? 132 MET A C   1 
ATOM   1016 O O   . MET A 1 132 ? -1.977  11.919  -5.661  1.00 15.56 ? 132 MET A O   1 
ATOM   1017 C CB  . MET A 1 132 ? -5.121  11.519  -5.177  1.00 17.77 ? 132 MET A CB  1 
ATOM   1018 C CG  . MET A 1 132 ? -5.836  10.198  -4.914  1.00 20.13 ? 132 MET A CG  1 
ATOM   1019 S SD  . MET A 1 132 ? -4.690  8.792   -5.015  1.00 20.22 ? 132 MET A SD  1 
ATOM   1020 C CE  . MET A 1 132 ? -4.523  8.617   -6.783  1.00 24.00 ? 132 MET A CE  1 
ATOM   1021 N N   . ASP A 1 133 ? -2.820  13.841  -4.854  1.00 17.04 ? 133 ASP A N   1 
ATOM   1022 C CA  . ASP A 1 133 ? -1.791  14.648  -5.504  1.00 17.06 ? 133 ASP A CA  1 
ATOM   1023 C C   . ASP A 1 133 ? -0.436  14.282  -4.905  1.00 16.13 ? 133 ASP A C   1 
ATOM   1024 O O   . ASP A 1 133 ? 0.581   14.305  -5.596  1.00 15.37 ? 133 ASP A O   1 
ATOM   1025 C CB  . ASP A 1 133 ? -2.057  16.152  -5.328  1.00 20.27 ? 133 ASP A CB  1 
ATOM   1026 C CG  . ASP A 1 133 ? -2.188  16.569  -3.866  1.00 24.77 ? 133 ASP A CG  1 
ATOM   1027 O OD1 . ASP A 1 133 ? -1.738  17.683  -3.522  1.00 28.49 ? 133 ASP A OD1 1 
ATOM   1028 O OD2 . ASP A 1 133 ? -2.758  15.799  -3.065  1.00 26.22 ? 133 ASP A OD2 1 
ATOM   1029 N N   . VAL A 1 134 ? -0.434  13.946  -3.616  1.00 13.97 ? 134 VAL A N   1 
ATOM   1030 C CA  . VAL A 1 134 ? 0.784   13.544  -2.930  1.00 14.12 ? 134 VAL A CA  1 
ATOM   1031 C C   . VAL A 1 134 ? 1.226   12.170  -3.446  1.00 13.48 ? 134 VAL A C   1 
ATOM   1032 O O   . VAL A 1 134 ? 2.412   11.937  -3.686  1.00 13.62 ? 134 VAL A O   1 
ATOM   1033 C CB  . VAL A 1 134 ? 0.570   13.482  -1.393  1.00 15.48 ? 134 VAL A CB  1 
ATOM   1034 C CG1 . VAL A 1 134 ? 1.851   13.016  -0.701  1.00 14.50 ? 134 VAL A CG1 1 
ATOM   1035 C CG2 . VAL A 1 134 ? 0.172   14.860  -0.866  1.00 16.01 ? 134 VAL A CG2 1 
ATOM   1036 N N   . ALA A 1 135 ? 0.271   11.261  -3.613  1.00 12.85 ? 135 ALA A N   1 
ATOM   1037 C CA  . ALA A 1 135 ? 0.589   9.931   -4.130  1.00 13.61 ? 135 ALA A CA  1 
ATOM   1038 C C   . ALA A 1 135 ? 1.234   10.089  -5.503  1.00 12.71 ? 135 ALA A C   1 
ATOM   1039 O O   . ALA A 1 135 ? 2.257   9.473   -5.793  1.00 12.78 ? 135 ALA A O   1 
ATOM   1040 C CB  . ALA A 1 135 ? -0.679  9.081   -4.234  1.00 12.08 ? 135 ALA A CB  1 
ATOM   1041 N N   . ASP A 1 136 ? 0.633   10.920  -6.349  1.00 13.98 ? 136 ASP A N   1 
ATOM   1042 C CA  . ASP A 1 136 ? 1.186   11.160  -7.675  1.00 14.67 ? 136 ASP A CA  1 
ATOM   1043 C C   . ASP A 1 136 ? 2.624   11.663  -7.569  1.00 14.72 ? 136 ASP A C   1 
ATOM   1044 O O   . ASP A 1 136 ? 3.499   11.184  -8.278  1.00 14.63 ? 136 ASP A O   1 
ATOM   1045 C CB  . ASP A 1 136 ? 0.331   12.178  -8.437  1.00 15.33 ? 136 ASP A CB  1 
ATOM   1046 C CG  . ASP A 1 136 ? -0.936  11.568  -8.999  1.00 17.39 ? 136 ASP A CG  1 
ATOM   1047 O OD1 . ASP A 1 136 ? -1.894  12.327  -9.258  1.00 16.53 ? 136 ASP A OD1 1 
ATOM   1048 O OD2 . ASP A 1 136 ? -0.971  10.329  -9.189  1.00 17.74 ? 136 ASP A OD2 1 
ATOM   1049 N N   . LYS A 1 137 ? 2.865   12.620  -6.677  1.00 14.96 ? 137 LYS A N   1 
ATOM   1050 C CA  . LYS A 1 137 ? 4.206   13.168  -6.504  1.00 16.27 ? 137 LYS A CA  1 
ATOM   1051 C C   . LYS A 1 137 ? 5.220   12.105  -6.110  1.00 14.87 ? 137 LYS A C   1 
ATOM   1052 O O   . LYS A 1 137 ? 6.331   12.073  -6.634  1.00 15.14 ? 137 LYS A O   1 
ATOM   1053 C CB  . LYS A 1 137 ? 4.212   14.272  -5.445  1.00 21.00 ? 137 LYS A CB  1 
ATOM   1054 C CG  . LYS A 1 137 ? 4.177   15.694  -5.999  1.00 27.16 ? 137 LYS A CG  1 
ATOM   1055 C CD  . LYS A 1 137 ? 2.762   16.171  -6.321  1.00 31.46 ? 137 LYS A CD  1 
ATOM   1056 C CE  . LYS A 1 137 ? 2.209   15.556  -7.600  1.00 33.10 ? 137 LYS A CE  1 
ATOM   1057 N NZ  . LYS A 1 137 ? 0.802   15.985  -7.836  1.00 29.80 ? 137 LYS A NZ  1 
ATOM   1058 N N   . ILE A 1 138 ? 4.834   11.237  -5.180  1.00 12.17 ? 138 ILE A N   1 
ATOM   1059 C CA  . ILE A 1 138 ? 5.711   10.174  -4.715  1.00 13.54 ? 138 ILE A CA  1 
ATOM   1060 C C   . ILE A 1 138 ? 6.079   9.224   -5.848  1.00 12.91 ? 138 ILE A C   1 
ATOM   1061 O O   . ILE A 1 138 ? 7.210   8.748   -5.920  1.00 15.81 ? 138 ILE A O   1 
ATOM   1062 C CB  . ILE A 1 138 ? 5.044   9.375   -3.570  1.00 11.90 ? 138 ILE A CB  1 
ATOM   1063 C CG1 . ILE A 1 138 ? 4.858   10.292  -2.358  1.00 13.00 ? 138 ILE A CG1 1 
ATOM   1064 C CG2 . ILE A 1 138 ? 5.895   8.151   -3.200  1.00 12.23 ? 138 ILE A CG2 1 
ATOM   1065 C CD1 . ILE A 1 138 ? 4.127   9.639   -1.190  1.00 13.79 ? 138 ILE A CD1 1 
ATOM   1066 N N   . SER A 1 139 ? 5.130   8.957   -6.742  1.00 13.30 ? 139 SER A N   1 
ATOM   1067 C CA  . SER A 1 139 ? 5.389   8.043   -7.847  1.00 15.42 ? 139 SER A CA  1 
ATOM   1068 C C   . SER A 1 139 ? 6.388   8.586   -8.869  1.00 17.58 ? 139 SER A C   1 
ATOM   1069 O O   . SER A 1 139 ? 6.928   7.820   -9.670  1.00 16.52 ? 139 SER A O   1 
ATOM   1070 C CB  . SER A 1 139 ? 4.081   7.694   -8.565  1.00 16.06 ? 139 SER A CB  1 
ATOM   1071 O OG  . SER A 1 139 ? 3.607   8.793   -9.334  1.00 16.43 ? 139 SER A OG  1 
ATOM   1072 N N   . GLN A 1 140 ? 6.651   9.892   -8.823  1.00 17.59 ? 140 GLN A N   1 
ATOM   1073 C CA  . GLN A 1 140 ? 7.557   10.525  -9.773  1.00 20.36 ? 140 GLN A CA  1 
ATOM   1074 C C   . GLN A 1 140 ? 8.955   10.856  -9.264  1.00 20.09 ? 140 GLN A C   1 
ATOM   1075 O O   . GLN A 1 140 ? 9.722   11.510  -9.964  1.00 20.42 ? 140 GLN A O   1 
ATOM   1076 C CB  . GLN A 1 140 ? 6.914   11.800  -10.327 1.00 23.50 ? 140 GLN A CB  1 
ATOM   1077 C CG  . GLN A 1 140 ? 5.585   11.553  -11.018 1.00 28.84 ? 140 GLN A CG  1 
ATOM   1078 C CD  . GLN A 1 140 ? 5.062   12.774  -11.741 1.00 33.67 ? 140 GLN A CD  1 
ATOM   1079 O OE1 . GLN A 1 140 ? 4.846   13.823  -11.135 1.00 37.38 ? 140 GLN A OE1 1 
ATOM   1080 N NE2 . GLN A 1 140 ? 4.858   12.644  -13.048 1.00 36.90 ? 140 GLN A NE2 1 
ATOM   1081 N N   . VAL A 1 141 ? 9.300   10.407  -8.062  1.00 19.10 ? 141 VAL A N   1 
ATOM   1082 C CA  . VAL A 1 141 ? 10.629  10.694  -7.534  1.00 18.27 ? 141 VAL A CA  1 
ATOM   1083 C C   . VAL A 1 141 ? 11.669  9.859   -8.277  1.00 18.65 ? 141 VAL A C   1 
ATOM   1084 O O   . VAL A 1 141 ? 11.386  8.750   -8.721  1.00 18.57 ? 141 VAL A O   1 
ATOM   1085 C CB  . VAL A 1 141 ? 10.715  10.401  -6.019  1.00 18.61 ? 141 VAL A CB  1 
ATOM   1086 C CG1 . VAL A 1 141 ? 9.742   11.301  -5.270  1.00 17.32 ? 141 VAL A CG1 1 
ATOM   1087 C CG2 . VAL A 1 141 ? 10.419  8.939   -5.746  1.00 17.75 ? 141 VAL A CG2 1 
ATOM   1088 N N   . PRO A 1 142 ? 12.887  10.394  -8.442  1.00 20.23 ? 142 PRO A N   1 
ATOM   1089 C CA  . PRO A 1 142 ? 13.950  9.665   -9.142  1.00 19.83 ? 142 PRO A CA  1 
ATOM   1090 C C   . PRO A 1 142 ? 14.289  8.332   -8.479  1.00 19.11 ? 142 PRO A C   1 
ATOM   1091 O O   . PRO A 1 142 ? 14.298  8.223   -7.254  1.00 16.91 ? 142 PRO A O   1 
ATOM   1092 C CB  . PRO A 1 142 ? 15.120  10.651  -9.113  1.00 20.44 ? 142 PRO A CB  1 
ATOM   1093 C CG  . PRO A 1 142 ? 14.874  11.436  -7.863  1.00 24.01 ? 142 PRO A CG  1 
ATOM   1094 C CD  . PRO A 1 142 ? 13.385  11.683  -7.936  1.00 21.06 ? 142 PRO A CD  1 
ATOM   1095 N N   . THR A 1 143 ? 14.560  7.320   -9.295  1.00 18.03 ? 143 THR A N   1 
ATOM   1096 C CA  . THR A 1 143 ? 14.893  5.997   -8.780  1.00 21.78 ? 143 THR A CA  1 
ATOM   1097 C C   . THR A 1 143 ? 16.200  5.485   -9.369  1.00 22.58 ? 143 THR A C   1 
ATOM   1098 O O   . THR A 1 143 ? 16.807  6.140   -10.216 1.00 24.40 ? 143 THR A O   1 
ATOM   1099 C CB  . THR A 1 143 ? 13.773  4.975   -9.093  1.00 22.51 ? 143 THR A CB  1 
ATOM   1100 O OG1 . THR A 1 143 ? 13.565  4.917   -10.507 1.00 23.69 ? 143 THR A OG1 1 
ATOM   1101 C CG2 . THR A 1 143 ? 12.478  5.385   -8.417  1.00 24.88 ? 143 THR A CG2 1 
ATOM   1102 N N   . HIS A 1 144 ? 16.636  4.319   -8.908  1.00 24.37 ? 144 HIS A N   1 
ATOM   1103 C CA  . HIS A 1 144 ? 17.863  3.714   -9.418  1.00 27.58 ? 144 HIS A CA  1 
ATOM   1104 C C   . HIS A 1 144 ? 17.526  3.168   -10.805 1.00 32.57 ? 144 HIS A C   1 
ATOM   1105 O O   . HIS A 1 144 ? 16.390  3.294   -11.256 1.00 34.25 ? 144 HIS A O   1 
ATOM   1106 C CB  . HIS A 1 144 ? 18.313  2.575   -8.500  1.00 22.50 ? 144 HIS A CB  1 
ATOM   1107 C CG  . HIS A 1 144 ? 18.792  3.033   -7.155  1.00 19.02 ? 144 HIS A CG  1 
ATOM   1108 N ND1 . HIS A 1 144 ? 17.946  3.521   -6.182  1.00 17.34 ? 144 HIS A ND1 1 
ATOM   1109 C CD2 . HIS A 1 144 ? 20.041  3.102   -6.633  1.00 14.91 ? 144 HIS A CD2 1 
ATOM   1110 C CE1 . HIS A 1 144 ? 18.650  3.871   -5.120  1.00 16.55 ? 144 HIS A CE1 1 
ATOM   1111 N NE2 . HIS A 1 144 ? 19.924  3.628   -5.367  1.00 16.96 ? 144 HIS A NE2 1 
ATOM   1112 N N   . ASP A 1 145 ? 18.493  2.566   -11.489 1.00 39.34 ? 145 ASP A N   1 
ATOM   1113 C CA  . ASP A 1 145 ? 18.209  2.025   -12.818 1.00 45.29 ? 145 ASP A CA  1 
ATOM   1114 C C   . ASP A 1 145 ? 19.311  1.103   -13.324 1.00 47.12 ? 145 ASP A C   1 
ATOM   1115 O O   . ASP A 1 145 ? 20.010  1.425   -14.287 1.00 49.30 ? 145 ASP A O   1 
ATOM   1116 C CB  . ASP A 1 145 ? 17.986  3.170   -13.814 1.00 48.30 ? 145 ASP A CB  1 
ATOM   1117 C CG  . ASP A 1 145 ? 17.079  2.775   -14.974 1.00 51.43 ? 145 ASP A CG  1 
ATOM   1118 O OD1 . ASP A 1 145 ? 16.837  3.626   -15.857 1.00 53.35 ? 145 ASP A OD1 1 
ATOM   1119 O OD2 . ASP A 1 145 ? 16.605  1.618   -15.001 1.00 53.13 ? 145 ASP A OD2 1 
ATOM   1120 N N   . VAL A 1 146 ? 19.462  -0.045  -12.670 1.00 48.03 ? 146 VAL A N   1 
ATOM   1121 C CA  . VAL A 1 146 ? 20.475  -1.019  -13.059 1.00 49.05 ? 146 VAL A CA  1 
ATOM   1122 C C   . VAL A 1 146 ? 19.996  -2.453  -12.837 1.00 49.10 ? 146 VAL A C   1 
ATOM   1123 O O   . VAL A 1 146 ? 19.563  -3.123  -13.776 1.00 50.81 ? 146 VAL A O   1 
ATOM   1124 C CB  . VAL A 1 146 ? 21.791  -0.810  -12.269 1.00 49.46 ? 146 VAL A CB  1 
ATOM   1125 C CG1 . VAL A 1 146 ? 22.789  -1.909  -12.611 1.00 50.39 ? 146 VAL A CG1 1 
ATOM   1126 C CG2 . VAL A 1 146 ? 22.380  0.549   -12.598 1.00 49.61 ? 146 VAL A CG2 1 
ATOM   1127 N N   . GLY A 1 147 ? 20.074  -2.917  -11.595 1.00 48.67 ? 147 GLY A N   1 
ATOM   1128 C CA  . GLY A 1 147 ? 19.663  -4.274  -11.288 1.00 46.63 ? 147 GLY A CA  1 
ATOM   1129 C C   . GLY A 1 147 ? 18.180  -4.443  -11.028 1.00 45.49 ? 147 GLY A C   1 
ATOM   1130 O O   . GLY A 1 147 ? 17.366  -3.650  -11.501 1.00 44.52 ? 147 GLY A O   1 
ATOM   1131 N N   . PRO A 1 148 ? 17.799  -5.482  -10.272 1.00 44.91 ? 148 PRO A N   1 
ATOM   1132 C CA  . PRO A 1 148 ? 16.399  -5.761  -9.945  1.00 44.31 ? 148 PRO A CA  1 
ATOM   1133 C C   . PRO A 1 148 ? 15.766  -4.729  -9.017  1.00 43.60 ? 148 PRO A C   1 
ATOM   1134 O O   . PRO A 1 148 ? 14.582  -4.823  -8.697  1.00 43.36 ? 148 PRO A O   1 
ATOM   1135 C CB  . PRO A 1 148 ? 16.469  -7.145  -9.307  1.00 44.72 ? 148 PRO A CB  1 
ATOM   1136 C CG  . PRO A 1 148 ? 17.790  -7.116  -8.616  1.00 45.25 ? 148 PRO A CG  1 
ATOM   1137 C CD  . PRO A 1 148 ? 18.685  -6.494  -9.668  1.00 45.23 ? 148 PRO A CD  1 
ATOM   1138 N N   . TYR A 1 149 ? 16.550  -3.746  -8.583  1.00 41.76 ? 149 TYR A N   1 
ATOM   1139 C CA  . TYR A 1 149 ? 16.023  -2.715  -7.696  1.00 40.26 ? 149 TYR A CA  1 
ATOM   1140 C C   . TYR A 1 149 ? 16.015  -1.356  -8.382  1.00 38.95 ? 149 TYR A C   1 
ATOM   1141 O O   . TYR A 1 149 ? 16.271  -0.334  -7.748  1.00 38.13 ? 149 TYR A O   1 
ATOM   1142 C CB  . TYR A 1 149 ? 16.856  -2.621  -6.412  1.00 41.63 ? 149 TYR A CB  1 
ATOM   1143 C CG  . TYR A 1 149 ? 17.250  -3.953  -5.818  1.00 43.09 ? 149 TYR A CG  1 
ATOM   1144 C CD1 . TYR A 1 149 ? 18.488  -4.525  -6.111  1.00 44.46 ? 149 TYR A CD1 1 
ATOM   1145 C CD2 . TYR A 1 149 ? 16.387  -4.648  -4.974  1.00 44.12 ? 149 TYR A CD2 1 
ATOM   1146 C CE1 . TYR A 1 149 ? 18.856  -5.756  -5.577  1.00 45.23 ? 149 TYR A CE1 1 
ATOM   1147 C CE2 . TYR A 1 149 ? 16.745  -5.881  -4.433  1.00 45.46 ? 149 TYR A CE2 1 
ATOM   1148 C CZ  . TYR A 1 149 ? 17.982  -6.427  -4.741  1.00 46.23 ? 149 TYR A CZ  1 
ATOM   1149 O OH  . TYR A 1 149 ? 18.346  -7.645  -4.217  1.00 47.47 ? 149 TYR A OH  1 
ATOM   1150 N N   . GLN A 1 150 ? 15.710  -1.341  -9.675  1.00 37.70 ? 150 GLN A N   1 
ATOM   1151 C CA  . GLN A 1 150 ? 15.690  -0.090  -10.421 1.00 37.75 ? 150 GLN A CA  1 
ATOM   1152 C C   . GLN A 1 150 ? 14.462  0.773   -10.139 1.00 35.58 ? 150 GLN A C   1 
ATOM   1153 O O   . GLN A 1 150 ? 14.385  1.912   -10.597 1.00 36.94 ? 150 GLN A O   1 
ATOM   1154 C CB  . GLN A 1 150 ? 15.783  -0.359  -11.922 1.00 40.92 ? 150 GLN A CB  1 
ATOM   1155 C CG  . GLN A 1 150 ? 14.635  -1.169  -12.487 1.00 44.56 ? 150 GLN A CG  1 
ATOM   1156 C CD  . GLN A 1 150 ? 14.594  -1.115  -14.000 1.00 47.80 ? 150 GLN A CD  1 
ATOM   1157 O OE1 . GLN A 1 150 ? 15.576  -1.440  -14.670 1.00 48.76 ? 150 GLN A OE1 1 
ATOM   1158 N NE2 . GLN A 1 150 ? 13.454  -0.704  -14.549 1.00 48.90 ? 150 GLN A NE2 1 
ATOM   1159 N N   . ASN A 1 151 ? 13.500  0.235   -9.395  1.00 30.64 ? 151 ASN A N   1 
ATOM   1160 C CA  . ASN A 1 151 ? 12.298  0.999   -9.067  1.00 26.42 ? 151 ASN A CA  1 
ATOM   1161 C C   . ASN A 1 151 ? 12.385  1.572   -7.658  1.00 22.58 ? 151 ASN A C   1 
ATOM   1162 O O   . ASN A 1 151 ? 11.415  2.133   -7.149  1.00 19.47 ? 151 ASN A O   1 
ATOM   1163 C CB  . ASN A 1 151 ? 11.046  0.122   -9.196  1.00 28.65 ? 151 ASN A CB  1 
ATOM   1164 C CG  . ASN A 1 151 ? 10.773  -0.294  -10.627 1.00 31.22 ? 151 ASN A CG  1 
ATOM   1165 O OD1 . ASN A 1 151 ? 10.689  0.549   -11.522 1.00 31.46 ? 151 ASN A OD1 1 
ATOM   1166 N ND2 . ASN A 1 151 ? 10.622  -1.593  -10.851 1.00 33.86 ? 151 ASN A ND2 1 
ATOM   1167 N N   . VAL A 1 152 ? 13.548  1.414   -7.031  1.00 19.22 ? 152 VAL A N   1 
ATOM   1168 C CA  . VAL A 1 152 ? 13.774  1.928   -5.682  1.00 17.88 ? 152 VAL A CA  1 
ATOM   1169 C C   . VAL A 1 152 ? 14.251  3.376   -5.782  1.00 18.05 ? 152 VAL A C   1 
ATOM   1170 O O   . VAL A 1 152 ? 15.238  3.676   -6.459  1.00 18.54 ? 152 VAL A O   1 
ATOM   1171 C CB  . VAL A 1 152 ? 14.845  1.099   -4.923  1.00 17.81 ? 152 VAL A CB  1 
ATOM   1172 C CG1 . VAL A 1 152 ? 15.087  1.688   -3.543  1.00 16.54 ? 152 VAL A CG1 1 
ATOM   1173 C CG2 . VAL A 1 152 ? 14.383  -0.352  -4.795  1.00 19.71 ? 152 VAL A CG2 1 
ATOM   1174 N N   . PRO A 1 153 ? 13.546  4.301   -5.118  1.00 17.22 ? 153 PRO A N   1 
ATOM   1175 C CA  . PRO A 1 153 ? 13.928  5.715   -5.156  1.00 16.26 ? 153 PRO A CA  1 
ATOM   1176 C C   . PRO A 1 153 ? 15.354  5.961   -4.666  1.00 17.03 ? 153 PRO A C   1 
ATOM   1177 O O   . PRO A 1 153 ? 15.910  5.155   -3.915  1.00 15.97 ? 153 PRO A O   1 
ATOM   1178 C CB  . PRO A 1 153 ? 12.899  6.377   -4.244  1.00 16.24 ? 153 PRO A CB  1 
ATOM   1179 C CG  . PRO A 1 153 ? 11.680  5.509   -4.415  1.00 15.50 ? 153 PRO A CG  1 
ATOM   1180 C CD  . PRO A 1 153 ? 12.266  4.112   -4.410  1.00 16.15 ? 153 PRO A CD  1 
ATOM   1181 N N   . SER A 1 154 ? 15.937  7.075   -5.103  1.00 17.31 ? 154 SER A N   1 
ATOM   1182 C CA  . SER A 1 154 ? 17.282  7.462   -4.684  1.00 18.55 ? 154 SER A CA  1 
ATOM   1183 C C   . SER A 1 154 ? 17.134  7.851   -3.219  1.00 18.41 ? 154 SER A C   1 
ATOM   1184 O O   . SER A 1 154 ? 18.014  7.619   -2.395  1.00 16.22 ? 154 SER A O   1 
ATOM   1185 C CB  . SER A 1 154 ? 17.761  8.684   -5.473  1.00 19.88 ? 154 SER A CB  1 
ATOM   1186 O OG  . SER A 1 154 ? 17.644  8.476   -6.875  1.00 24.43 ? 154 SER A OG  1 
ATOM   1187 N N   . LYS A 1 155 ? 15.990  8.453   -2.919  1.00 18.64 ? 155 LYS A N   1 
ATOM   1188 C CA  . LYS A 1 155 ? 15.656  8.892   -1.567  1.00 21.00 ? 155 LYS A CA  1 
ATOM   1189 C C   . LYS A 1 155 ? 14.177  8.572   -1.374  1.00 19.48 ? 155 LYS A C   1 
ATOM   1190 O O   . LYS A 1 155 ? 13.318  9.409   -1.637  1.00 17.63 ? 155 LYS A O   1 
ATOM   1191 C CB  . LYS A 1 155 ? 15.897  10.397  -1.443  1.00 24.44 ? 155 LYS A CB  1 
ATOM   1192 C CG  . LYS A 1 155 ? 15.523  11.000  -0.096  1.00 30.72 ? 155 LYS A CG  1 
ATOM   1193 C CD  . LYS A 1 155 ? 16.459  10.548  1.011   1.00 36.37 ? 155 LYS A CD  1 
ATOM   1194 C CE  . LYS A 1 155 ? 16.093  11.211  2.335   1.00 38.85 ? 155 LYS A CE  1 
ATOM   1195 N NZ  . LYS A 1 155 ? 16.110  12.703  2.230   1.00 41.02 ? 155 LYS A NZ  1 
ATOM   1196 N N   . PRO A 1 156 ? 13.866  7.347   -0.921  1.00 19.75 ? 156 PRO A N   1 
ATOM   1197 C CA  . PRO A 1 156 ? 12.473  6.938   -0.710  1.00 18.74 ? 156 PRO A CA  1 
ATOM   1198 C C   . PRO A 1 156 ? 11.714  7.843   0.252   1.00 18.07 ? 156 PRO A C   1 
ATOM   1199 O O   . PRO A 1 156 ? 12.232  8.234   1.296   1.00 18.23 ? 156 PRO A O   1 
ATOM   1200 C CB  . PRO A 1 156 ? 12.609  5.520   -0.167  1.00 19.67 ? 156 PRO A CB  1 
ATOM   1201 C CG  . PRO A 1 156 ? 13.883  5.030   -0.825  1.00 20.12 ? 156 PRO A CG  1 
ATOM   1202 C CD  . PRO A 1 156 ? 14.784  6.227   -0.645  1.00 18.49 ? 156 PRO A CD  1 
ATOM   1203 N N   . VAL A 1 157 ? 10.483  8.172   -0.120  1.00 16.89 ? 157 VAL A N   1 
ATOM   1204 C CA  . VAL A 1 157 ? 9.622   9.001   0.701   1.00 14.32 ? 157 VAL A CA  1 
ATOM   1205 C C   . VAL A 1 157 ? 9.334   8.214   1.971   1.00 14.19 ? 157 VAL A C   1 
ATOM   1206 O O   . VAL A 1 157 ? 8.997   7.030   1.920   1.00 14.35 ? 157 VAL A O   1 
ATOM   1207 C CB  . VAL A 1 157 ? 8.309   9.316   -0.044  1.00 16.05 ? 157 VAL A CB  1 
ATOM   1208 C CG1 . VAL A 1 157 ? 7.349   10.069  0.861   1.00 13.41 ? 157 VAL A CG1 1 
ATOM   1209 C CG2 . VAL A 1 157 ? 8.626   10.158  -1.280  1.00 16.55 ? 157 VAL A CG2 1 
ATOM   1210 N N   . VAL A 1 158 ? 9.480   8.871   3.111   1.00 13.61 ? 158 VAL A N   1 
ATOM   1211 C CA  . VAL A 1 158 ? 9.267   8.220   4.394   1.00 12.19 ? 158 VAL A CA  1 
ATOM   1212 C C   . VAL A 1 158 ? 7.895   8.494   5.005   1.00 13.47 ? 158 VAL A C   1 
ATOM   1213 O O   . VAL A 1 158 ? 7.364   9.606   4.924   1.00 12.40 ? 158 VAL A O   1 
ATOM   1214 C CB  . VAL A 1 158 ? 10.346  8.672   5.417   1.00 15.37 ? 158 VAL A CB  1 
ATOM   1215 C CG1 . VAL A 1 158 ? 10.194  7.905   6.716   1.00 16.92 ? 158 VAL A CG1 1 
ATOM   1216 C CG2 . VAL A 1 158 ? 11.729  8.460   4.825   1.00 17.72 ? 158 VAL A CG2 1 
ATOM   1217 N N   . ILE A 1 159 ? 7.323   7.461   5.611   1.00 12.88 ? 159 ILE A N   1 
ATOM   1218 C CA  . ILE A 1 159 ? 6.050   7.586   6.306   1.00 12.20 ? 159 ILE A CA  1 
ATOM   1219 C C   . ILE A 1 159 ? 6.488   7.870   7.736   1.00 12.21 ? 159 ILE A C   1 
ATOM   1220 O O   . ILE A 1 159 ? 6.934   6.972   8.440   1.00 13.27 ? 159 ILE A O   1 
ATOM   1221 C CB  . ILE A 1 159 ? 5.251   6.264   6.265   1.00 13.97 ? 159 ILE A CB  1 
ATOM   1222 C CG1 . ILE A 1 159 ? 4.809   5.970   4.825   1.00 13.78 ? 159 ILE A CG1 1 
ATOM   1223 C CG2 . ILE A 1 159 ? 4.030   6.349   7.195   1.00 15.06 ? 159 ILE A CG2 1 
ATOM   1224 C CD1 . ILE A 1 159 ? 4.137   4.606   4.652   1.00 18.34 ? 159 ILE A CD1 1 
ATOM   1225 N N   . LEU A 1 160 ? 6.396   9.129   8.144   1.00 12.63 ? 160 LEU A N   1 
ATOM   1226 C CA  . LEU A 1 160 ? 6.818   9.532   9.483   1.00 12.82 ? 160 LEU A CA  1 
ATOM   1227 C C   . LEU A 1 160 ? 5.894   8.966   10.549  1.00 13.72 ? 160 LEU A C   1 
ATOM   1228 O O   . LEU A 1 160 ? 6.330   8.629   11.649  1.00 14.18 ? 160 LEU A O   1 
ATOM   1229 C CB  . LEU A 1 160 ? 6.876   11.060  9.590   1.00 14.74 ? 160 LEU A CB  1 
ATOM   1230 C CG  . LEU A 1 160 ? 7.981   11.827  8.844   1.00 20.51 ? 160 LEU A CG  1 
ATOM   1231 C CD1 . LEU A 1 160 ? 9.353   11.304  9.258   1.00 20.87 ? 160 LEU A CD1 1 
ATOM   1232 C CD2 . LEU A 1 160 ? 7.792   11.689  7.350   1.00 24.77 ? 160 LEU A CD2 1 
ATOM   1233 N N   . SER A 1 161 ? 4.650   8.935   10.325  1.00 10.66 ? 161 SER A N   1 
ATOM   1234 C CA  . SER A 1 161 ? 3.678   8.310   11.216  1.00 11.20 ? 161 SER A CA  1 
ATOM   1235 C C   . SER A 1 161 ? 2.425   7.862   10.465  1.00 10.72 ? 161 SER A C   1 
ATOM   1236 O O   . SER A 1 161 ? 2.089   8.397   9.408   1.00 9.02  ? 161 SER A O   1 
ATOM   1237 C CB  . SER A 1 161 ? 3.288   9.266   12.348  1.00 9.31  ? 161 SER A CB  1 
ATOM   1238 O OG  . SER A 1 161 ? 2.378   10.246  11.890  1.00 9.80  ? 161 SER A OG  1 
ATOM   1239 N N   . ALA A 1 162 ? 1.809   6.799   10.966  1.00 12.34 ? 162 ALA A N   1 
ATOM   1240 C CA  . ALA A 1 162 ? 0.494   6.370   10.505  1.00 12.26 ? 162 ALA A CA  1 
ATOM   1241 C C   . ALA A 1 162 ? -0.431  6.283   11.713  1.00 10.19 ? 162 ALA A C   1 
ATOM   1242 O O   . ALA A 1 162 ? -0.049  5.753   12.758  1.00 11.30 ? 162 ALA A O   1 
ATOM   1243 C CB  . ALA A 1 162 ? 0.587   5.016   9.805   1.00 9.96  ? 162 ALA A CB  1 
ATOM   1244 N N   . THR A 1 163 ? -1.637  6.844   11.575  1.00 10.88 ? 163 THR A N   1 
ATOM   1245 C CA  . THR A 1 163 ? -2.555  6.956   12.694  1.00 14.30 ? 163 THR A CA  1 
ATOM   1246 C C   . THR A 1 163 ? -3.977  6.670   12.247  1.00 10.37 ? 163 THR A C   1 
ATOM   1247 O O   . THR A 1 163 ? -4.481  7.286   11.308  1.00 10.73 ? 163 THR A O   1 
ATOM   1248 C CB  . THR A 1 163 ? -2.484  8.338   13.342  1.00 14.47 ? 163 THR A CB  1 
ATOM   1249 O OG1 . THR A 1 163 ? -2.870  9.336   12.389  1.00 26.61 ? 163 THR A OG1 1 
ATOM   1250 C CG2 . THR A 1 163 ? -1.076  8.620   13.839  1.00 17.55 ? 163 THR A CG2 1 
ATOM   1251 N N   . VAL A 1 164 ? -4.682  5.864   13.040  1.00 12.39 ? 164 VAL A N   1 
ATOM   1252 C CA  . VAL A 1 164 ? -6.128  5.743   12.893  1.00 15.54 ? 164 VAL A CA  1 
ATOM   1253 C C   . VAL A 1 164 ? -6.774  6.998   13.452  1.00 15.18 ? 164 VAL A C   1 
ATOM   1254 O O   . VAL A 1 164 ? -6.443  7.442   14.555  1.00 18.39 ? 164 VAL A O   1 
ATOM   1255 C CB  . VAL A 1 164 ? -6.678  4.503   13.642  1.00 17.03 ? 164 VAL A CB  1 
ATOM   1256 C CG1 . VAL A 1 164 ? -8.176  4.368   13.403  1.00 19.37 ? 164 VAL A CG1 1 
ATOM   1257 C CG2 . VAL A 1 164 ? -5.957  3.241   13.174  1.00 14.22 ? 164 VAL A CG2 1 
ATOM   1258 N N   . LEU A 1 165 ? -7.689  7.705   12.623  1.00 18.18 ? 165 LEU A N   1 
ATOM   1259 C CA  . LEU A 1 165 ? -8.332  8.953   13.025  1.00 20.42 ? 165 LEU A CA  1 
ATOM   1260 C C   . LEU A 1 165 ? -9.596  8.703   13.844  1.00 23.08 ? 165 LEU A C   1 
ATOM   1261 O O   . LEU A 1 165 ? -10.228 7.652   13.727  1.00 21.70 ? 165 LEU A O   1 
ATOM   1262 C CB  . LEU A 1 165 ? -8.663  9.793   11.785  1.00 20.05 ? 165 LEU A CB  1 
ATOM   1263 C CG  . LEU A 1 165 ? -7.468  10.204  10.915  1.00 19.74 ? 165 LEU A CG  1 
ATOM   1264 C CD1 . LEU A 1 165 ? -7.949  10.924  9.662   1.00 20.21 ? 165 LEU A CD1 1 
ATOM   1265 C CD2 . LEU A 1 165 ? -6.548  11.106  11.724  1.00 19.74 ? 165 LEU A CD2 1 
ATOM   1266 N N   . PRO A 1 166 ? -9.975  9.664   14.704  1.00 25.28 ? 166 PRO A N   1 
ATOM   1267 C CA  . PRO A 1 166 ? -11.182 9.474   15.514  1.00 28.10 ? 166 PRO A CA  1 
ATOM   1268 C C   . PRO A 1 166 ? -12.466 9.629   14.704  1.00 30.24 ? 166 PRO A C   1 
ATOM   1269 O O   . PRO A 1 166 ? -12.389 10.120  13.558  1.00 30.25 ? 166 PRO A O   1 
ATOM   1270 C CB  . PRO A 1 166 ? -11.035 10.541  16.597  1.00 28.63 ? 166 PRO A CB  1 
ATOM   1271 C CG  . PRO A 1 166 ? -10.340 11.653  15.875  1.00 27.97 ? 166 PRO A CG  1 
ATOM   1272 C CD  . PRO A 1 166 ? -9.286  10.918  15.064  1.00 26.85 ? 166 PRO A CD  1 
ATOM   1273 O OXT . PRO A 1 166 ? -13.535 9.258   15.231  1.00 32.90 ? 166 PRO A OXT 1 
HETATM 1274 O O   . HOH B 2 .   ? 8.767   -0.035  2.577   1.00 14.06 ? 167 HOH A O   1 
HETATM 1275 O O   . HOH B 2 .   ? -6.206  -9.826  1.608   1.00 13.82 ? 168 HOH A O   1 
HETATM 1276 O O   . HOH B 2 .   ? -10.000 -6.747  -4.495  1.00 15.68 ? 169 HOH A O   1 
HETATM 1277 O O   . HOH B 2 .   ? 0.452   -9.541  8.374   1.00 15.49 ? 170 HOH A O   1 
HETATM 1278 O O   . HOH B 2 .   ? -3.138  -9.193  -2.469  1.00 13.46 ? 171 HOH A O   1 
HETATM 1279 O O   . HOH B 2 .   ? -2.689  -12.451 0.951   1.00 16.74 ? 172 HOH A O   1 
HETATM 1280 O O   . HOH B 2 .   ? -0.272  10.312  10.582  1.00 15.91 ? 173 HOH A O   1 
HETATM 1281 O O   . HOH B 2 .   ? 2.360   2.933   12.302  1.00 17.60 ? 174 HOH A O   1 
HETATM 1282 O O   . HOH B 2 .   ? 14.256  9.759   -4.914  1.00 18.90 ? 175 HOH A O   1 
HETATM 1283 O O   . HOH B 2 .   ? -3.738  -5.721  5.356   1.00 18.17 ? 176 HOH A O   1 
HETATM 1284 O O   . HOH B 2 .   ? 9.274   7.011   -2.401  1.00 18.83 ? 177 HOH A O   1 
HETATM 1285 O O   . HOH B 2 .   ? -8.976  -2.148  -12.166 1.00 18.22 ? 178 HOH A O   1 
HETATM 1286 O O   . HOH B 2 .   ? -16.172 0.281   6.468   1.00 28.40 ? 179 HOH A O   1 
HETATM 1287 O O   . HOH B 2 .   ? -8.676  -7.787  -7.207  1.00 20.77 ? 180 HOH A O   1 
HETATM 1288 O O   . HOH B 2 .   ? -5.834  -14.438 7.385   1.00 16.84 ? 181 HOH A O   1 
HETATM 1289 O O   . HOH B 2 .   ? 2.718   -7.810  1.903   1.00 19.33 ? 182 HOH A O   1 
HETATM 1290 O O   . HOH B 2 .   ? 9.643   7.615   -10.304 1.00 20.83 ? 183 HOH A O   1 
HETATM 1291 O O   . HOH B 2 .   ? 3.374   15.674  5.193   1.00 18.52 ? 184 HOH A O   1 
HETATM 1292 O O   . HOH B 2 .   ? -3.450  4.659   15.346  1.00 21.45 ? 185 HOH A O   1 
HETATM 1293 O O   . HOH B 2 .   ? 2.609   8.939   -11.943 1.00 21.23 ? 186 HOH A O   1 
HETATM 1294 O O   . HOH B 2 .   ? -0.976  6.309   -15.921 1.00 25.44 ? 187 HOH A O   1 
HETATM 1295 O O   . HOH B 2 .   ? -1.393  -12.216 10.862  1.00 27.65 ? 188 HOH A O   1 
HETATM 1296 O O   . HOH B 2 .   ? -10.870 -5.665  -13.922 1.00 25.17 ? 189 HOH A O   1 
HETATM 1297 O O   . HOH B 2 .   ? 13.696  2.492   2.363   1.00 25.11 ? 190 HOH A O   1 
HETATM 1298 O O   . HOH B 2 .   ? -11.280 6.102   11.809  1.00 23.95 ? 191 HOH A O   1 
HETATM 1299 O O   . HOH B 2 .   ? -2.752  16.106  1.439   1.00 30.35 ? 192 HOH A O   1 
HETATM 1300 O O   . HOH B 2 .   ? -12.841 -12.131 4.165   1.00 29.56 ? 193 HOH A O   1 
HETATM 1301 O O   . HOH B 2 .   ? -0.114  17.250  2.462   1.00 23.99 ? 194 HOH A O   1 
HETATM 1302 O O   . HOH B 2 .   ? -6.897  -13.903 -14.555 1.00 28.65 ? 195 HOH A O   1 
HETATM 1303 O O   . HOH B 2 .   ? 5.527   -13.343 8.286   1.00 30.95 ? 196 HOH A O   1 
HETATM 1304 O O   . HOH B 2 .   ? 14.734  7.552   2.183   1.00 30.94 ? 197 HOH A O   1 
HETATM 1305 O O   . HOH B 2 .   ? -12.969 -9.573  -7.067  1.00 30.47 ? 198 HOH A O   1 
HETATM 1306 O O   . HOH B 2 .   ? 13.037  -2.653  -8.588  1.00 28.57 ? 199 HOH A O   1 
HETATM 1307 O O   . HOH B 2 .   ? -6.396  -9.827  10.040  1.00 27.39 ? 200 HOH A O   1 
HETATM 1308 O O   . HOH B 2 .   ? 0.091   9.816   -11.799 1.00 30.91 ? 201 HOH A O   1 
HETATM 1309 O O   . HOH B 2 .   ? -4.572  2.575   -16.848 1.00 25.98 ? 202 HOH A O   1 
HETATM 1310 O O   . HOH B 2 .   ? -6.404  15.854  -1.957  1.00 35.74 ? 203 HOH A O   1 
HETATM 1311 O O   . HOH B 2 .   ? -7.297  13.159  -3.183  1.00 29.26 ? 204 HOH A O   1 
HETATM 1312 O O   . HOH B 2 .   ? 8.095   13.997  -7.419  1.00 28.69 ? 205 HOH A O   1 
HETATM 1313 O O   . HOH B 2 .   ? -12.006 -5.878  10.194  1.00 31.12 ? 206 HOH A O   1 
HETATM 1314 O O   . HOH B 2 .   ? 4.233   5.134   -16.867 1.00 30.76 ? 207 HOH A O   1 
HETATM 1315 O O   . HOH B 2 .   ? -5.373  -2.647  16.333  1.00 35.35 ? 208 HOH A O   1 
HETATM 1316 O O   . HOH B 2 .   ? -11.594 0.596   -2.755  1.00 28.32 ? 209 HOH A O   1 
HETATM 1317 O O   . HOH B 2 .   ? -8.400  -16.953 -9.470  1.00 38.71 ? 210 HOH A O   1 
HETATM 1318 O O   . HOH B 2 .   ? -12.105 -8.631  -10.981 1.00 35.87 ? 211 HOH A O   1 
HETATM 1319 O O   . HOH B 2 .   ? -1.857  8.038   -13.399 1.00 34.53 ? 212 HOH A O   1 
HETATM 1320 O O   . HOH B 2 .   ? -17.459 -0.684  4.320   1.00 31.47 ? 213 HOH A O   1 
HETATM 1321 O O   . HOH B 2 .   ? -11.129 -14.523 -0.063  1.00 36.12 ? 214 HOH A O   1 
HETATM 1322 O O   . HOH B 2 .   ? -10.075 7.717   -4.390  1.00 29.34 ? 215 HOH A O   1 
HETATM 1323 O O   . HOH B 2 .   ? 14.068  7.867   -12.354 1.00 36.34 ? 216 HOH A O   1 
HETATM 1324 O O   . HOH B 2 .   ? 19.128  10.720  -8.402  1.00 31.25 ? 217 HOH A O   1 
HETATM 1325 O O   . HOH B 2 .   ? -0.638  -6.890  11.873  1.00 34.25 ? 218 HOH A O   1 
HETATM 1326 O O   . HOH B 2 .   ? -1.349  -19.173 -4.944  1.00 35.38 ? 219 HOH A O   1 
HETATM 1327 O O   . HOH B 2 .   ? 10.602  1.599   11.286  1.00 36.07 ? 220 HOH A O   1 
HETATM 1328 O O   . HOH B 2 .   ? -16.911 -7.130  7.921   1.00 36.27 ? 221 HOH A O   1 
HETATM 1329 O O   . HOH B 2 .   ? 16.214  5.629   -13.589 1.00 44.90 ? 222 HOH A O   1 
HETATM 1330 O O   . HOH B 2 .   ? -1.903  -3.544  17.141  1.00 34.56 ? 223 HOH A O   1 
HETATM 1331 O O   . HOH B 2 .   ? -5.520  -11.605 -12.328 1.00 37.92 ? 224 HOH A O   1 
HETATM 1332 O O   . HOH B 2 .   ? 12.388  10.936  1.882   1.00 45.02 ? 225 HOH A O   1 
HETATM 1333 O O   . HOH B 2 .   ? -7.253  -9.022  -14.282 1.00 30.75 ? 226 HOH A O   1 
HETATM 1334 O O   . HOH B 2 .   ? 10.987  5.805   -12.024 1.00 36.58 ? 227 HOH A O   1 
HETATM 1335 O O   . HOH B 2 .   ? -12.545 -7.281  -8.785  1.00 37.81 ? 228 HOH A O   1 
HETATM 1336 O O   . HOH B 2 .   ? 10.602  10.100  12.569  1.00 38.11 ? 229 HOH A O   1 
HETATM 1337 O O   . HOH B 2 .   ? 10.502  3.219   -11.382 1.00 28.45 ? 230 HOH A O   1 
HETATM 1338 O O   . HOH B 2 .   ? 13.717  3.138   -13.283 1.00 44.70 ? 231 HOH A O   1 
HETATM 1339 O O   . HOH B 2 .   ? -3.286  -17.301 -7.766  1.00 41.85 ? 232 HOH A O   1 
HETATM 1340 O O   . HOH B 2 .   ? -5.704  4.777   -15.854 1.00 32.56 ? 233 HOH A O   1 
HETATM 1341 O O   . HOH B 2 .   ? -3.736  17.435  -1.142  1.00 40.42 ? 234 HOH A O   1 
HETATM 1342 O O   . HOH B 2 .   ? 3.466   -11.075 -6.526  1.00 37.34 ? 235 HOH A O   1 
HETATM 1343 O O   . HOH B 2 .   ? -9.392  11.032  -3.422  1.00 36.32 ? 236 HOH A O   1 
HETATM 1344 O O   . HOH B 2 .   ? -1.606  -16.663 9.078   1.00 36.44 ? 237 HOH A O   1 
HETATM 1345 O O   . HOH B 2 .   ? -10.695 5.110   -5.728  1.00 41.63 ? 238 HOH A O   1 
HETATM 1346 O O   . HOH B 2 .   ? -11.232 12.425  8.627   1.00 48.13 ? 239 HOH A O   1 
HETATM 1347 O O   . HOH B 2 .   ? -3.074  -9.969  10.844  1.00 40.31 ? 240 HOH A O   1 
HETATM 1348 O O   . HOH B 2 .   ? -4.942  -8.868  12.183  1.00 39.67 ? 241 HOH A O   1 
HETATM 1349 O O   . HOH B 2 .   ? -2.459  14.995  -8.809  1.00 35.32 ? 242 HOH A O   1 
HETATM 1350 O O   . HOH B 2 .   ? 4.554   -13.934 3.328   1.00 37.30 ? 243 HOH A O   1 
HETATM 1351 O O   . HOH B 2 .   ? 17.602  -0.353  -16.563 1.00 45.08 ? 244 HOH A O   1 
HETATM 1352 O O   . HOH B 2 .   ? 16.801  8.598   8.398   1.00 41.82 ? 245 HOH A O   1 
HETATM 1353 O O   . HOH B 2 .   ? -12.183 -0.811  -5.727  1.00 38.59 ? 246 HOH A O   1 
HETATM 1354 O O   . HOH B 2 .   ? -5.657  15.490  -4.531  1.00 44.91 ? 247 HOH A O   1 
# 
loop_
_pdbx_poly_seq_scheme.asym_id 
_pdbx_poly_seq_scheme.entity_id 
_pdbx_poly_seq_scheme.seq_id 
_pdbx_poly_seq_scheme.mon_id 
_pdbx_poly_seq_scheme.ndb_seq_num 
_pdbx_poly_seq_scheme.pdb_seq_num 
_pdbx_poly_seq_scheme.auth_seq_num 
_pdbx_poly_seq_scheme.pdb_mon_id 
_pdbx_poly_seq_scheme.auth_mon_id 
_pdbx_poly_seq_scheme.pdb_strand_id 
_pdbx_poly_seq_scheme.pdb_ins_code 
_pdbx_poly_seq_scheme.hetero 
A 1 1   ALA 1   1   1   ALA ALA A . n 
A 1 2   LYS 2   2   2   LYS LYS A . n 
A 1 3   GLY 3   3   3   GLY GLY A . n 
A 1 4   ASP 4   4   4   ASP ASP A . n 
A 1 5   PRO 5   5   5   PRO PRO A . n 
A 1 6   HIS 6   6   6   HIS HIS A . n 
A 1 7   VAL 7   7   7   VAL VAL A . n 
A 1 8   LEU 8   8   8   LEU LEU A . n 
A 1 9   LEU 9   9   9   LEU LEU A . n 
A 1 10  THR 10  10  10  THR THR A . n 
A 1 11  THR 11  11  11  THR THR A . n 
A 1 12  SER 12  12  12  SER SER A . n 
A 1 13  ALA 13  13  13  ALA ALA A . n 
A 1 14  GLY 14  14  14  GLY GLY A . n 
A 1 15  ASN 15  15  15  ASN ASN A . n 
A 1 16  ILE 16  16  16  ILE ILE A . n 
A 1 17  GLU 17  17  17  GLU GLU A . n 
A 1 18  LEU 18  18  18  LEU LEU A . n 
A 1 19  GLU 19  19  19  GLU GLU A . n 
A 1 20  LEU 20  20  20  LEU LEU A . n 
A 1 21  ASP 21  21  21  ASP ASP A . n 
A 1 22  LYS 22  22  22  LYS LYS A . n 
A 1 23  GLN 23  23  23  GLN GLN A . n 
A 1 24  LYS 24  24  24  LYS LYS A . n 
A 1 25  ALA 25  25  25  ALA ALA A . n 
A 1 26  PRO 26  26  26  PRO PRO A . n 
A 1 27  VAL 27  27  27  VAL VAL A . n 
A 1 28  SER 28  28  28  SER SER A . n 
A 1 29  VAL 29  29  29  VAL VAL A . n 
A 1 30  GLN 30  30  30  GLN GLN A . n 
A 1 31  ASN 31  31  31  ASN ASN A . n 
A 1 32  PHE 32  32  32  PHE PHE A . n 
A 1 33  VAL 33  33  33  VAL VAL A . n 
A 1 34  ASP 34  34  34  ASP ASP A . n 
A 1 35  TYR 35  35  35  TYR TYR A . n 
A 1 36  VAL 36  36  36  VAL VAL A . n 
A 1 37  ASN 37  37  37  ASN ASN A . n 
A 1 38  SER 38  38  38  SER SER A . n 
A 1 39  GLY 39  39  39  GLY GLY A . n 
A 1 40  PHE 40  40  40  PHE PHE A . n 
A 1 41  TYR 41  41  41  TYR TYR A . n 
A 1 42  ASN 42  42  42  ASN ASN A . n 
A 1 43  ASN 43  43  43  ASN ASN A . n 
A 1 44  THR 44  44  44  THR THR A . n 
A 1 45  THR 45  45  45  THR THR A . n 
A 1 46  PHE 46  46  46  PHE PHE A . n 
A 1 47  HIS 47  47  47  HIS HIS A . n 
A 1 48  ARG 48  48  48  ARG ARG A . n 
A 1 49  VAL 49  49  49  VAL VAL A . n 
A 1 50  ILE 50  50  50  ILE ILE A . n 
A 1 51  PRO 51  51  51  PRO PRO A . n 
A 1 52  GLY 52  52  52  GLY GLY A . n 
A 1 53  PHE 53  53  53  PHE PHE A . n 
A 1 54  MET 54  54  54  MET MET A . n 
A 1 55  ILE 55  55  55  ILE ILE A . n 
A 1 56  GLN 56  56  56  GLN GLN A . n 
A 1 57  GLY 57  57  57  GLY GLY A . n 
A 1 58  GLY 58  58  58  GLY GLY A . n 
A 1 59  GLY 59  59  59  GLY GLY A . n 
A 1 60  PHE 60  60  60  PHE PHE A . n 
A 1 61  THR 61  61  61  THR THR A . n 
A 1 62  GLU 62  62  62  GLU GLU A . n 
A 1 63  GLN 63  63  63  GLN GLN A . n 
A 1 64  MET 64  64  64  MET MET A . n 
A 1 65  GLN 65  65  65  GLN GLN A . n 
A 1 66  GLN 66  66  66  GLN GLN A . n 
A 1 67  LYS 67  67  67  LYS LYS A . n 
A 1 68  LYS 68  68  68  LYS LYS A . n 
A 1 69  PRO 69  69  69  PRO PRO A . n 
A 1 70  ASN 70  70  70  ASN ASN A . n 
A 1 71  PRO 71  71  71  PRO PRO A . n 
A 1 72  PRO 72  72  72  PRO PRO A . n 
A 1 73  ILE 73  73  73  ILE ILE A . n 
A 1 74  LYS 74  74  74  LYS LYS A . n 
A 1 75  ASN 75  75  75  ASN ASN A . n 
A 1 76  GLU 76  76  76  GLU GLU A . n 
A 1 77  ALA 77  77  77  ALA ALA A . n 
A 1 78  ASP 78  78  78  ASP ASP A . n 
A 1 79  ASN 79  79  79  ASN ASN A . n 
A 1 80  GLY 80  80  80  GLY GLY A . n 
A 1 81  LEU 81  81  81  LEU LEU A . n 
A 1 82  ARG 82  82  82  ARG ARG A . n 
A 1 83  ASN 83  83  83  ASN ASN A . n 
A 1 84  THR 84  84  84  THR THR A . n 
A 1 85  ARG 85  85  85  ARG ARG A . n 
A 1 86  GLY 86  86  86  GLY GLY A . n 
A 1 87  THR 87  87  87  THR THR A . n 
A 1 88  ILE 88  88  88  ILE ILE A . n 
A 1 89  ALA 89  89  89  ALA ALA A . n 
A 1 90  MET 90  90  90  MET MET A . n 
A 1 91  ALA 91  91  91  ALA ALA A . n 
A 1 92  ARG 92  92  92  ARG ARG A . n 
A 1 93  THR 93  93  93  THR THR A . n 
A 1 94  ALA 94  94  94  ALA ALA A . n 
A 1 95  ASP 95  95  95  ASP ASP A . n 
A 1 96  LYS 96  96  96  LYS LYS A . n 
A 1 97  ASP 97  97  97  ASP ASP A . n 
A 1 98  SER 98  98  98  SER SER A . n 
A 1 99  ALA 99  99  99  ALA ALA A . n 
A 1 100 THR 100 100 100 THR THR A . n 
A 1 101 SER 101 101 101 SER SER A . n 
A 1 102 GLN 102 102 102 GLN GLN A . n 
A 1 103 PHE 103 103 103 PHE PHE A . n 
A 1 104 PHE 104 104 104 PHE PHE A . n 
A 1 105 ILE 105 105 105 ILE ILE A . n 
A 1 106 ASN 106 106 106 ASN ASN A . n 
A 1 107 VAL 107 107 107 VAL VAL A . n 
A 1 108 ALA 108 108 108 ALA ALA A . n 
A 1 109 ASP 109 109 109 ASP ASP A . n 
A 1 110 ASN 110 110 110 ASN ASN A . n 
A 1 111 ALA 111 111 111 ALA ALA A . n 
A 1 112 PHE 112 112 112 PHE PHE A . n 
A 1 113 LEU 113 113 113 LEU LEU A . n 
A 1 114 ASP 114 114 114 ASP ASP A . n 
A 1 115 HIS 115 115 115 HIS HIS A . n 
A 1 116 GLY 116 116 116 GLY GLY A . n 
A 1 117 GLN 117 117 117 GLN GLN A . n 
A 1 118 ARG 118 118 118 ARG ARG A . n 
A 1 119 ASP 119 119 119 ASP ASP A . n 
A 1 120 PHE 120 120 120 PHE PHE A . n 
A 1 121 GLY 121 121 121 GLY GLY A . n 
A 1 122 TYR 122 122 122 TYR TYR A . n 
A 1 123 ALA 123 123 123 ALA ALA A . n 
A 1 124 VAL 124 124 124 VAL VAL A . n 
A 1 125 PHE 125 125 125 PHE PHE A . n 
A 1 126 GLY 126 126 126 GLY GLY A . n 
A 1 127 LYS 127 127 127 LYS LYS A . n 
A 1 128 VAL 128 128 128 VAL VAL A . n 
A 1 129 VAL 129 129 129 VAL VAL A . n 
A 1 130 LYS 130 130 130 LYS LYS A . n 
A 1 131 GLY 131 131 131 GLY GLY A . n 
A 1 132 MET 132 132 132 MET MET A . n 
A 1 133 ASP 133 133 133 ASP ASP A . n 
A 1 134 VAL 134 134 134 VAL VAL A . n 
A 1 135 ALA 135 135 135 ALA ALA A . n 
A 1 136 ASP 136 136 136 ASP ASP A . n 
A 1 137 LYS 137 137 137 LYS LYS A . n 
A 1 138 ILE 138 138 138 ILE ILE A . n 
A 1 139 SER 139 139 139 SER SER A . n 
A 1 140 GLN 140 140 140 GLN GLN A . n 
A 1 141 VAL 141 141 141 VAL VAL A . n 
A 1 142 PRO 142 142 142 PRO PRO A . n 
A 1 143 THR 143 143 143 THR THR A . n 
A 1 144 HIS 144 144 144 HIS HIS A . n 
A 1 145 ASP 145 145 145 ASP ASP A . n 
A 1 146 VAL 146 146 146 VAL VAL A . n 
A 1 147 GLY 147 147 147 GLY GLY A . n 
A 1 148 PRO 148 148 148 PRO PRO A . n 
A 1 149 TYR 149 149 149 TYR TYR A . n 
A 1 150 GLN 150 150 150 GLN GLN A . n 
A 1 151 ASN 151 151 151 ASN ASN A . n 
A 1 152 VAL 152 152 152 VAL VAL A . n 
A 1 153 PRO 153 153 153 PRO PRO A . n 
A 1 154 SER 154 154 154 SER SER A . n 
A 1 155 LYS 155 155 155 LYS LYS A . n 
A 1 156 PRO 156 156 156 PRO PRO A . n 
A 1 157 VAL 157 157 157 VAL VAL A . n 
A 1 158 VAL 158 158 158 VAL VAL A . n 
A 1 159 ILE 159 159 159 ILE ILE A . n 
A 1 160 LEU 160 160 160 LEU LEU A . n 
A 1 161 SER 161 161 161 SER SER A . n 
A 1 162 ALA 162 162 162 ALA ALA A . n 
A 1 163 THR 163 163 163 THR THR A . n 
A 1 164 VAL 164 164 164 VAL VAL A . n 
A 1 165 LEU 165 165 165 LEU LEU A . n 
A 1 166 PRO 166 166 166 PRO PRO A . n 
# 
loop_
_pdbx_nonpoly_scheme.asym_id 
_pdbx_nonpoly_scheme.entity_id 
_pdbx_nonpoly_scheme.mon_id 
_pdbx_nonpoly_scheme.ndb_seq_num 
_pdbx_nonpoly_scheme.pdb_seq_num 
_pdbx_nonpoly_scheme.auth_seq_num 
_pdbx_nonpoly_scheme.pdb_mon_id 
_pdbx_nonpoly_scheme.auth_mon_id 
_pdbx_nonpoly_scheme.pdb_strand_id 
_pdbx_nonpoly_scheme.pdb_ins_code 
B 2 HOH 1  167 1  HOH HOH A . 
B 2 HOH 2  168 2  HOH HOH A . 
B 2 HOH 3  169 3  HOH HOH A . 
B 2 HOH 4  170 4  HOH HOH A . 
B 2 HOH 5  171 5  HOH HOH A . 
B 2 HOH 6  172 6  HOH HOH A . 
B 2 HOH 7  173 7  HOH HOH A . 
B 2 HOH 8  174 8  HOH HOH A . 
B 2 HOH 9  175 9  HOH HOH A . 
B 2 HOH 10 176 10 HOH HOH A . 
B 2 HOH 11 177 11 HOH HOH A . 
B 2 HOH 12 178 12 HOH HOH A . 
B 2 HOH 13 179 13 HOH HOH A . 
B 2 HOH 14 180 14 HOH HOH A . 
B 2 HOH 15 181 15 HOH HOH A . 
B 2 HOH 16 182 16 HOH HOH A . 
B 2 HOH 17 183 17 HOH HOH A . 
B 2 HOH 18 184 18 HOH HOH A . 
B 2 HOH 19 185 19 HOH HOH A . 
B 2 HOH 20 186 20 HOH HOH A . 
B 2 HOH 21 187 21 HOH HOH A . 
B 2 HOH 22 188 22 HOH HOH A . 
B 2 HOH 23 189 23 HOH HOH A . 
B 2 HOH 24 190 24 HOH HOH A . 
B 2 HOH 25 191 25 HOH HOH A . 
B 2 HOH 26 192 26 HOH HOH A . 
B 2 HOH 27 193 27 HOH HOH A . 
B 2 HOH 28 194 28 HOH HOH A . 
B 2 HOH 29 195 29 HOH HOH A . 
B 2 HOH 30 196 30 HOH HOH A . 
B 2 HOH 31 197 31 HOH HOH A . 
B 2 HOH 32 198 32 HOH HOH A . 
B 2 HOH 33 199 33 HOH HOH A . 
B 2 HOH 34 200 34 HOH HOH A . 
B 2 HOH 35 201 35 HOH HOH A . 
B 2 HOH 36 202 36 HOH HOH A . 
B 2 HOH 37 203 37 HOH HOH A . 
B 2 HOH 38 204 38 HOH HOH A . 
B 2 HOH 39 205 39 HOH HOH A . 
B 2 HOH 40 206 40 HOH HOH A . 
B 2 HOH 41 207 41 HOH HOH A . 
B 2 HOH 42 208 42 HOH HOH A . 
B 2 HOH 43 209 43 HOH HOH A . 
B 2 HOH 44 210 44 HOH HOH A . 
B 2 HOH 45 211 45 HOH HOH A . 
B 2 HOH 46 212 46 HOH HOH A . 
B 2 HOH 47 213 47 HOH HOH A . 
B 2 HOH 48 214 48 HOH HOH A . 
B 2 HOH 49 215 49 HOH HOH A . 
B 2 HOH 50 216 50 HOH HOH A . 
B 2 HOH 51 217 51 HOH HOH A . 
B 2 HOH 52 218 52 HOH HOH A . 
B 2 HOH 53 219 53 HOH HOH A . 
B 2 HOH 54 220 54 HOH HOH A . 
B 2 HOH 55 221 55 HOH HOH A . 
B 2 HOH 56 222 56 HOH HOH A . 
B 2 HOH 57 223 57 HOH HOH A . 
B 2 HOH 58 224 58 HOH HOH A . 
B 2 HOH 59 225 59 HOH HOH A . 
B 2 HOH 60 226 60 HOH HOH A . 
B 2 HOH 61 227 61 HOH HOH A . 
B 2 HOH 62 228 62 HOH HOH A . 
B 2 HOH 63 229 63 HOH HOH A . 
B 2 HOH 64 230 64 HOH HOH A . 
B 2 HOH 65 231 65 HOH HOH A . 
B 2 HOH 66 232 66 HOH HOH A . 
B 2 HOH 67 233 67 HOH HOH A . 
B 2 HOH 68 234 68 HOH HOH A . 
B 2 HOH 69 235 69 HOH HOH A . 
B 2 HOH 70 236 70 HOH HOH A . 
B 2 HOH 71 237 71 HOH HOH A . 
B 2 HOH 72 238 72 HOH HOH A . 
B 2 HOH 73 239 73 HOH HOH A . 
B 2 HOH 74 240 74 HOH HOH A . 
B 2 HOH 75 241 75 HOH HOH A . 
B 2 HOH 76 242 76 HOH HOH A . 
B 2 HOH 77 243 77 HOH HOH A . 
B 2 HOH 78 244 78 HOH HOH A . 
B 2 HOH 79 245 79 HOH HOH A . 
B 2 HOH 80 246 80 HOH HOH A . 
B 2 HOH 81 247 81 HOH HOH A . 
# 
_pdbx_struct_assembly.id                   1 
_pdbx_struct_assembly.details              author_defined_assembly 
_pdbx_struct_assembly.method_details       ? 
_pdbx_struct_assembly.oligomeric_details   monomeric 
_pdbx_struct_assembly.oligomeric_count     1 
# 
_pdbx_struct_assembly_gen.assembly_id       1 
_pdbx_struct_assembly_gen.oper_expression   1 
_pdbx_struct_assembly_gen.asym_id_list      A,B 
# 
_pdbx_struct_oper_list.id                   1 
_pdbx_struct_oper_list.type                 'identity operation' 
_pdbx_struct_oper_list.name                 1_555 
_pdbx_struct_oper_list.symmetry_operation   x,y,z 
_pdbx_struct_oper_list.matrix[1][1]         1.0000000000 
_pdbx_struct_oper_list.matrix[1][2]         0.0000000000 
_pdbx_struct_oper_list.matrix[1][3]         0.0000000000 
_pdbx_struct_oper_list.vector[1]            0.0000000000 
_pdbx_struct_oper_list.matrix[2][1]         0.0000000000 
_pdbx_struct_oper_list.matrix[2][2]         1.0000000000 
_pdbx_struct_oper_list.matrix[2][3]         0.0000000000 
_pdbx_struct_oper_list.vector[2]            0.0000000000 
_pdbx_struct_oper_list.matrix[3][1]         0.0000000000 
_pdbx_struct_oper_list.matrix[3][2]         0.0000000000 
_pdbx_struct_oper_list.matrix[3][3]         1.0000000000 
_pdbx_struct_oper_list.vector[3]            0.0000000000 
# 
loop_
_pdbx_audit_revision_history.ordinal 
_pdbx_audit_revision_history.data_content_type 
_pdbx_audit_revision_history.major_revision 
_pdbx_audit_revision_history.minor_revision 
_pdbx_audit_revision_history.revision_date 
1 'Structure model' 1 0 2004-02-10 
2 'Structure model' 1 1 2008-04-27 
3 'Structure model' 1 2 2011-07-13 
4 'Structure model' 1 3 2021-11-10 
5 'Structure model' 1 4 2023-10-25 
# 
_pdbx_audit_revision_details.ordinal             1 
_pdbx_audit_revision_details.revision_ordinal    1 
_pdbx_audit_revision_details.data_content_type   'Structure model' 
_pdbx_audit_revision_details.provider            repository 
_pdbx_audit_revision_details.type                'Initial release' 
_pdbx_audit_revision_details.description         ? 
_pdbx_audit_revision_details.details             ? 
# 
loop_
_pdbx_audit_revision_group.ordinal 
_pdbx_audit_revision_group.revision_ordinal 
_pdbx_audit_revision_group.data_content_type 
_pdbx_audit_revision_group.group 
1 2 'Structure model' 'Version format compliance' 
2 3 'Structure model' 'Version format compliance' 
3 4 'Structure model' 'Database references'       
4 5 'Structure model' 'Data collection'           
5 5 'Structure model' 'Refinement description'    
# 
loop_
_pdbx_audit_revision_category.ordinal 
_pdbx_audit_revision_category.revision_ordinal 
_pdbx_audit_revision_category.data_content_type 
_pdbx_audit_revision_category.category 
1 4 'Structure model' database_2                    
2 4 'Structure model' struct_ref_seq_dif            
3 5 'Structure model' chem_comp_atom                
4 5 'Structure model' chem_comp_bond                
5 5 'Structure model' pdbx_initial_refinement_model 
# 
loop_
_pdbx_audit_revision_item.ordinal 
_pdbx_audit_revision_item.revision_ordinal 
_pdbx_audit_revision_item.data_content_type 
_pdbx_audit_revision_item.item 
1 4 'Structure model' '_database_2.pdbx_DOI'                
2 4 'Structure model' '_database_2.pdbx_database_accession' 
3 4 'Structure model' '_struct_ref_seq_dif.details'         
# 
loop_
_software.name 
_software.classification 
_software.version 
_software.citation_id 
_software.pdbx_ordinal 
DENZO     'data reduction' . ? 1 
SCALEPACK 'data scaling'   . ? 2 
CNS       refinement       . ? 3 
CNS       phasing          . ? 4 
# 
loop_
_pdbx_validate_torsion.id 
_pdbx_validate_torsion.PDB_model_num 
_pdbx_validate_torsion.auth_comp_id 
_pdbx_validate_torsion.auth_asym_id 
_pdbx_validate_torsion.auth_seq_id 
_pdbx_validate_torsion.PDB_ins_code 
_pdbx_validate_torsion.label_alt_id 
_pdbx_validate_torsion.phi 
_pdbx_validate_torsion.psi 
1 1 LYS A 2   ? ? -69.37  98.37   
2 1 ASP A 4   ? ? -129.88 -61.60  
3 1 PHE A 53  ? ? -120.58 -71.38  
4 1 THR A 93  ? ? -98.39  -155.88 
5 1 ASP A 97  ? ? -102.38 44.06   
6 1 THR A 100 ? ? -125.68 -94.52  
7 1 ASN A 110 ? ? -114.78 68.40   
8 1 ASP A 145 ? ? -166.90 67.36   
9 1 VAL A 146 ? ? -145.50 -80.30  
# 
loop_
_chem_comp_atom.comp_id 
_chem_comp_atom.atom_id 
_chem_comp_atom.type_symbol 
_chem_comp_atom.pdbx_aromatic_flag 
_chem_comp_atom.pdbx_stereo_config 
_chem_comp_atom.pdbx_ordinal 
ALA N    N N N 1   
ALA CA   C N S 2   
ALA C    C N N 3   
ALA O    O N N 4   
ALA CB   C N N 5   
ALA OXT  O N N 6   
ALA H    H N N 7   
ALA H2   H N N 8   
ALA HA   H N N 9   
ALA HB1  H N N 10  
ALA HB2  H N N 11  
ALA HB3  H N N 12  
ALA HXT  H N N 13  
ARG N    N N N 14  
ARG CA   C N S 15  
ARG C    C N N 16  
ARG O    O N N 17  
ARG CB   C N N 18  
ARG CG   C N N 19  
ARG CD   C N N 20  
ARG NE   N N N 21  
ARG CZ   C N N 22  
ARG NH1  N N N 23  
ARG NH2  N N N 24  
ARG OXT  O N N 25  
ARG H    H N N 26  
ARG H2   H N N 27  
ARG HA   H N N 28  
ARG HB2  H N N 29  
ARG HB3  H N N 30  
ARG HG2  H N N 31  
ARG HG3  H N N 32  
ARG HD2  H N N 33  
ARG HD3  H N N 34  
ARG HE   H N N 35  
ARG HH11 H N N 36  
ARG HH12 H N N 37  
ARG HH21 H N N 38  
ARG HH22 H N N 39  
ARG HXT  H N N 40  
ASN N    N N N 41  
ASN CA   C N S 42  
ASN C    C N N 43  
ASN O    O N N 44  
ASN CB   C N N 45  
ASN CG   C N N 46  
ASN OD1  O N N 47  
ASN ND2  N N N 48  
ASN OXT  O N N 49  
ASN H    H N N 50  
ASN H2   H N N 51  
ASN HA   H N N 52  
ASN HB2  H N N 53  
ASN HB3  H N N 54  
ASN HD21 H N N 55  
ASN HD22 H N N 56  
ASN HXT  H N N 57  
ASP N    N N N 58  
ASP CA   C N S 59  
ASP C    C N N 60  
ASP O    O N N 61  
ASP CB   C N N 62  
ASP CG   C N N 63  
ASP OD1  O N N 64  
ASP OD2  O N N 65  
ASP OXT  O N N 66  
ASP H    H N N 67  
ASP H2   H N N 68  
ASP HA   H N N 69  
ASP HB2  H N N 70  
ASP HB3  H N N 71  
ASP HD2  H N N 72  
ASP HXT  H N N 73  
GLN N    N N N 74  
GLN CA   C N S 75  
GLN C    C N N 76  
GLN O    O N N 77  
GLN CB   C N N 78  
GLN CG   C N N 79  
GLN CD   C N N 80  
GLN OE1  O N N 81  
GLN NE2  N N N 82  
GLN OXT  O N N 83  
GLN H    H N N 84  
GLN H2   H N N 85  
GLN HA   H N N 86  
GLN HB2  H N N 87  
GLN HB3  H N N 88  
GLN HG2  H N N 89  
GLN HG3  H N N 90  
GLN HE21 H N N 91  
GLN HE22 H N N 92  
GLN HXT  H N N 93  
GLU N    N N N 94  
GLU CA   C N S 95  
GLU C    C N N 96  
GLU O    O N N 97  
GLU CB   C N N 98  
GLU CG   C N N 99  
GLU CD   C N N 100 
GLU OE1  O N N 101 
GLU OE2  O N N 102 
GLU OXT  O N N 103 
GLU H    H N N 104 
GLU H2   H N N 105 
GLU HA   H N N 106 
GLU HB2  H N N 107 
GLU HB3  H N N 108 
GLU HG2  H N N 109 
GLU HG3  H N N 110 
GLU HE2  H N N 111 
GLU HXT  H N N 112 
GLY N    N N N 113 
GLY CA   C N N 114 
GLY C    C N N 115 
GLY O    O N N 116 
GLY OXT  O N N 117 
GLY H    H N N 118 
GLY H2   H N N 119 
GLY HA2  H N N 120 
GLY HA3  H N N 121 
GLY HXT  H N N 122 
HIS N    N N N 123 
HIS CA   C N S 124 
HIS C    C N N 125 
HIS O    O N N 126 
HIS CB   C N N 127 
HIS CG   C Y N 128 
HIS ND1  N Y N 129 
HIS CD2  C Y N 130 
HIS CE1  C Y N 131 
HIS NE2  N Y N 132 
HIS OXT  O N N 133 
HIS H    H N N 134 
HIS H2   H N N 135 
HIS HA   H N N 136 
HIS HB2  H N N 137 
HIS HB3  H N N 138 
HIS HD1  H N N 139 
HIS HD2  H N N 140 
HIS HE1  H N N 141 
HIS HE2  H N N 142 
HIS HXT  H N N 143 
HOH O    O N N 144 
HOH H1   H N N 145 
HOH H2   H N N 146 
ILE N    N N N 147 
ILE CA   C N S 148 
ILE C    C N N 149 
ILE O    O N N 150 
ILE CB   C N S 151 
ILE CG1  C N N 152 
ILE CG2  C N N 153 
ILE CD1  C N N 154 
ILE OXT  O N N 155 
ILE H    H N N 156 
ILE H2   H N N 157 
ILE HA   H N N 158 
ILE HB   H N N 159 
ILE HG12 H N N 160 
ILE HG13 H N N 161 
ILE HG21 H N N 162 
ILE HG22 H N N 163 
ILE HG23 H N N 164 
ILE HD11 H N N 165 
ILE HD12 H N N 166 
ILE HD13 H N N 167 
ILE HXT  H N N 168 
LEU N    N N N 169 
LEU CA   C N S 170 
LEU C    C N N 171 
LEU O    O N N 172 
LEU CB   C N N 173 
LEU CG   C N N 174 
LEU CD1  C N N 175 
LEU CD2  C N N 176 
LEU OXT  O N N 177 
LEU H    H N N 178 
LEU H2   H N N 179 
LEU HA   H N N 180 
LEU HB2  H N N 181 
LEU HB3  H N N 182 
LEU HG   H N N 183 
LEU HD11 H N N 184 
LEU HD12 H N N 185 
LEU HD13 H N N 186 
LEU HD21 H N N 187 
LEU HD22 H N N 188 
LEU HD23 H N N 189 
LEU HXT  H N N 190 
LYS N    N N N 191 
LYS CA   C N S 192 
LYS C    C N N 193 
LYS O    O N N 194 
LYS CB   C N N 195 
LYS CG   C N N 196 
LYS CD   C N N 197 
LYS CE   C N N 198 
LYS NZ   N N N 199 
LYS OXT  O N N 200 
LYS H    H N N 201 
LYS H2   H N N 202 
LYS HA   H N N 203 
LYS HB2  H N N 204 
LYS HB3  H N N 205 
LYS HG2  H N N 206 
LYS HG3  H N N 207 
LYS HD2  H N N 208 
LYS HD3  H N N 209 
LYS HE2  H N N 210 
LYS HE3  H N N 211 
LYS HZ1  H N N 212 
LYS HZ2  H N N 213 
LYS HZ3  H N N 214 
LYS HXT  H N N 215 
MET N    N N N 216 
MET CA   C N S 217 
MET C    C N N 218 
MET O    O N N 219 
MET CB   C N N 220 
MET CG   C N N 221 
MET SD   S N N 222 
MET CE   C N N 223 
MET OXT  O N N 224 
MET H    H N N 225 
MET H2   H N N 226 
MET HA   H N N 227 
MET HB2  H N N 228 
MET HB3  H N N 229 
MET HG2  H N N 230 
MET HG3  H N N 231 
MET HE1  H N N 232 
MET HE2  H N N 233 
MET HE3  H N N 234 
MET HXT  H N N 235 
PHE N    N N N 236 
PHE CA   C N S 237 
PHE C    C N N 238 
PHE O    O N N 239 
PHE CB   C N N 240 
PHE CG   C Y N 241 
PHE CD1  C Y N 242 
PHE CD2  C Y N 243 
PHE CE1  C Y N 244 
PHE CE2  C Y N 245 
PHE CZ   C Y N 246 
PHE OXT  O N N 247 
PHE H    H N N 248 
PHE H2   H N N 249 
PHE HA   H N N 250 
PHE HB2  H N N 251 
PHE HB3  H N N 252 
PHE HD1  H N N 253 
PHE HD2  H N N 254 
PHE HE1  H N N 255 
PHE HE2  H N N 256 
PHE HZ   H N N 257 
PHE HXT  H N N 258 
PRO N    N N N 259 
PRO CA   C N S 260 
PRO C    C N N 261 
PRO O    O N N 262 
PRO CB   C N N 263 
PRO CG   C N N 264 
PRO CD   C N N 265 
PRO OXT  O N N 266 
PRO H    H N N 267 
PRO HA   H N N 268 
PRO HB2  H N N 269 
PRO HB3  H N N 270 
PRO HG2  H N N 271 
PRO HG3  H N N 272 
PRO HD2  H N N 273 
PRO HD3  H N N 274 
PRO HXT  H N N 275 
SER N    N N N 276 
SER CA   C N S 277 
SER C    C N N 278 
SER O    O N N 279 
SER CB   C N N 280 
SER OG   O N N 281 
SER OXT  O N N 282 
SER H    H N N 283 
SER H2   H N N 284 
SER HA   H N N 285 
SER HB2  H N N 286 
SER HB3  H N N 287 
SER HG   H N N 288 
SER HXT  H N N 289 
THR N    N N N 290 
THR CA   C N S 291 
THR C    C N N 292 
THR O    O N N 293 
THR CB   C N R 294 
THR OG1  O N N 295 
THR CG2  C N N 296 
THR OXT  O N N 297 
THR H    H N N 298 
THR H2   H N N 299 
THR HA   H N N 300 
THR HB   H N N 301 
THR HG1  H N N 302 
THR HG21 H N N 303 
THR HG22 H N N 304 
THR HG23 H N N 305 
THR HXT  H N N 306 
TYR N    N N N 307 
TYR CA   C N S 308 
TYR C    C N N 309 
TYR O    O N N 310 
TYR CB   C N N 311 
TYR CG   C Y N 312 
TYR CD1  C Y N 313 
TYR CD2  C Y N 314 
TYR CE1  C Y N 315 
TYR CE2  C Y N 316 
TYR CZ   C Y N 317 
TYR OH   O N N 318 
TYR OXT  O N N 319 
TYR H    H N N 320 
TYR H2   H N N 321 
TYR HA   H N N 322 
TYR HB2  H N N 323 
TYR HB3  H N N 324 
TYR HD1  H N N 325 
TYR HD2  H N N 326 
TYR HE1  H N N 327 
TYR HE2  H N N 328 
TYR HH   H N N 329 
TYR HXT  H N N 330 
VAL N    N N N 331 
VAL CA   C N S 332 
VAL C    C N N 333 
VAL O    O N N 334 
VAL CB   C N N 335 
VAL CG1  C N N 336 
VAL CG2  C N N 337 
VAL OXT  O N N 338 
VAL H    H N N 339 
VAL H2   H N N 340 
VAL HA   H N N 341 
VAL HB   H N N 342 
VAL HG11 H N N 343 
VAL HG12 H N N 344 
VAL HG13 H N N 345 
VAL HG21 H N N 346 
VAL HG22 H N N 347 
VAL HG23 H N N 348 
VAL HXT  H N N 349 
# 
loop_
_chem_comp_bond.comp_id 
_chem_comp_bond.atom_id_1 
_chem_comp_bond.atom_id_2 
_chem_comp_bond.value_order 
_chem_comp_bond.pdbx_aromatic_flag 
_chem_comp_bond.pdbx_stereo_config 
_chem_comp_bond.pdbx_ordinal 
ALA N   CA   sing N N 1   
ALA N   H    sing N N 2   
ALA N   H2   sing N N 3   
ALA CA  C    sing N N 4   
ALA CA  CB   sing N N 5   
ALA CA  HA   sing N N 6   
ALA C   O    doub N N 7   
ALA C   OXT  sing N N 8   
ALA CB  HB1  sing N N 9   
ALA CB  HB2  sing N N 10  
ALA CB  HB3  sing N N 11  
ALA OXT HXT  sing N N 12  
ARG N   CA   sing N N 13  
ARG N   H    sing N N 14  
ARG N   H2   sing N N 15  
ARG CA  C    sing N N 16  
ARG CA  CB   sing N N 17  
ARG CA  HA   sing N N 18  
ARG C   O    doub N N 19  
ARG C   OXT  sing N N 20  
ARG CB  CG   sing N N 21  
ARG CB  HB2  sing N N 22  
ARG CB  HB3  sing N N 23  
ARG CG  CD   sing N N 24  
ARG CG  HG2  sing N N 25  
ARG CG  HG3  sing N N 26  
ARG CD  NE   sing N N 27  
ARG CD  HD2  sing N N 28  
ARG CD  HD3  sing N N 29  
ARG NE  CZ   sing N N 30  
ARG NE  HE   sing N N 31  
ARG CZ  NH1  sing N N 32  
ARG CZ  NH2  doub N N 33  
ARG NH1 HH11 sing N N 34  
ARG NH1 HH12 sing N N 35  
ARG NH2 HH21 sing N N 36  
ARG NH2 HH22 sing N N 37  
ARG OXT HXT  sing N N 38  
ASN N   CA   sing N N 39  
ASN N   H    sing N N 40  
ASN N   H2   sing N N 41  
ASN CA  C    sing N N 42  
ASN CA  CB   sing N N 43  
ASN CA  HA   sing N N 44  
ASN C   O    doub N N 45  
ASN C   OXT  sing N N 46  
ASN CB  CG   sing N N 47  
ASN CB  HB2  sing N N 48  
ASN CB  HB3  sing N N 49  
ASN CG  OD1  doub N N 50  
ASN CG  ND2  sing N N 51  
ASN ND2 HD21 sing N N 52  
ASN ND2 HD22 sing N N 53  
ASN OXT HXT  sing N N 54  
ASP N   CA   sing N N 55  
ASP N   H    sing N N 56  
ASP N   H2   sing N N 57  
ASP CA  C    sing N N 58  
ASP CA  CB   sing N N 59  
ASP CA  HA   sing N N 60  
ASP C   O    doub N N 61  
ASP C   OXT  sing N N 62  
ASP CB  CG   sing N N 63  
ASP CB  HB2  sing N N 64  
ASP CB  HB3  sing N N 65  
ASP CG  OD1  doub N N 66  
ASP CG  OD2  sing N N 67  
ASP OD2 HD2  sing N N 68  
ASP OXT HXT  sing N N 69  
GLN N   CA   sing N N 70  
GLN N   H    sing N N 71  
GLN N   H2   sing N N 72  
GLN CA  C    sing N N 73  
GLN CA  CB   sing N N 74  
GLN CA  HA   sing N N 75  
GLN C   O    doub N N 76  
GLN C   OXT  sing N N 77  
GLN CB  CG   sing N N 78  
GLN CB  HB2  sing N N 79  
GLN CB  HB3  sing N N 80  
GLN CG  CD   sing N N 81  
GLN CG  HG2  sing N N 82  
GLN CG  HG3  sing N N 83  
GLN CD  OE1  doub N N 84  
GLN CD  NE2  sing N N 85  
GLN NE2 HE21 sing N N 86  
GLN NE2 HE22 sing N N 87  
GLN OXT HXT  sing N N 88  
GLU N   CA   sing N N 89  
GLU N   H    sing N N 90  
GLU N   H2   sing N N 91  
GLU CA  C    sing N N 92  
GLU CA  CB   sing N N 93  
GLU CA  HA   sing N N 94  
GLU C   O    doub N N 95  
GLU C   OXT  sing N N 96  
GLU CB  CG   sing N N 97  
GLU CB  HB2  sing N N 98  
GLU CB  HB3  sing N N 99  
GLU CG  CD   sing N N 100 
GLU CG  HG2  sing N N 101 
GLU CG  HG3  sing N N 102 
GLU CD  OE1  doub N N 103 
GLU CD  OE2  sing N N 104 
GLU OE2 HE2  sing N N 105 
GLU OXT HXT  sing N N 106 
GLY N   CA   sing N N 107 
GLY N   H    sing N N 108 
GLY N   H2   sing N N 109 
GLY CA  C    sing N N 110 
GLY CA  HA2  sing N N 111 
GLY CA  HA3  sing N N 112 
GLY C   O    doub N N 113 
GLY C   OXT  sing N N 114 
GLY OXT HXT  sing N N 115 
HIS N   CA   sing N N 116 
HIS N   H    sing N N 117 
HIS N   H2   sing N N 118 
HIS CA  C    sing N N 119 
HIS CA  CB   sing N N 120 
HIS CA  HA   sing N N 121 
HIS C   O    doub N N 122 
HIS C   OXT  sing N N 123 
HIS CB  CG   sing N N 124 
HIS CB  HB2  sing N N 125 
HIS CB  HB3  sing N N 126 
HIS CG  ND1  sing Y N 127 
HIS CG  CD2  doub Y N 128 
HIS ND1 CE1  doub Y N 129 
HIS ND1 HD1  sing N N 130 
HIS CD2 NE2  sing Y N 131 
HIS CD2 HD2  sing N N 132 
HIS CE1 NE2  sing Y N 133 
HIS CE1 HE1  sing N N 134 
HIS NE2 HE2  sing N N 135 
HIS OXT HXT  sing N N 136 
HOH O   H1   sing N N 137 
HOH O   H2   sing N N 138 
ILE N   CA   sing N N 139 
ILE N   H    sing N N 140 
ILE N   H2   sing N N 141 
ILE CA  C    sing N N 142 
ILE CA  CB   sing N N 143 
ILE CA  HA   sing N N 144 
ILE C   O    doub N N 145 
ILE C   OXT  sing N N 146 
ILE CB  CG1  sing N N 147 
ILE CB  CG2  sing N N 148 
ILE CB  HB   sing N N 149 
ILE CG1 CD1  sing N N 150 
ILE CG1 HG12 sing N N 151 
ILE CG1 HG13 sing N N 152 
ILE CG2 HG21 sing N N 153 
ILE CG2 HG22 sing N N 154 
ILE CG2 HG23 sing N N 155 
ILE CD1 HD11 sing N N 156 
ILE CD1 HD12 sing N N 157 
ILE CD1 HD13 sing N N 158 
ILE OXT HXT  sing N N 159 
LEU N   CA   sing N N 160 
LEU N   H    sing N N 161 
LEU N   H2   sing N N 162 
LEU CA  C    sing N N 163 
LEU CA  CB   sing N N 164 
LEU CA  HA   sing N N 165 
LEU C   O    doub N N 166 
LEU C   OXT  sing N N 167 
LEU CB  CG   sing N N 168 
LEU CB  HB2  sing N N 169 
LEU CB  HB3  sing N N 170 
LEU CG  CD1  sing N N 171 
LEU CG  CD2  sing N N 172 
LEU CG  HG   sing N N 173 
LEU CD1 HD11 sing N N 174 
LEU CD1 HD12 sing N N 175 
LEU CD1 HD13 sing N N 176 
LEU CD2 HD21 sing N N 177 
LEU CD2 HD22 sing N N 178 
LEU CD2 HD23 sing N N 179 
LEU OXT HXT  sing N N 180 
LYS N   CA   sing N N 181 
LYS N   H    sing N N 182 
LYS N   H2   sing N N 183 
LYS CA  C    sing N N 184 
LYS CA  CB   sing N N 185 
LYS CA  HA   sing N N 186 
LYS C   O    doub N N 187 
LYS C   OXT  sing N N 188 
LYS CB  CG   sing N N 189 
LYS CB  HB2  sing N N 190 
LYS CB  HB3  sing N N 191 
LYS CG  CD   sing N N 192 
LYS CG  HG2  sing N N 193 
LYS CG  HG3  sing N N 194 
LYS CD  CE   sing N N 195 
LYS CD  HD2  sing N N 196 
LYS CD  HD3  sing N N 197 
LYS CE  NZ   sing N N 198 
LYS CE  HE2  sing N N 199 
LYS CE  HE3  sing N N 200 
LYS NZ  HZ1  sing N N 201 
LYS NZ  HZ2  sing N N 202 
LYS NZ  HZ3  sing N N 203 
LYS OXT HXT  sing N N 204 
MET N   CA   sing N N 205 
MET N   H    sing N N 206 
MET N   H2   sing N N 207 
MET CA  C    sing N N 208 
MET CA  CB   sing N N 209 
MET CA  HA   sing N N 210 
MET C   O    doub N N 211 
MET C   OXT  sing N N 212 
MET CB  CG   sing N N 213 
MET CB  HB2  sing N N 214 
MET CB  HB3  sing N N 215 
MET CG  SD   sing N N 216 
MET CG  HG2  sing N N 217 
MET CG  HG3  sing N N 218 
MET SD  CE   sing N N 219 
MET CE  HE1  sing N N 220 
MET CE  HE2  sing N N 221 
MET CE  HE3  sing N N 222 
MET OXT HXT  sing N N 223 
PHE N   CA   sing N N 224 
PHE N   H    sing N N 225 
PHE N   H2   sing N N 226 
PHE CA  C    sing N N 227 
PHE CA  CB   sing N N 228 
PHE CA  HA   sing N N 229 
PHE C   O    doub N N 230 
PHE C   OXT  sing N N 231 
PHE CB  CG   sing N N 232 
PHE CB  HB2  sing N N 233 
PHE CB  HB3  sing N N 234 
PHE CG  CD1  doub Y N 235 
PHE CG  CD2  sing Y N 236 
PHE CD1 CE1  sing Y N 237 
PHE CD1 HD1  sing N N 238 
PHE CD2 CE2  doub Y N 239 
PHE CD2 HD2  sing N N 240 
PHE CE1 CZ   doub Y N 241 
PHE CE1 HE1  sing N N 242 
PHE CE2 CZ   sing Y N 243 
PHE CE2 HE2  sing N N 244 
PHE CZ  HZ   sing N N 245 
PHE OXT HXT  sing N N 246 
PRO N   CA   sing N N 247 
PRO N   CD   sing N N 248 
PRO N   H    sing N N 249 
PRO CA  C    sing N N 250 
PRO CA  CB   sing N N 251 
PRO CA  HA   sing N N 252 
PRO C   O    doub N N 253 
PRO C   OXT  sing N N 254 
PRO CB  CG   sing N N 255 
PRO CB  HB2  sing N N 256 
PRO CB  HB3  sing N N 257 
PRO CG  CD   sing N N 258 
PRO CG  HG2  sing N N 259 
PRO CG  HG3  sing N N 260 
PRO CD  HD2  sing N N 261 
PRO CD  HD3  sing N N 262 
PRO OXT HXT  sing N N 263 
SER N   CA   sing N N 264 
SER N   H    sing N N 265 
SER N   H2   sing N N 266 
SER CA  C    sing N N 267 
SER CA  CB   sing N N 268 
SER CA  HA   sing N N 269 
SER C   O    doub N N 270 
SER C   OXT  sing N N 271 
SER CB  OG   sing N N 272 
SER CB  HB2  sing N N 273 
SER CB  HB3  sing N N 274 
SER OG  HG   sing N N 275 
SER OXT HXT  sing N N 276 
THR N   CA   sing N N 277 
THR N   H    sing N N 278 
THR N   H2   sing N N 279 
THR CA  C    sing N N 280 
THR CA  CB   sing N N 281 
THR CA  HA   sing N N 282 
THR C   O    doub N N 283 
THR C   OXT  sing N N 284 
THR CB  OG1  sing N N 285 
THR CB  CG2  sing N N 286 
THR CB  HB   sing N N 287 
THR OG1 HG1  sing N N 288 
THR CG2 HG21 sing N N 289 
THR CG2 HG22 sing N N 290 
THR CG2 HG23 sing N N 291 
THR OXT HXT  sing N N 292 
TYR N   CA   sing N N 293 
TYR N   H    sing N N 294 
TYR N   H2   sing N N 295 
TYR CA  C    sing N N 296 
TYR CA  CB   sing N N 297 
TYR CA  HA   sing N N 298 
TYR C   O    doub N N 299 
TYR C   OXT  sing N N 300 
TYR CB  CG   sing N N 301 
TYR CB  HB2  sing N N 302 
TYR CB  HB3  sing N N 303 
TYR CG  CD1  doub Y N 304 
TYR CG  CD2  sing Y N 305 
TYR CD1 CE1  sing Y N 306 
TYR CD1 HD1  sing N N 307 
TYR CD2 CE2  doub Y N 308 
TYR CD2 HD2  sing N N 309 
TYR CE1 CZ   doub Y N 310 
TYR CE1 HE1  sing N N 311 
TYR CE2 CZ   sing Y N 312 
TYR CE2 HE2  sing N N 313 
TYR CZ  OH   sing N N 314 
TYR OH  HH   sing N N 315 
TYR OXT HXT  sing N N 316 
VAL N   CA   sing N N 317 
VAL N   H    sing N N 318 
VAL N   H2   sing N N 319 
VAL CA  C    sing N N 320 
VAL CA  CB   sing N N 321 
VAL CA  HA   sing N N 322 
VAL C   O    doub N N 323 
VAL C   OXT  sing N N 324 
VAL CB  CG1  sing N N 325 
VAL CB  CG2  sing N N 326 
VAL CB  HB   sing N N 327 
VAL CG1 HG11 sing N N 328 
VAL CG1 HG12 sing N N 329 
VAL CG1 HG13 sing N N 330 
VAL CG2 HG21 sing N N 331 
VAL CG2 HG22 sing N N 332 
VAL CG2 HG23 sing N N 333 
VAL OXT HXT  sing N N 334 
# 
_pdbx_entity_nonpoly.entity_id   2 
_pdbx_entity_nonpoly.name        water 
_pdbx_entity_nonpoly.comp_id     HOH 
# 
_pdbx_initial_refinement_model.id               1 
_pdbx_initial_refinement_model.entity_id_list   ? 
_pdbx_initial_refinement_model.type             'experimental model' 
_pdbx_initial_refinement_model.source_name      PDB 
_pdbx_initial_refinement_model.accession_code   1J28 
_pdbx_initial_refinement_model.details          'PDB ENTRY 1J28' 
# 
